data_2D7N
#
_entry.id   2D7N
#
_entity_poly.entity_id   1
_entity_poly.type   'polypeptide(L)'
_entity_poly.pdbx_seq_one_letter_code
;GSSGSSGLRPFNLVIPFAVQKGELTGEVRMPSGKTARPNITDNKDGTITVRYAPTEKGLHQMGIKYDGNHIPGSPLQFYV
DAINSRHSGPSSG
;
_entity_poly.pdbx_strand_id   A
#
# COMPACT_ATOMS: atom_id res chain seq x y z
N GLY A 1 -12.63 -4.50 19.41
CA GLY A 1 -11.41 -4.40 20.19
C GLY A 1 -11.25 -3.05 20.84
N SER A 2 -10.09 -2.43 20.63
CA SER A 2 -9.80 -1.13 21.21
C SER A 2 -10.02 -0.02 20.19
N SER A 3 -10.12 1.22 20.67
CA SER A 3 -10.33 2.37 19.79
C SER A 3 -9.32 3.48 20.10
N GLY A 4 -8.26 3.53 19.31
CA GLY A 4 -7.24 4.55 19.51
C GLY A 4 -5.89 4.14 18.94
N SER A 5 -4.99 3.71 19.81
CA SER A 5 -3.66 3.29 19.39
C SER A 5 -3.71 1.97 18.64
N SER A 6 -3.89 2.05 17.32
CA SER A 6 -3.98 0.86 16.49
C SER A 6 -2.59 0.46 15.98
N GLY A 7 -1.90 1.40 15.35
CA GLY A 7 -0.58 1.13 14.83
C GLY A 7 -0.58 0.04 13.78
N LEU A 8 -0.38 0.43 12.52
CA LEU A 8 -0.37 -0.51 11.42
C LEU A 8 0.79 -0.24 10.47
N ARG A 9 1.66 -1.23 10.30
CA ARG A 9 2.82 -1.09 9.42
C ARG A 9 2.38 -0.69 8.01
N PRO A 10 3.21 0.16 7.37
CA PRO A 10 2.93 0.64 6.01
C PRO A 10 3.08 -0.45 4.96
N PHE A 11 2.59 -0.18 3.76
CA PHE A 11 2.67 -1.14 2.67
C PHE A 11 3.67 -0.69 1.60
N ASN A 12 4.88 -1.22 1.69
CA ASN A 12 5.93 -0.86 0.73
C ASN A 12 6.33 -2.07 -0.10
N LEU A 13 5.99 -2.03 -1.38
CA LEU A 13 6.30 -3.13 -2.30
C LEU A 13 6.67 -2.59 -3.68
N VAL A 14 7.56 -3.30 -4.37
CA VAL A 14 7.99 -2.89 -5.70
C VAL A 14 7.60 -3.93 -6.74
N ILE A 15 6.68 -3.55 -7.62
CA ILE A 15 6.21 -4.45 -8.67
C ILE A 15 7.00 -4.24 -9.97
N PRO A 16 7.43 -5.35 -10.59
CA PRO A 16 8.19 -5.31 -11.83
C PRO A 16 7.34 -4.87 -13.02
N PHE A 17 7.18 -3.56 -13.17
CA PHE A 17 6.39 -3.01 -14.27
C PHE A 17 6.95 -1.66 -14.73
N ALA A 18 7.42 -1.62 -15.98
CA ALA A 18 7.97 -0.40 -16.53
C ALA A 18 6.91 0.67 -16.71
N VAL A 19 7.30 1.93 -16.56
CA VAL A 19 6.37 3.05 -16.70
C VAL A 19 7.09 4.31 -17.14
N GLN A 20 6.83 4.74 -18.38
CA GLN A 20 7.46 5.93 -18.92
C GLN A 20 6.41 6.88 -19.48
N LYS A 21 5.76 6.47 -20.56
CA LYS A 21 4.73 7.29 -21.18
C LYS A 21 3.33 6.80 -20.80
N GLY A 22 3.13 6.58 -19.51
CA GLY A 22 1.84 6.11 -19.04
C GLY A 22 1.58 6.48 -17.59
N GLU A 23 0.31 6.56 -17.21
CA GLU A 23 -0.06 6.90 -15.85
C GLU A 23 -0.49 5.65 -15.07
N LEU A 24 -0.03 5.54 -13.83
CA LEU A 24 -0.36 4.41 -12.99
C LEU A 24 -1.28 4.83 -11.84
N THR A 25 -2.50 4.31 -11.84
CA THR A 25 -3.46 4.63 -10.80
C THR A 25 -3.86 3.39 -10.02
N GLY A 26 -4.32 3.58 -8.78
CA GLY A 26 -4.73 2.47 -7.95
C GLY A 26 -5.74 2.87 -6.90
N GLU A 27 -6.25 1.89 -6.16
CA GLU A 27 -7.23 2.16 -5.11
C GLU A 27 -7.22 1.04 -4.07
N VAL A 28 -7.40 1.41 -2.81
CA VAL A 28 -7.41 0.45 -1.72
C VAL A 28 -8.79 0.39 -1.06
N ARG A 29 -9.16 -0.80 -0.60
CA ARG A 29 -10.45 -1.00 0.05
C ARG A 29 -10.28 -1.58 1.45
N MET A 30 -10.64 -0.80 2.46
CA MET A 30 -10.52 -1.24 3.85
C MET A 30 -11.75 -2.05 4.28
N PRO A 31 -11.55 -2.97 5.22
CA PRO A 31 -12.63 -3.82 5.73
C PRO A 31 -13.64 -3.04 6.57
N SER A 32 -13.31 -1.78 6.88
CA SER A 32 -14.19 -0.93 7.66
C SER A 32 -15.46 -0.59 6.90
N GLY A 33 -15.31 -0.38 5.59
CA GLY A 33 -16.45 -0.05 4.76
C GLY A 33 -16.22 1.17 3.91
N LYS A 34 -14.95 1.48 3.66
CA LYS A 34 -14.59 2.65 2.86
C LYS A 34 -13.45 2.32 1.90
N THR A 35 -12.98 3.32 1.16
CA THR A 35 -11.90 3.13 0.21
C THR A 35 -10.93 4.31 0.24
N ALA A 36 -9.64 4.02 0.09
CA ALA A 36 -8.62 5.06 0.10
C ALA A 36 -7.63 4.87 -1.05
N ARG A 37 -7.31 5.96 -1.73
CA ARG A 37 -6.39 5.92 -2.86
C ARG A 37 -4.95 5.79 -2.38
N PRO A 38 -4.27 4.73 -2.83
CA PRO A 38 -2.87 4.47 -2.46
C PRO A 38 -1.90 5.47 -3.07
N ASN A 39 -0.62 5.13 -3.07
CA ASN A 39 0.40 6.01 -3.63
C ASN A 39 1.41 5.21 -4.45
N ILE A 40 1.79 5.75 -5.60
CA ILE A 40 2.75 5.09 -6.48
C ILE A 40 3.85 6.05 -6.92
N THR A 41 5.10 5.63 -6.76
CA THR A 41 6.24 6.46 -7.13
C THR A 41 6.91 5.91 -8.39
N ASP A 42 6.51 6.44 -9.55
CA ASP A 42 7.07 6.02 -10.82
C ASP A 42 8.57 6.28 -10.86
N ASN A 43 9.35 5.21 -11.00
CA ASN A 43 10.80 5.32 -11.06
C ASN A 43 11.28 5.45 -12.50
N LYS A 44 10.43 5.07 -13.44
CA LYS A 44 10.78 5.15 -14.86
C LYS A 44 12.08 4.41 -15.15
N ASP A 45 12.30 3.31 -14.43
CA ASP A 45 13.50 2.50 -14.62
C ASP A 45 13.14 1.07 -14.98
N GLY A 46 11.88 0.72 -14.80
CA GLY A 46 11.43 -0.63 -15.09
C GLY A 46 10.64 -1.24 -13.97
N THR A 47 10.43 -0.48 -12.90
CA THR A 47 9.69 -0.96 -11.74
C THR A 47 8.85 0.17 -11.14
N ILE A 48 7.95 -0.21 -10.23
CA ILE A 48 7.09 0.77 -9.57
C ILE A 48 7.01 0.50 -8.06
N THR A 49 6.96 1.58 -7.29
CA THR A 49 6.89 1.47 -5.83
C THR A 49 5.49 1.80 -5.32
N VAL A 50 4.92 0.89 -4.54
CA VAL A 50 3.58 1.08 -3.99
C VAL A 50 3.65 1.42 -2.50
N ARG A 51 3.05 2.54 -2.12
CA ARG A 51 3.04 2.97 -0.73
C ARG A 51 1.62 3.26 -0.26
N TYR A 52 1.18 2.53 0.76
CA TYR A 52 -0.16 2.71 1.31
C TYR A 52 -0.13 2.73 2.83
N ALA A 53 -0.94 3.60 3.42
CA ALA A 53 -1.02 3.71 4.87
C ALA A 53 -2.37 3.25 5.39
N PRO A 54 -2.44 1.98 5.81
CA PRO A 54 -3.67 1.38 6.33
C PRO A 54 -4.05 1.94 7.70
N THR A 55 -5.33 2.22 7.89
CA THR A 55 -5.83 2.77 9.14
C THR A 55 -6.37 1.67 10.04
N GLU A 56 -6.84 0.58 9.42
CA GLU A 56 -7.40 -0.54 10.17
C GLU A 56 -6.71 -1.85 9.78
N LYS A 57 -6.77 -2.83 10.67
CA LYS A 57 -6.15 -4.13 10.42
C LYS A 57 -7.12 -5.07 9.73
N GLY A 58 -6.60 -5.87 8.80
CA GLY A 58 -7.44 -6.81 8.08
C GLY A 58 -7.03 -6.95 6.62
N LEU A 59 -7.82 -7.68 5.86
CA LEU A 59 -7.53 -7.89 4.44
C LEU A 59 -8.01 -6.71 3.60
N HIS A 60 -7.09 -6.12 2.86
CA HIS A 60 -7.40 -4.97 2.02
C HIS A 60 -7.27 -5.34 0.54
N GLN A 61 -8.06 -4.68 -0.30
CA GLN A 61 -8.03 -4.94 -1.74
C GLN A 61 -7.38 -3.78 -2.49
N MET A 62 -6.24 -4.05 -3.12
CA MET A 62 -5.52 -3.03 -3.87
C MET A 62 -5.59 -3.32 -5.36
N GLY A 63 -6.23 -2.41 -6.11
CA GLY A 63 -6.35 -2.59 -7.54
C GLY A 63 -5.67 -1.48 -8.32
N ILE A 64 -4.56 -1.82 -8.97
CA ILE A 64 -3.81 -0.84 -9.76
C ILE A 64 -4.22 -0.88 -11.23
N LYS A 65 -3.84 0.15 -11.97
CA LYS A 65 -4.16 0.23 -13.39
C LYS A 65 -3.07 0.98 -14.15
N TYR A 66 -3.04 0.79 -15.46
CA TYR A 66 -2.05 1.44 -16.31
C TYR A 66 -2.68 1.96 -17.60
N ASP A 67 -2.88 3.27 -17.68
CA ASP A 67 -3.47 3.88 -18.86
C ASP A 67 -4.76 3.17 -19.25
N GLY A 68 -5.40 2.53 -18.28
CA GLY A 68 -6.63 1.81 -18.55
C GLY A 68 -6.40 0.33 -18.79
N ASN A 69 -5.53 -0.28 -17.99
CA ASN A 69 -5.23 -1.69 -18.13
C ASN A 69 -4.70 -2.27 -16.82
N HIS A 70 -5.31 -3.34 -16.36
CA HIS A 70 -4.91 -3.99 -15.11
C HIS A 70 -3.45 -4.44 -15.19
N ILE A 71 -2.57 -3.69 -14.54
CA ILE A 71 -1.14 -4.01 -14.53
C ILE A 71 -0.92 -5.49 -14.24
N PRO A 72 0.21 -6.02 -14.73
CA PRO A 72 0.57 -7.42 -14.53
C PRO A 72 0.95 -7.73 -13.08
N GLY A 73 -0.06 -7.94 -12.25
CA GLY A 73 0.18 -8.25 -10.84
C GLY A 73 -0.93 -7.75 -9.94
N SER A 74 -1.85 -6.98 -10.51
CA SER A 74 -2.97 -6.43 -9.76
C SER A 74 -4.29 -7.01 -10.23
N PRO A 75 -5.29 -7.00 -9.34
CA PRO A 75 -5.14 -6.48 -7.98
C PRO A 75 -4.24 -7.36 -7.12
N LEU A 76 -4.08 -6.96 -5.86
CA LEU A 76 -3.25 -7.72 -4.92
C LEU A 76 -3.81 -7.66 -3.51
N GLN A 77 -3.70 -8.76 -2.79
CA GLN A 77 -4.21 -8.84 -1.42
C GLN A 77 -3.08 -8.67 -0.41
N PHE A 78 -3.31 -7.85 0.61
CA PHE A 78 -2.31 -7.60 1.64
C PHE A 78 -2.97 -7.42 3.01
N TYR A 79 -2.61 -8.28 3.95
CA TYR A 79 -3.17 -8.21 5.30
C TYR A 79 -2.42 -7.19 6.14
N VAL A 80 -3.15 -6.53 7.04
CA VAL A 80 -2.56 -5.52 7.92
C VAL A 80 -2.67 -5.94 9.38
N ASP A 81 -1.54 -5.96 10.08
CA ASP A 81 -1.51 -6.34 11.49
C ASP A 81 -0.81 -5.27 12.32
N ALA A 82 -1.05 -5.30 13.63
CA ALA A 82 -0.45 -4.33 14.53
C ALA A 82 1.06 -4.28 14.35
N ILE A 83 1.62 -3.08 14.44
CA ILE A 83 3.06 -2.89 14.29
C ILE A 83 3.83 -3.57 15.42
N ASN A 84 4.83 -4.37 15.05
CA ASN A 84 5.64 -5.09 16.03
C ASN A 84 6.43 -4.11 16.89
N SER A 85 6.84 -4.57 18.07
CA SER A 85 7.60 -3.73 18.99
C SER A 85 9.09 -3.79 18.67
N ARG A 86 9.66 -4.99 18.76
CA ARG A 86 11.07 -5.18 18.48
C ARG A 86 11.27 -6.05 17.24
N HIS A 87 12.51 -6.12 16.76
CA HIS A 87 12.84 -6.92 15.58
C HIS A 87 14.33 -6.94 15.33
N SER A 88 14.89 -8.13 15.13
CA SER A 88 16.31 -8.27 14.87
C SER A 88 16.64 -7.95 13.42
N GLY A 89 17.83 -7.38 13.21
CA GLY A 89 18.25 -7.02 11.86
C GLY A 89 19.08 -5.75 11.83
N PRO A 90 20.38 -5.88 12.10
CA PRO A 90 21.31 -4.74 12.10
C PRO A 90 21.54 -4.18 10.70
N SER A 91 22.05 -2.95 10.65
CA SER A 91 22.33 -2.31 9.37
C SER A 91 23.82 -2.24 9.09
N SER A 92 24.19 -2.26 7.82
CA SER A 92 25.59 -2.21 7.43
C SER A 92 25.83 -1.12 6.38
N GLY A 93 27.09 -0.80 6.15
CA GLY A 93 27.43 0.23 5.18
C GLY A 93 27.57 -0.33 3.78
N GLY A 1 -12.83 15.57 19.17
CA GLY A 1 -12.24 15.41 20.48
C GLY A 1 -10.75 15.15 20.42
N SER A 2 -10.32 14.02 20.98
CA SER A 2 -8.91 13.65 20.99
C SER A 2 -8.57 12.78 19.79
N SER A 3 -7.29 12.47 19.62
CA SER A 3 -6.83 11.64 18.51
C SER A 3 -6.96 10.17 18.85
N GLY A 4 -6.88 9.33 17.83
CA GLY A 4 -6.99 7.89 18.03
C GLY A 4 -5.65 7.25 18.35
N SER A 5 -5.69 5.96 18.67
CA SER A 5 -4.47 5.22 19.00
C SER A 5 -4.39 3.92 18.22
N SER A 6 -3.80 4.00 17.03
CA SER A 6 -3.66 2.82 16.18
C SER A 6 -2.24 2.73 15.60
N GLY A 7 -1.77 1.50 15.39
CA GLY A 7 -0.44 1.31 14.85
C GLY A 7 -0.39 0.17 13.85
N LEU A 8 -0.32 0.52 12.56
CA LEU A 8 -0.27 -0.49 11.51
C LEU A 8 0.91 -0.23 10.57
N ARG A 9 1.66 -1.28 10.28
CA ARG A 9 2.81 -1.16 9.39
C ARG A 9 2.39 -0.67 8.01
N PRO A 10 3.24 0.17 7.40
CA PRO A 10 2.98 0.73 6.06
C PRO A 10 3.07 -0.32 4.96
N PHE A 11 2.57 0.03 3.78
CA PHE A 11 2.61 -0.89 2.64
C PHE A 11 3.66 -0.46 1.62
N ASN A 12 4.83 -1.09 1.70
CA ASN A 12 5.92 -0.77 0.79
C ASN A 12 6.31 -1.99 -0.04
N LEU A 13 5.99 -1.95 -1.33
CA LEU A 13 6.30 -3.05 -2.22
C LEU A 13 6.70 -2.52 -3.61
N VAL A 14 7.49 -3.31 -4.32
CA VAL A 14 7.94 -2.93 -5.66
C VAL A 14 7.49 -3.95 -6.70
N ILE A 15 6.56 -3.54 -7.56
CA ILE A 15 6.05 -4.42 -8.60
C ILE A 15 6.83 -4.25 -9.90
N PRO A 16 7.23 -5.38 -10.50
CA PRO A 16 7.99 -5.38 -11.76
C PRO A 16 7.16 -4.93 -12.95
N PHE A 17 7.11 -3.62 -13.17
CA PHE A 17 6.34 -3.05 -14.27
C PHE A 17 6.92 -1.71 -14.71
N ALA A 18 7.36 -1.64 -15.96
CA ALA A 18 7.94 -0.42 -16.50
C ALA A 18 6.85 0.59 -16.85
N VAL A 19 7.11 1.86 -16.58
CA VAL A 19 6.15 2.92 -16.86
C VAL A 19 6.67 3.84 -17.96
N GLN A 20 5.91 3.93 -19.05
CA GLN A 20 6.29 4.78 -20.18
C GLN A 20 5.24 5.86 -20.43
N LYS A 21 5.53 7.08 -19.99
CA LYS A 21 4.62 8.19 -20.18
C LYS A 21 3.16 7.73 -20.08
N GLY A 22 2.90 6.81 -19.15
CA GLY A 22 1.56 6.30 -18.98
C GLY A 22 0.95 6.71 -17.64
N GLU A 23 -0.35 6.48 -17.49
CA GLU A 23 -1.04 6.84 -16.26
C GLU A 23 -1.17 5.62 -15.34
N LEU A 24 -0.48 5.69 -14.19
CA LEU A 24 -0.51 4.61 -13.23
C LEU A 24 -1.30 4.99 -11.99
N THR A 25 -2.54 4.51 -11.91
CA THR A 25 -3.40 4.80 -10.77
C THR A 25 -3.77 3.54 -10.01
N GLY A 26 -4.26 3.71 -8.78
CA GLY A 26 -4.64 2.57 -7.97
C GLY A 26 -5.63 2.94 -6.89
N GLU A 27 -6.16 1.93 -6.20
CA GLU A 27 -7.13 2.15 -5.13
C GLU A 27 -6.99 1.10 -4.04
N VAL A 28 -7.48 1.42 -2.85
CA VAL A 28 -7.42 0.50 -1.72
C VAL A 28 -8.77 0.39 -1.02
N ARG A 29 -9.13 -0.84 -0.64
CA ARG A 29 -10.40 -1.07 0.04
C ARG A 29 -10.17 -1.62 1.44
N MET A 30 -10.87 -1.05 2.41
CA MET A 30 -10.73 -1.48 3.80
C MET A 30 -11.97 -2.26 4.24
N PRO A 31 -11.79 -3.17 5.22
CA PRO A 31 -12.87 -3.99 5.75
C PRO A 31 -13.88 -3.18 6.56
N SER A 32 -13.57 -1.90 6.76
CA SER A 32 -14.44 -1.01 7.52
C SER A 32 -15.69 -0.65 6.71
N GLY A 33 -15.50 -0.48 5.41
CA GLY A 33 -16.62 -0.13 4.55
C GLY A 33 -16.35 1.11 3.73
N LYS A 34 -15.09 1.53 3.69
CA LYS A 34 -14.70 2.72 2.94
C LYS A 34 -13.55 2.40 1.98
N THR A 35 -13.09 3.42 1.25
CA THR A 35 -12.01 3.24 0.30
C THR A 35 -11.05 4.43 0.33
N ALA A 36 -9.78 4.17 0.03
CA ALA A 36 -8.77 5.22 0.03
C ALA A 36 -7.83 5.07 -1.16
N ARG A 37 -7.31 6.18 -1.65
CA ARG A 37 -6.40 6.17 -2.79
C ARG A 37 -4.96 6.01 -2.32
N PRO A 38 -4.30 4.93 -2.76
CA PRO A 38 -2.90 4.64 -2.40
C PRO A 38 -1.93 5.62 -3.05
N ASN A 39 -0.65 5.25 -3.06
CA ASN A 39 0.39 6.09 -3.65
C ASN A 39 1.40 5.25 -4.41
N ILE A 40 1.94 5.81 -5.49
CA ILE A 40 2.93 5.11 -6.30
C ILE A 40 4.07 6.03 -6.70
N THR A 41 5.30 5.58 -6.51
CA THR A 41 6.48 6.37 -6.84
C THR A 41 7.11 5.88 -8.14
N ASP A 42 6.74 6.50 -9.25
CA ASP A 42 7.27 6.14 -10.56
C ASP A 42 8.79 6.26 -10.58
N ASN A 43 9.46 5.14 -10.83
CA ASN A 43 10.92 5.12 -10.88
C ASN A 43 11.42 5.22 -12.32
N LYS A 44 10.58 4.80 -13.26
CA LYS A 44 10.94 4.84 -14.68
C LYS A 44 12.23 4.07 -14.94
N ASP A 45 12.50 3.06 -14.11
CA ASP A 45 13.70 2.25 -14.25
C ASP A 45 13.33 0.80 -14.58
N GLY A 46 12.03 0.52 -14.64
CA GLY A 46 11.57 -0.82 -14.93
C GLY A 46 10.74 -1.41 -13.81
N THR A 47 10.54 -0.64 -12.76
CA THR A 47 9.76 -1.10 -11.61
C THR A 47 8.96 0.05 -10.99
N ILE A 48 7.98 -0.30 -10.18
CA ILE A 48 7.14 0.71 -9.52
C ILE A 48 7.02 0.43 -8.03
N THR A 49 7.03 1.51 -7.24
CA THR A 49 6.93 1.38 -5.79
C THR A 49 5.54 1.78 -5.30
N VAL A 50 4.98 0.97 -4.40
CA VAL A 50 3.66 1.23 -3.85
C VAL A 50 3.75 1.65 -2.39
N ARG A 51 3.00 2.70 -2.04
CA ARG A 51 2.98 3.20 -0.67
C ARG A 51 1.55 3.48 -0.21
N TYR A 52 1.15 2.82 0.87
CA TYR A 52 -0.19 2.99 1.41
C TYR A 52 -0.17 2.95 2.94
N ALA A 53 -0.97 3.81 3.57
CA ALA A 53 -1.04 3.87 5.01
C ALA A 53 -2.39 3.35 5.52
N PRO A 54 -2.42 2.07 5.90
CA PRO A 54 -3.65 1.43 6.40
C PRO A 54 -4.06 1.95 7.78
N THR A 55 -5.30 2.38 7.90
CA THR A 55 -5.81 2.90 9.16
C THR A 55 -6.22 1.77 10.09
N GLU A 56 -6.84 0.74 9.54
CA GLU A 56 -7.29 -0.41 10.32
C GLU A 56 -6.54 -1.67 9.91
N LYS A 57 -6.76 -2.74 10.67
CA LYS A 57 -6.10 -4.02 10.39
C LYS A 57 -7.07 -5.00 9.73
N GLY A 58 -6.57 -5.75 8.74
CA GLY A 58 -7.40 -6.71 8.06
C GLY A 58 -7.03 -6.86 6.59
N LEU A 59 -7.78 -7.68 5.87
CA LEU A 59 -7.52 -7.91 4.45
C LEU A 59 -7.92 -6.70 3.63
N HIS A 60 -6.99 -6.22 2.79
CA HIS A 60 -7.24 -5.07 1.95
C HIS A 60 -7.07 -5.43 0.47
N GLN A 61 -7.88 -4.81 -0.38
CA GLN A 61 -7.82 -5.07 -1.81
C GLN A 61 -7.17 -3.90 -2.55
N MET A 62 -6.11 -4.17 -3.29
CA MET A 62 -5.40 -3.15 -4.04
C MET A 62 -5.53 -3.39 -5.53
N GLY A 63 -6.09 -2.41 -6.25
CA GLY A 63 -6.26 -2.54 -7.68
C GLY A 63 -5.56 -1.43 -8.44
N ILE A 64 -4.46 -1.77 -9.11
CA ILE A 64 -3.71 -0.79 -9.89
C ILE A 64 -4.12 -0.81 -11.35
N LYS A 65 -3.84 0.27 -12.06
CA LYS A 65 -4.17 0.38 -13.47
C LYS A 65 -3.12 1.18 -14.23
N TYR A 66 -2.96 0.89 -15.51
CA TYR A 66 -1.99 1.59 -16.34
C TYR A 66 -2.61 2.00 -17.67
N ASP A 67 -3.00 3.27 -17.75
CA ASP A 67 -3.61 3.81 -18.96
C ASP A 67 -4.87 3.03 -19.34
N GLY A 68 -5.53 2.47 -18.32
CA GLY A 68 -6.74 1.71 -18.55
C GLY A 68 -6.46 0.24 -18.79
N ASN A 69 -5.53 -0.32 -18.04
CA ASN A 69 -5.16 -1.72 -18.17
C ASN A 69 -4.66 -2.29 -16.84
N HIS A 70 -5.30 -3.36 -16.38
CA HIS A 70 -4.92 -3.99 -15.12
C HIS A 70 -3.47 -4.45 -15.18
N ILE A 71 -2.57 -3.65 -14.62
CA ILE A 71 -1.15 -3.99 -14.60
C ILE A 71 -0.93 -5.47 -14.26
N PRO A 72 0.17 -6.04 -14.75
CA PRO A 72 0.51 -7.43 -14.50
C PRO A 72 0.91 -7.69 -13.06
N GLY A 73 -0.08 -8.00 -12.22
CA GLY A 73 0.19 -8.26 -10.82
C GLY A 73 -0.90 -7.71 -9.91
N SER A 74 -1.87 -7.01 -10.51
CA SER A 74 -2.96 -6.43 -9.74
C SER A 74 -4.31 -6.93 -10.25
N PRO A 75 -5.32 -6.92 -9.36
CA PRO A 75 -5.15 -6.45 -7.98
C PRO A 75 -4.31 -7.41 -7.15
N LEU A 76 -4.04 -7.03 -5.91
CA LEU A 76 -3.25 -7.85 -5.00
C LEU A 76 -3.84 -7.85 -3.59
N GLN A 77 -3.68 -8.97 -2.89
CA GLN A 77 -4.19 -9.09 -1.53
C GLN A 77 -3.07 -8.96 -0.51
N PHE A 78 -3.29 -8.13 0.50
CA PHE A 78 -2.29 -7.91 1.54
C PHE A 78 -2.96 -7.64 2.90
N TYR A 79 -2.62 -8.44 3.89
CA TYR A 79 -3.19 -8.29 5.23
C TYR A 79 -2.37 -7.29 6.06
N VAL A 80 -3.05 -6.55 6.92
CA VAL A 80 -2.39 -5.57 7.78
C VAL A 80 -2.36 -6.04 9.23
N ASP A 81 -1.18 -6.02 9.82
CA ASP A 81 -1.01 -6.44 11.21
C ASP A 81 -0.51 -5.28 12.07
N ALA A 82 -0.54 -5.48 13.39
CA ALA A 82 -0.09 -4.45 14.32
C ALA A 82 1.44 -4.35 14.32
N ILE A 83 1.94 -3.13 14.17
CA ILE A 83 3.38 -2.89 14.16
C ILE A 83 4.06 -3.59 15.33
N ASN A 84 5.10 -4.36 15.03
CA ASN A 84 5.84 -5.08 16.06
C ASN A 84 7.17 -4.38 16.37
N SER A 85 7.26 -3.82 17.57
CA SER A 85 8.48 -3.12 17.98
C SER A 85 9.28 -3.96 18.97
N ARG A 86 10.49 -4.34 18.56
CA ARG A 86 11.35 -5.16 19.41
C ARG A 86 12.78 -4.63 19.38
N HIS A 87 13.39 -4.50 20.56
CA HIS A 87 14.75 -4.01 20.67
C HIS A 87 15.72 -5.16 20.92
N SER A 88 16.87 -5.11 20.25
CA SER A 88 17.89 -6.15 20.40
C SER A 88 19.29 -5.55 20.45
N GLY A 89 19.93 -5.64 21.60
CA GLY A 89 21.26 -5.09 21.75
C GLY A 89 21.25 -3.64 22.18
N PRO A 90 22.45 -3.07 22.37
CA PRO A 90 22.61 -1.67 22.79
C PRO A 90 22.21 -0.69 21.68
N SER A 91 22.67 -0.96 20.46
CA SER A 91 22.36 -0.11 19.32
C SER A 91 21.56 -0.87 18.27
N SER A 92 20.93 -0.13 17.37
CA SER A 92 20.11 -0.73 16.32
C SER A 92 20.91 -0.82 15.01
N GLY A 93 20.78 -1.94 14.32
CA GLY A 93 21.48 -2.13 13.07
C GLY A 93 22.94 -2.52 13.28
N GLY A 1 -13.16 -2.15 25.66
CA GLY A 1 -12.03 -1.26 25.84
C GLY A 1 -11.83 -0.32 24.67
N SER A 2 -12.04 0.97 24.91
CA SER A 2 -11.88 1.97 23.86
C SER A 2 -10.49 1.91 23.25
N SER A 3 -10.32 2.55 22.09
CA SER A 3 -9.04 2.57 21.40
C SER A 3 -8.42 3.97 21.45
N GLY A 4 -7.12 4.04 21.23
CA GLY A 4 -6.43 5.31 21.26
C GLY A 4 -5.82 5.67 19.91
N SER A 5 -4.52 5.47 19.77
CA SER A 5 -3.83 5.79 18.53
C SER A 5 -3.64 4.53 17.68
N SER A 6 -3.80 4.68 16.37
CA SER A 6 -3.66 3.56 15.45
C SER A 6 -2.18 3.29 15.16
N GLY A 7 -1.85 2.00 15.04
CA GLY A 7 -0.47 1.62 14.78
C GLY A 7 -0.37 0.45 13.82
N LEU A 8 -0.28 0.75 12.53
CA LEU A 8 -0.18 -0.29 11.51
C LEU A 8 0.99 -0.02 10.57
N ARG A 9 1.77 -1.06 10.28
CA ARG A 9 2.92 -0.93 9.39
C ARG A 9 2.48 -0.56 7.98
N PRO A 10 3.28 0.26 7.31
CA PRO A 10 3.00 0.71 5.94
C PRO A 10 3.14 -0.42 4.92
N PHE A 11 2.64 -0.18 3.71
CA PHE A 11 2.69 -1.18 2.65
C PHE A 11 3.69 -0.77 1.57
N ASN A 12 4.86 -1.40 1.58
CA ASN A 12 5.90 -1.10 0.61
C ASN A 12 6.23 -2.32 -0.24
N LEU A 13 6.04 -2.19 -1.54
CA LEU A 13 6.31 -3.30 -2.46
C LEU A 13 6.76 -2.76 -3.83
N VAL A 14 7.59 -3.54 -4.51
CA VAL A 14 8.09 -3.16 -5.83
C VAL A 14 7.60 -4.12 -6.90
N ILE A 15 6.69 -3.65 -7.74
CA ILE A 15 6.14 -4.48 -8.82
C ILE A 15 6.90 -4.23 -10.13
N PRO A 16 7.29 -5.33 -10.79
CA PRO A 16 8.03 -5.27 -12.05
C PRO A 16 7.15 -4.78 -13.20
N PHE A 17 7.05 -3.46 -13.33
CA PHE A 17 6.24 -2.85 -14.38
C PHE A 17 6.83 -1.50 -14.80
N ALA A 18 7.25 -1.40 -16.05
CA ALA A 18 7.81 -0.17 -16.58
C ALA A 18 6.74 0.91 -16.72
N VAL A 19 7.17 2.17 -16.70
CA VAL A 19 6.25 3.29 -16.84
C VAL A 19 6.96 4.51 -17.43
N GLN A 20 6.47 4.97 -18.58
CA GLN A 20 7.05 6.13 -19.25
C GLN A 20 6.09 7.30 -19.23
N LYS A 21 5.02 7.21 -20.01
CA LYS A 21 4.02 8.27 -20.08
C LYS A 21 2.65 7.76 -19.64
N GLY A 22 2.54 6.44 -19.44
CA GLY A 22 1.29 5.86 -19.01
C GLY A 22 0.84 6.37 -17.66
N GLU A 23 -0.47 6.45 -17.46
CA GLU A 23 -1.03 6.93 -16.20
C GLU A 23 -1.29 5.77 -15.25
N LEU A 24 -0.41 5.60 -14.28
CA LEU A 24 -0.55 4.52 -13.30
C LEU A 24 -1.39 4.98 -12.11
N THR A 25 -2.54 4.35 -11.93
CA THR A 25 -3.44 4.70 -10.83
C THR A 25 -3.82 3.46 -10.02
N GLY A 26 -4.29 3.67 -8.80
CA GLY A 26 -4.68 2.57 -7.95
C GLY A 26 -5.65 2.98 -6.86
N GLU A 27 -6.19 2.00 -6.15
CA GLU A 27 -7.14 2.28 -5.08
C GLU A 27 -7.10 1.17 -4.02
N VAL A 28 -7.47 1.52 -2.79
CA VAL A 28 -7.48 0.56 -1.69
C VAL A 28 -8.88 0.43 -1.10
N ARG A 29 -9.19 -0.77 -0.61
CA ARG A 29 -10.50 -1.04 -0.01
C ARG A 29 -10.34 -1.61 1.39
N MET A 30 -10.71 -0.81 2.39
CA MET A 30 -10.61 -1.25 3.78
C MET A 30 -11.83 -2.08 4.18
N PRO A 31 -11.63 -3.02 5.11
CA PRO A 31 -12.70 -3.89 5.60
C PRO A 31 -13.72 -3.14 6.44
N SER A 32 -13.42 -1.88 6.74
CA SER A 32 -14.31 -1.06 7.55
C SER A 32 -15.58 -0.70 6.77
N GLY A 33 -15.42 -0.43 5.48
CA GLY A 33 -16.57 -0.08 4.66
C GLY A 33 -16.33 1.18 3.84
N LYS A 34 -15.06 1.47 3.55
CA LYS A 34 -14.71 2.65 2.77
C LYS A 34 -13.59 2.34 1.79
N THR A 35 -13.17 3.35 1.04
CA THR A 35 -12.09 3.19 0.07
C THR A 35 -11.19 4.41 0.04
N ALA A 36 -9.88 4.16 0.00
CA ALA A 36 -8.90 5.25 -0.03
C ALA A 36 -7.98 5.12 -1.25
N ARG A 37 -7.23 6.18 -1.52
CA ARG A 37 -6.31 6.19 -2.65
C ARG A 37 -4.86 6.01 -2.18
N PRO A 38 -4.22 4.94 -2.64
CA PRO A 38 -2.83 4.62 -2.28
C PRO A 38 -1.84 5.60 -2.89
N ASN A 39 -0.57 5.22 -2.91
CA ASN A 39 0.48 6.07 -3.46
C ASN A 39 1.46 5.24 -4.29
N ILE A 40 1.96 5.83 -5.37
CA ILE A 40 2.90 5.15 -6.25
C ILE A 40 4.06 6.07 -6.62
N THR A 41 5.29 5.58 -6.42
CA THR A 41 6.48 6.36 -6.73
C THR A 41 7.13 5.87 -8.02
N ASP A 42 6.82 6.53 -9.13
CA ASP A 42 7.39 6.16 -10.43
C ASP A 42 8.90 6.27 -10.40
N ASN A 43 9.57 5.13 -10.58
CA ASN A 43 11.03 5.10 -10.59
C ASN A 43 11.58 5.29 -11.99
N LYS A 44 10.74 5.03 -13.00
CA LYS A 44 11.12 5.18 -14.38
C LYS A 44 12.37 4.36 -14.69
N ASP A 45 12.49 3.20 -14.05
CA ASP A 45 13.62 2.32 -14.25
C ASP A 45 13.17 0.92 -14.67
N GLY A 46 11.86 0.74 -14.76
CA GLY A 46 11.32 -0.56 -15.14
C GLY A 46 10.43 -1.15 -14.07
N THR A 47 10.47 -0.57 -12.88
CA THR A 47 9.67 -1.05 -11.76
C THR A 47 8.89 0.09 -11.11
N ILE A 48 7.99 -0.26 -10.20
CA ILE A 48 7.17 0.73 -9.51
C ILE A 48 7.12 0.45 -8.01
N THR A 49 7.06 1.50 -7.21
CA THR A 49 7.00 1.36 -5.76
C THR A 49 5.63 1.76 -5.22
N VAL A 50 4.98 0.83 -4.54
CA VAL A 50 3.66 1.09 -3.97
C VAL A 50 3.76 1.42 -2.49
N ARG A 51 3.11 2.52 -2.10
CA ARG A 51 3.12 2.95 -0.70
C ARG A 51 1.71 3.26 -0.22
N TYR A 52 1.29 2.58 0.84
CA TYR A 52 -0.04 2.79 1.41
C TYR A 52 0.01 2.77 2.93
N ALA A 53 -0.81 3.60 3.55
CA ALA A 53 -0.88 3.68 5.01
C ALA A 53 -2.24 3.23 5.53
N PRO A 54 -2.32 1.95 5.91
CA PRO A 54 -3.56 1.35 6.44
C PRO A 54 -3.93 1.89 7.81
N THR A 55 -5.22 2.08 8.05
CA THR A 55 -5.69 2.58 9.33
C THR A 55 -6.30 1.48 10.17
N GLU A 56 -6.72 0.39 9.51
CA GLU A 56 -7.32 -0.74 10.20
C GLU A 56 -6.60 -2.03 9.85
N LYS A 57 -6.75 -3.04 10.70
CA LYS A 57 -6.12 -4.33 10.48
C LYS A 57 -7.07 -5.28 9.75
N GLY A 58 -6.57 -5.88 8.67
CA GLY A 58 -7.38 -6.81 7.90
C GLY A 58 -6.95 -6.90 6.46
N LEU A 59 -7.56 -7.82 5.71
CA LEU A 59 -7.22 -8.01 4.30
C LEU A 59 -7.81 -6.88 3.45
N HIS A 60 -6.93 -6.12 2.81
CA HIS A 60 -7.35 -5.02 1.96
C HIS A 60 -7.19 -5.37 0.48
N GLN A 61 -7.98 -4.72 -0.37
CA GLN A 61 -7.92 -4.97 -1.80
C GLN A 61 -7.33 -3.76 -2.54
N MET A 62 -6.23 -3.99 -3.25
CA MET A 62 -5.56 -2.92 -3.99
C MET A 62 -5.62 -3.19 -5.49
N GLY A 63 -6.30 -2.32 -6.22
CA GLY A 63 -6.42 -2.48 -7.66
C GLY A 63 -5.67 -1.40 -8.43
N ILE A 64 -4.61 -1.80 -9.13
CA ILE A 64 -3.82 -0.86 -9.91
C ILE A 64 -4.17 -0.95 -11.39
N LYS A 65 -3.95 0.15 -12.11
CA LYS A 65 -4.23 0.19 -13.54
C LYS A 65 -3.17 1.01 -14.28
N TYR A 66 -3.05 0.77 -15.58
CA TYR A 66 -2.08 1.48 -16.40
C TYR A 66 -2.68 1.89 -17.74
N ASP A 67 -2.95 3.17 -17.90
CA ASP A 67 -3.52 3.69 -19.13
C ASP A 67 -4.73 2.86 -19.55
N GLY A 68 -5.40 2.26 -18.57
CA GLY A 68 -6.56 1.44 -18.86
C GLY A 68 -6.21 -0.02 -19.06
N ASN A 69 -5.35 -0.55 -18.20
CA ASN A 69 -4.93 -1.94 -18.29
C ASN A 69 -4.47 -2.45 -16.93
N HIS A 70 -5.12 -3.51 -16.45
CA HIS A 70 -4.78 -4.10 -15.17
C HIS A 70 -3.33 -4.56 -15.15
N ILE A 71 -2.45 -3.75 -14.56
CA ILE A 71 -1.03 -4.08 -14.49
C ILE A 71 -0.82 -5.56 -14.18
N PRO A 72 0.32 -6.10 -14.62
CA PRO A 72 0.66 -7.51 -14.41
C PRO A 72 0.96 -7.81 -12.94
N GLY A 73 -0.09 -8.04 -12.15
CA GLY A 73 0.08 -8.34 -10.74
C GLY A 73 -1.05 -7.79 -9.89
N SER A 74 -1.94 -7.03 -10.51
CA SER A 74 -3.07 -6.44 -9.81
C SER A 74 -4.39 -7.01 -10.32
N PRO A 75 -5.43 -6.95 -9.47
CA PRO A 75 -5.32 -6.37 -8.12
C PRO A 75 -4.48 -7.23 -7.19
N LEU A 76 -4.34 -6.78 -5.95
CA LEU A 76 -3.56 -7.52 -4.96
C LEU A 76 -4.07 -7.25 -3.54
N GLN A 77 -4.00 -8.26 -2.69
CA GLN A 77 -4.46 -8.12 -1.31
C GLN A 77 -3.31 -8.31 -0.33
N PHE A 78 -3.44 -7.70 0.84
CA PHE A 78 -2.40 -7.79 1.85
C PHE A 78 -2.99 -7.60 3.25
N TYR A 79 -2.60 -8.47 4.18
CA TYR A 79 -3.09 -8.41 5.55
C TYR A 79 -2.30 -7.38 6.36
N VAL A 80 -3.02 -6.60 7.17
CA VAL A 80 -2.38 -5.58 8.01
C VAL A 80 -2.52 -5.93 9.49
N ASP A 81 -1.40 -5.91 10.19
CA ASP A 81 -1.38 -6.22 11.62
C ASP A 81 -0.62 -5.15 12.40
N ALA A 82 -0.93 -5.03 13.68
CA ALA A 82 -0.29 -4.05 14.55
C ALA A 82 1.23 -4.08 14.37
N ILE A 83 1.84 -2.91 14.32
CA ILE A 83 3.29 -2.81 14.16
C ILE A 83 4.02 -3.53 15.28
N ASN A 84 4.71 -4.61 14.92
CA ASN A 84 5.45 -5.40 15.90
C ASN A 84 6.36 -4.50 16.75
N SER A 85 7.25 -3.78 16.07
CA SER A 85 8.19 -2.88 16.76
C SER A 85 7.42 -1.76 17.48
N ARG A 86 7.44 -1.81 18.80
CA ARG A 86 6.75 -0.81 19.61
C ARG A 86 7.68 0.36 19.93
N HIS A 87 7.25 1.57 19.58
CA HIS A 87 8.05 2.77 19.84
C HIS A 87 8.47 2.83 21.31
N SER A 88 9.71 2.48 21.59
CA SER A 88 10.24 2.50 22.95
C SER A 88 9.65 3.67 23.74
N GLY A 89 9.67 4.85 23.14
CA GLY A 89 9.14 6.03 23.79
C GLY A 89 9.48 7.31 23.05
N PRO A 90 9.44 8.44 23.77
CA PRO A 90 9.75 9.75 23.20
C PRO A 90 11.23 9.90 22.84
N SER A 91 11.99 8.83 23.03
CA SER A 91 13.42 8.85 22.74
C SER A 91 13.70 8.13 21.42
N SER A 92 13.53 8.85 20.31
CA SER A 92 13.76 8.29 18.99
C SER A 92 15.01 8.90 18.35
N GLY A 93 15.57 8.20 17.37
CA GLY A 93 16.76 8.69 16.69
C GLY A 93 18.03 8.17 17.32
N GLY A 1 -10.30 -4.53 22.29
CA GLY A 1 -10.63 -3.65 21.19
C GLY A 1 -9.42 -2.93 20.64
N SER A 2 -9.17 -1.73 21.14
CA SER A 2 -8.04 -0.92 20.69
C SER A 2 -7.32 -0.28 21.88
N SER A 3 -6.14 0.26 21.62
CA SER A 3 -5.35 0.89 22.66
C SER A 3 -5.61 2.41 22.69
N GLY A 4 -5.63 3.01 21.52
CA GLY A 4 -5.85 4.45 21.43
C GLY A 4 -5.15 5.08 20.24
N SER A 5 -3.86 4.78 20.09
CA SER A 5 -3.07 5.33 19.00
C SER A 5 -2.86 4.28 17.91
N SER A 6 -3.65 4.36 16.85
CA SER A 6 -3.55 3.42 15.75
C SER A 6 -2.09 3.23 15.32
N GLY A 7 -1.72 1.97 15.08
CA GLY A 7 -0.35 1.68 14.67
C GLY A 7 -0.27 0.46 13.76
N LEU A 8 -0.27 0.70 12.46
CA LEU A 8 -0.21 -0.39 11.49
C LEU A 8 0.92 -0.15 10.50
N ARG A 9 1.83 -1.12 10.38
CA ARG A 9 2.96 -1.01 9.47
C ARG A 9 2.48 -0.64 8.06
N PRO A 10 3.27 0.19 7.37
CA PRO A 10 2.96 0.64 6.01
C PRO A 10 3.08 -0.49 4.99
N PHE A 11 2.64 -0.21 3.76
CA PHE A 11 2.71 -1.20 2.69
C PHE A 11 3.68 -0.75 1.60
N ASN A 12 4.84 -1.39 1.54
CA ASN A 12 5.85 -1.06 0.54
C ASN A 12 6.15 -2.27 -0.35
N LEU A 13 5.88 -2.14 -1.64
CA LEU A 13 6.12 -3.20 -2.59
C LEU A 13 6.56 -2.65 -3.94
N VAL A 14 7.46 -3.36 -4.60
CA VAL A 14 7.96 -2.94 -5.91
C VAL A 14 7.54 -3.92 -7.00
N ILE A 15 6.52 -3.55 -7.77
CA ILE A 15 6.03 -4.40 -8.84
C ILE A 15 6.85 -4.21 -10.11
N PRO A 16 7.27 -5.33 -10.72
CA PRO A 16 8.07 -5.31 -11.96
C PRO A 16 7.26 -4.84 -13.16
N PHE A 17 7.15 -3.53 -13.32
CA PHE A 17 6.40 -2.96 -14.43
C PHE A 17 6.97 -1.61 -14.84
N ALA A 18 7.43 -1.51 -16.08
CA ALA A 18 8.02 -0.28 -16.59
C ALA A 18 6.95 0.81 -16.74
N VAL A 19 7.35 2.06 -16.57
CA VAL A 19 6.44 3.18 -16.68
C VAL A 19 7.15 4.44 -17.17
N GLN A 20 6.71 4.95 -18.32
CA GLN A 20 7.32 6.15 -18.89
C GLN A 20 6.30 7.29 -19.00
N LYS A 21 5.30 7.10 -19.85
CA LYS A 21 4.26 8.10 -20.04
C LYS A 21 2.93 7.62 -19.45
N GLY A 22 2.55 6.40 -19.79
CA GLY A 22 1.31 5.84 -19.29
C GLY A 22 0.99 6.31 -17.87
N GLU A 23 -0.29 6.37 -17.55
CA GLU A 23 -0.71 6.80 -16.22
C GLU A 23 -0.98 5.59 -15.32
N LEU A 24 -0.31 5.56 -14.17
CA LEU A 24 -0.47 4.46 -13.21
C LEU A 24 -1.29 4.92 -12.01
N THR A 25 -2.48 4.34 -11.86
CA THR A 25 -3.36 4.68 -10.75
C THR A 25 -3.82 3.42 -10.01
N GLY A 26 -4.25 3.60 -8.77
CA GLY A 26 -4.71 2.48 -7.97
C GLY A 26 -5.69 2.89 -6.89
N GLU A 27 -6.20 1.91 -6.14
CA GLU A 27 -7.14 2.18 -5.08
C GLU A 27 -7.12 1.06 -4.04
N VAL A 28 -7.44 1.42 -2.80
CA VAL A 28 -7.46 0.45 -1.71
C VAL A 28 -8.84 0.35 -1.08
N ARG A 29 -9.19 -0.83 -0.59
CA ARG A 29 -10.48 -1.06 0.03
C ARG A 29 -10.33 -1.66 1.43
N MET A 30 -10.75 -0.94 2.44
CA MET A 30 -10.65 -1.41 3.82
C MET A 30 -11.92 -2.14 4.24
N PRO A 31 -11.78 -3.10 5.16
CA PRO A 31 -12.90 -3.90 5.66
C PRO A 31 -13.85 -3.08 6.53
N SER A 32 -13.39 -1.92 6.96
CA SER A 32 -14.19 -1.03 7.81
C SER A 32 -15.46 -0.60 7.09
N GLY A 33 -15.34 -0.34 5.78
CA GLY A 33 -16.48 0.08 4.99
C GLY A 33 -16.21 1.36 4.23
N LYS A 34 -14.94 1.60 3.90
CA LYS A 34 -14.56 2.80 3.16
C LYS A 34 -13.46 2.48 2.15
N THR A 35 -12.99 3.51 1.46
CA THR A 35 -11.94 3.34 0.46
C THR A 35 -10.94 4.48 0.51
N ALA A 36 -9.68 4.17 0.23
CA ALA A 36 -8.62 5.18 0.24
C ALA A 36 -7.68 4.99 -0.94
N ARG A 37 -7.23 6.10 -1.52
CA ARG A 37 -6.32 6.07 -2.65
C ARG A 37 -4.88 5.90 -2.19
N PRO A 38 -4.22 4.83 -2.67
CA PRO A 38 -2.83 4.53 -2.32
C PRO A 38 -1.86 5.53 -2.93
N ASN A 39 -0.58 5.16 -2.95
CA ASN A 39 0.46 6.02 -3.51
C ASN A 39 1.45 5.21 -4.34
N ILE A 40 1.94 5.81 -5.41
CA ILE A 40 2.90 5.14 -6.28
C ILE A 40 4.04 6.07 -6.67
N THR A 41 5.27 5.63 -6.45
CA THR A 41 6.44 6.43 -6.77
C THR A 41 7.09 5.96 -8.07
N ASP A 42 6.75 6.61 -9.17
CA ASP A 42 7.29 6.26 -10.48
C ASP A 42 8.81 6.37 -10.47
N ASN A 43 9.49 5.24 -10.68
CA ASN A 43 10.94 5.21 -10.70
C ASN A 43 11.47 5.49 -12.11
N LYS A 44 10.69 5.10 -13.12
CA LYS A 44 11.09 5.30 -14.50
C LYS A 44 12.35 4.53 -14.84
N ASP A 45 12.53 3.39 -14.18
CA ASP A 45 13.69 2.54 -14.41
C ASP A 45 13.27 1.16 -14.89
N GLY A 46 12.01 0.81 -14.65
CA GLY A 46 11.50 -0.49 -15.07
C GLY A 46 10.54 -1.09 -14.05
N THR A 47 10.53 -0.53 -12.85
CA THR A 47 9.66 -1.02 -11.79
C THR A 47 8.83 0.12 -11.20
N ILE A 48 7.93 -0.23 -10.28
CA ILE A 48 7.08 0.76 -9.63
C ILE A 48 6.95 0.48 -8.13
N THR A 49 7.02 1.53 -7.33
CA THR A 49 6.91 1.40 -5.89
C THR A 49 5.50 1.73 -5.42
N VAL A 50 4.97 0.90 -4.52
CA VAL A 50 3.64 1.11 -3.99
C VAL A 50 3.68 1.40 -2.49
N ARG A 51 3.14 2.56 -2.11
CA ARG A 51 3.11 2.98 -0.72
C ARG A 51 1.69 3.24 -0.25
N TYR A 52 1.27 2.54 0.80
CA TYR A 52 -0.07 2.70 1.34
C TYR A 52 -0.05 2.68 2.86
N ALA A 53 -0.87 3.53 3.48
CA ALA A 53 -0.95 3.61 4.92
C ALA A 53 -2.30 3.11 5.44
N PRO A 54 -2.34 1.83 5.86
CA PRO A 54 -3.55 1.21 6.38
C PRO A 54 -3.97 1.77 7.73
N THR A 55 -5.22 2.23 7.81
CA THR A 55 -5.74 2.80 9.05
C THR A 55 -6.23 1.70 9.99
N GLU A 56 -6.72 0.60 9.41
CA GLU A 56 -7.21 -0.51 10.21
C GLU A 56 -6.51 -1.81 9.82
N LYS A 57 -6.83 -2.88 10.54
CA LYS A 57 -6.23 -4.18 10.28
C LYS A 57 -7.21 -5.10 9.53
N GLY A 58 -6.66 -6.02 8.76
CA GLY A 58 -7.49 -6.94 8.01
C GLY A 58 -7.07 -7.05 6.55
N LEU A 59 -7.79 -7.86 5.78
CA LEU A 59 -7.50 -8.07 4.37
C LEU A 59 -8.00 -6.89 3.54
N HIS A 60 -7.10 -6.28 2.78
CA HIS A 60 -7.47 -5.15 1.92
C HIS A 60 -7.38 -5.53 0.45
N GLN A 61 -8.02 -4.73 -0.39
CA GLN A 61 -8.01 -4.99 -1.84
C GLN A 61 -7.39 -3.82 -2.59
N MET A 62 -6.25 -4.06 -3.22
CA MET A 62 -5.56 -3.03 -3.99
C MET A 62 -5.61 -3.33 -5.48
N GLY A 63 -6.15 -2.40 -6.25
CA GLY A 63 -6.25 -2.58 -7.68
C GLY A 63 -5.58 -1.46 -8.46
N ILE A 64 -4.46 -1.78 -9.11
CA ILE A 64 -3.73 -0.79 -9.89
C ILE A 64 -4.14 -0.84 -11.37
N LYS A 65 -3.82 0.23 -12.09
CA LYS A 65 -4.15 0.30 -13.51
C LYS A 65 -3.09 1.10 -14.27
N TYR A 66 -2.97 0.83 -15.57
CA TYR A 66 -1.99 1.52 -16.40
C TYR A 66 -2.62 1.94 -17.72
N ASP A 67 -2.99 3.22 -17.82
CA ASP A 67 -3.60 3.75 -19.03
C ASP A 67 -4.80 2.92 -19.44
N GLY A 68 -5.46 2.32 -18.45
CA GLY A 68 -6.63 1.51 -18.74
C GLY A 68 -6.28 0.05 -18.98
N ASN A 69 -5.40 -0.49 -18.17
CA ASN A 69 -4.97 -1.88 -18.31
C ASN A 69 -4.47 -2.44 -16.98
N HIS A 70 -5.19 -3.41 -16.44
CA HIS A 70 -4.82 -4.04 -15.18
C HIS A 70 -3.37 -4.50 -15.21
N ILE A 71 -2.49 -3.70 -14.61
CA ILE A 71 -1.07 -4.04 -14.56
C ILE A 71 -0.86 -5.50 -14.20
N PRO A 72 0.27 -6.07 -14.67
CA PRO A 72 0.61 -7.47 -14.40
C PRO A 72 0.98 -7.70 -12.94
N GLY A 73 -0.02 -8.00 -12.12
CA GLY A 73 0.22 -8.25 -10.71
C GLY A 73 -0.88 -7.69 -9.82
N SER A 74 -1.84 -7.00 -10.44
CA SER A 74 -2.95 -6.42 -9.70
C SER A 74 -4.29 -6.93 -10.23
N PRO A 75 -5.31 -6.91 -9.36
CA PRO A 75 -5.16 -6.44 -7.98
C PRO A 75 -4.33 -7.37 -7.12
N LEU A 76 -4.17 -7.03 -5.85
CA LEU A 76 -3.38 -7.84 -4.93
C LEU A 76 -4.00 -7.83 -3.53
N GLN A 77 -3.81 -8.91 -2.79
CA GLN A 77 -4.35 -9.03 -1.45
C GLN A 77 -3.24 -8.88 -0.41
N PHE A 78 -3.44 -7.98 0.54
CA PHE A 78 -2.45 -7.74 1.59
C PHE A 78 -3.13 -7.55 2.95
N TYR A 79 -2.66 -8.29 3.95
CA TYR A 79 -3.22 -8.20 5.29
C TYR A 79 -2.44 -7.21 6.15
N VAL A 80 -3.14 -6.51 7.03
CA VAL A 80 -2.51 -5.54 7.92
C VAL A 80 -2.65 -5.96 9.38
N ASP A 81 -1.67 -5.57 10.19
CA ASP A 81 -1.69 -5.90 11.61
C ASP A 81 -0.92 -4.86 12.42
N ALA A 82 -1.19 -4.81 13.72
CA ALA A 82 -0.52 -3.87 14.60
C ALA A 82 0.99 -3.94 14.45
N ILE A 83 1.64 -2.79 14.46
CA ILE A 83 3.09 -2.72 14.31
C ILE A 83 3.79 -3.49 15.42
N ASN A 84 3.51 -3.10 16.67
CA ASN A 84 4.12 -3.77 17.83
C ASN A 84 3.15 -3.79 19.00
N SER A 85 2.83 -5.00 19.46
CA SER A 85 1.91 -5.17 20.58
C SER A 85 2.46 -6.17 21.59
N ARG A 86 3.03 -7.26 21.09
CA ARG A 86 3.59 -8.30 21.94
C ARG A 86 4.68 -7.72 22.84
N HIS A 87 4.26 -7.10 23.94
CA HIS A 87 5.20 -6.50 24.88
C HIS A 87 6.47 -7.34 24.98
N SER A 88 7.60 -6.75 24.62
CA SER A 88 8.88 -7.43 24.66
C SER A 88 9.97 -6.52 25.21
N GLY A 89 11.07 -7.12 25.65
CA GLY A 89 12.18 -6.34 26.19
C GLY A 89 12.99 -5.66 25.11
N PRO A 90 13.63 -4.54 25.47
CA PRO A 90 14.46 -3.77 24.53
C PRO A 90 15.75 -4.50 24.16
N SER A 91 16.05 -4.55 22.86
CA SER A 91 17.25 -5.21 22.38
C SER A 91 18.28 -4.20 21.88
N SER A 92 19.55 -4.52 22.06
CA SER A 92 20.63 -3.64 21.63
C SER A 92 20.81 -3.69 20.11
N GLY A 93 21.45 -2.67 19.56
CA GLY A 93 21.68 -2.62 18.13
C GLY A 93 22.54 -1.44 17.73
N GLY A 1 -12.98 2.76 20.11
CA GLY A 1 -11.85 2.12 20.77
C GLY A 1 -10.63 3.00 20.83
N SER A 2 -10.35 3.70 19.73
CA SER A 2 -9.19 4.57 19.65
C SER A 2 -9.51 5.83 18.83
N SER A 3 -8.93 6.95 19.22
CA SER A 3 -9.15 8.21 18.52
C SER A 3 -8.09 8.43 17.45
N GLY A 4 -8.41 8.02 16.22
CA GLY A 4 -7.48 8.19 15.13
C GLY A 4 -6.06 7.80 15.50
N SER A 5 -5.10 8.18 14.66
CA SER A 5 -3.70 7.86 14.91
C SER A 5 -3.47 6.35 14.89
N SER A 6 -4.11 5.68 13.93
CA SER A 6 -3.99 4.23 13.81
C SER A 6 -2.51 3.81 13.80
N GLY A 7 -2.24 2.64 14.37
CA GLY A 7 -0.87 2.16 14.42
C GLY A 7 -0.68 0.89 13.60
N LEU A 8 -0.66 1.05 12.28
CA LEU A 8 -0.49 -0.10 11.39
C LEU A 8 0.67 0.14 10.42
N ARG A 9 1.60 -0.80 10.36
CA ARG A 9 2.75 -0.69 9.47
C ARG A 9 2.31 -0.36 8.05
N PRO A 10 3.10 0.47 7.35
CA PRO A 10 2.81 0.89 5.98
C PRO A 10 2.99 -0.26 4.99
N PHE A 11 2.45 -0.07 3.78
CA PHE A 11 2.55 -1.08 2.74
C PHE A 11 3.57 -0.68 1.67
N ASN A 12 4.76 -1.23 1.77
CA ASN A 12 5.83 -0.92 0.81
C ASN A 12 6.17 -2.14 -0.03
N LEU A 13 5.89 -2.06 -1.33
CA LEU A 13 6.18 -3.16 -2.25
C LEU A 13 6.63 -2.64 -3.60
N VAL A 14 7.36 -3.48 -4.33
CA VAL A 14 7.85 -3.09 -5.66
C VAL A 14 7.38 -4.08 -6.72
N ILE A 15 6.63 -3.57 -7.70
CA ILE A 15 6.11 -4.40 -8.77
C ILE A 15 6.91 -4.20 -10.05
N PRO A 16 7.35 -5.32 -10.66
CA PRO A 16 8.15 -5.29 -11.89
C PRO A 16 7.31 -4.85 -13.09
N PHE A 17 7.18 -3.54 -13.26
CA PHE A 17 6.41 -2.99 -14.36
C PHE A 17 6.96 -1.62 -14.78
N ALA A 18 7.45 -1.54 -16.01
CA ALA A 18 8.00 -0.29 -16.53
C ALA A 18 6.93 0.77 -16.70
N VAL A 19 7.33 2.03 -16.61
CA VAL A 19 6.39 3.14 -16.74
C VAL A 19 7.09 4.39 -17.28
N GLN A 20 6.69 4.80 -18.49
CA GLN A 20 7.28 5.97 -19.12
C GLN A 20 6.23 7.05 -19.35
N LYS A 21 5.32 6.81 -20.29
CA LYS A 21 4.26 7.76 -20.60
C LYS A 21 2.89 7.16 -20.30
N GLY A 22 2.82 6.30 -19.29
CA GLY A 22 1.56 5.67 -18.93
C GLY A 22 1.08 6.11 -17.56
N GLU A 23 -0.24 6.30 -17.44
CA GLU A 23 -0.83 6.72 -16.18
C GLU A 23 -1.07 5.52 -15.26
N LEU A 24 -0.30 5.45 -14.19
CA LEU A 24 -0.41 4.36 -13.22
C LEU A 24 -1.22 4.80 -12.00
N THR A 25 -2.45 4.35 -11.90
CA THR A 25 -3.32 4.69 -10.79
C THR A 25 -3.75 3.45 -10.01
N GLY A 26 -4.33 3.65 -8.83
CA GLY A 26 -4.77 2.54 -8.01
C GLY A 26 -5.76 2.95 -6.95
N GLU A 27 -6.22 1.99 -6.17
CA GLU A 27 -7.19 2.27 -5.11
C GLU A 27 -7.21 1.14 -4.08
N VAL A 28 -7.37 1.50 -2.81
CA VAL A 28 -7.41 0.52 -1.74
C VAL A 28 -8.79 0.44 -1.11
N ARG A 29 -9.12 -0.71 -0.55
CA ARG A 29 -10.42 -0.92 0.09
C ARG A 29 -10.25 -1.54 1.47
N MET A 30 -10.56 -0.77 2.50
CA MET A 30 -10.46 -1.25 3.88
C MET A 30 -11.68 -2.07 4.27
N PRO A 31 -11.48 -3.05 5.17
CA PRO A 31 -12.55 -3.92 5.65
C PRO A 31 -13.56 -3.17 6.53
N SER A 32 -13.25 -1.92 6.83
CA SER A 32 -14.12 -1.10 7.67
C SER A 32 -15.39 -0.70 6.91
N GLY A 33 -15.22 -0.34 5.64
CA GLY A 33 -16.35 0.05 4.83
C GLY A 33 -16.11 1.34 4.07
N LYS A 34 -14.84 1.61 3.77
CA LYS A 34 -14.47 2.81 3.03
C LYS A 34 -13.36 2.51 2.02
N THR A 35 -12.88 3.56 1.36
CA THR A 35 -11.82 3.41 0.37
C THR A 35 -10.85 4.58 0.42
N ALA A 36 -9.57 4.30 0.20
CA ALA A 36 -8.54 5.34 0.23
C ALA A 36 -7.57 5.17 -0.94
N ARG A 37 -7.22 6.29 -1.58
CA ARG A 37 -6.29 6.25 -2.70
C ARG A 37 -4.85 6.07 -2.23
N PRO A 38 -4.21 4.99 -2.67
CA PRO A 38 -2.83 4.68 -2.30
C PRO A 38 -1.83 5.64 -2.92
N ASN A 39 -0.56 5.25 -2.93
CA ASN A 39 0.49 6.09 -3.50
C ASN A 39 1.46 5.26 -4.33
N ILE A 40 1.94 5.82 -5.43
CA ILE A 40 2.88 5.12 -6.30
C ILE A 40 4.03 6.04 -6.71
N THR A 41 5.25 5.58 -6.48
CA THR A 41 6.44 6.35 -6.83
C THR A 41 7.05 5.87 -8.14
N ASP A 42 6.70 6.55 -9.23
CA ASP A 42 7.21 6.18 -10.55
C ASP A 42 8.74 6.27 -10.57
N ASN A 43 9.39 5.13 -10.77
CA ASN A 43 10.85 5.08 -10.83
C ASN A 43 11.35 5.25 -12.25
N LYS A 44 10.48 4.97 -13.21
CA LYS A 44 10.83 5.09 -14.63
C LYS A 44 12.11 4.33 -14.94
N ASP A 45 12.37 3.29 -14.15
CA ASP A 45 13.57 2.48 -14.34
C ASP A 45 13.19 1.04 -14.68
N GLY A 46 11.89 0.79 -14.81
CA GLY A 46 11.43 -0.56 -15.13
C GLY A 46 10.63 -1.17 -14.00
N THR A 47 10.55 -0.47 -12.87
CA THR A 47 9.81 -0.96 -11.72
C THR A 47 8.98 0.15 -11.09
N ILE A 48 8.13 -0.21 -10.14
CA ILE A 48 7.28 0.75 -9.46
C ILE A 48 7.15 0.43 -7.97
N THR A 49 7.02 1.46 -7.16
CA THR A 49 6.89 1.29 -5.71
C THR A 49 5.50 1.70 -5.24
N VAL A 50 4.86 0.84 -4.44
CA VAL A 50 3.54 1.11 -3.91
C VAL A 50 3.58 1.42 -2.42
N ARG A 51 3.04 2.57 -2.04
CA ARG A 51 3.02 2.98 -0.64
C ARG A 51 1.60 3.30 -0.19
N TYR A 52 1.16 2.63 0.86
CA TYR A 52 -0.19 2.85 1.39
C TYR A 52 -0.18 2.86 2.92
N ALA A 53 -1.10 3.60 3.50
CA ALA A 53 -1.21 3.70 4.96
C ALA A 53 -2.55 3.18 5.46
N PRO A 54 -2.58 1.91 5.85
CA PRO A 54 -3.80 1.26 6.36
C PRO A 54 -4.22 1.80 7.72
N THR A 55 -5.49 2.19 7.83
CA THR A 55 -6.01 2.72 9.09
C THR A 55 -6.47 1.60 10.00
N GLU A 56 -6.91 0.49 9.41
CA GLU A 56 -7.38 -0.66 10.18
C GLU A 56 -6.73 -1.94 9.70
N LYS A 57 -6.68 -2.94 10.57
CA LYS A 57 -6.09 -4.23 10.23
C LYS A 57 -7.03 -5.06 9.36
N GLY A 58 -6.53 -6.17 8.85
CA GLY A 58 -7.34 -7.03 8.01
C GLY A 58 -6.88 -7.05 6.57
N LEU A 59 -7.51 -7.88 5.75
CA LEU A 59 -7.15 -7.99 4.34
C LEU A 59 -7.75 -6.84 3.54
N HIS A 60 -6.91 -6.20 2.74
CA HIS A 60 -7.36 -5.07 1.91
C HIS A 60 -7.24 -5.40 0.43
N GLN A 61 -8.09 -4.79 -0.38
CA GLN A 61 -8.09 -5.03 -1.81
C GLN A 61 -7.46 -3.85 -2.56
N MET A 62 -6.33 -4.11 -3.21
CA MET A 62 -5.63 -3.08 -3.96
C MET A 62 -5.71 -3.35 -5.47
N GLY A 63 -6.28 -2.40 -6.21
CA GLY A 63 -6.39 -2.56 -7.64
C GLY A 63 -5.68 -1.46 -8.41
N ILE A 64 -4.58 -1.81 -9.06
CA ILE A 64 -3.81 -0.85 -9.83
C ILE A 64 -4.21 -0.86 -11.30
N LYS A 65 -3.84 0.18 -12.04
CA LYS A 65 -4.16 0.28 -13.45
C LYS A 65 -3.08 1.05 -14.19
N TYR A 66 -2.96 0.79 -15.49
CA TYR A 66 -1.96 1.45 -16.32
C TYR A 66 -2.57 1.91 -17.65
N ASP A 67 -2.87 3.20 -17.73
CA ASP A 67 -3.46 3.77 -18.94
C ASP A 67 -4.70 2.99 -19.36
N GLY A 68 -5.42 2.46 -18.38
CA GLY A 68 -6.62 1.70 -18.66
C GLY A 68 -6.34 0.23 -18.91
N ASN A 69 -5.43 -0.33 -18.11
CA ASN A 69 -5.07 -1.74 -18.24
C ASN A 69 -4.58 -2.30 -16.92
N HIS A 70 -5.27 -3.33 -16.42
CA HIS A 70 -4.91 -3.95 -15.16
C HIS A 70 -3.46 -4.43 -15.19
N ILE A 71 -2.57 -3.66 -14.57
CA ILE A 71 -1.16 -4.00 -14.52
C ILE A 71 -0.97 -5.48 -14.18
N PRO A 72 0.16 -6.05 -14.66
CA PRO A 72 0.49 -7.46 -14.41
C PRO A 72 0.86 -7.73 -12.96
N GLY A 73 -0.15 -8.07 -12.15
CA GLY A 73 0.08 -8.35 -10.75
C GLY A 73 -0.99 -7.77 -9.85
N SER A 74 -1.97 -7.10 -10.46
CA SER A 74 -3.06 -6.49 -9.72
C SER A 74 -4.41 -6.97 -10.23
N PRO A 75 -5.42 -6.94 -9.35
CA PRO A 75 -5.26 -6.48 -7.97
C PRO A 75 -4.43 -7.44 -7.14
N LEU A 76 -4.18 -7.05 -5.89
CA LEU A 76 -3.39 -7.89 -4.98
C LEU A 76 -3.99 -7.86 -3.57
N GLN A 77 -3.87 -8.99 -2.87
CA GLN A 77 -4.39 -9.09 -1.50
C GLN A 77 -3.25 -9.05 -0.49
N PHE A 78 -3.34 -8.09 0.43
CA PHE A 78 -2.32 -7.93 1.46
C PHE A 78 -2.96 -7.71 2.83
N TYR A 79 -2.57 -8.52 3.80
CA TYR A 79 -3.11 -8.41 5.16
C TYR A 79 -2.30 -7.42 5.99
N VAL A 80 -3.00 -6.63 6.81
CA VAL A 80 -2.36 -5.65 7.66
C VAL A 80 -2.31 -6.11 9.11
N ASP A 81 -1.17 -5.90 9.76
CA ASP A 81 -1.01 -6.29 11.15
C ASP A 81 -0.52 -5.12 12.00
N ALA A 82 -0.78 -5.18 13.30
CA ALA A 82 -0.37 -4.12 14.21
C ALA A 82 1.13 -3.87 14.10
N ILE A 83 1.55 -2.65 14.46
CA ILE A 83 2.95 -2.27 14.41
C ILE A 83 3.72 -2.83 15.60
N ASN A 84 4.29 -4.02 15.43
CA ASN A 84 5.05 -4.66 16.49
C ASN A 84 6.23 -3.78 16.94
N SER A 85 6.70 -4.01 18.15
CA SER A 85 7.81 -3.24 18.70
C SER A 85 8.71 -4.12 19.56
N ARG A 86 10.02 -4.02 19.33
CA ARG A 86 10.99 -4.80 20.09
C ARG A 86 11.87 -3.90 20.96
N HIS A 87 11.75 -4.06 22.27
CA HIS A 87 12.53 -3.26 23.21
C HIS A 87 13.96 -3.77 23.29
N SER A 88 14.91 -2.90 22.94
CA SER A 88 16.32 -3.27 22.97
C SER A 88 17.20 -2.05 23.26
N GLY A 89 17.96 -2.13 24.36
CA GLY A 89 18.81 -1.03 24.74
C GLY A 89 18.34 -0.31 25.99
N PRO A 90 19.28 0.19 26.79
CA PRO A 90 18.98 0.91 28.03
C PRO A 90 18.33 2.26 27.77
N SER A 91 17.85 2.89 28.84
CA SER A 91 17.20 4.20 28.73
C SER A 91 17.35 4.99 30.02
N SER A 92 17.89 6.20 29.93
CA SER A 92 18.08 7.05 31.09
C SER A 92 17.22 8.31 30.99
N GLY A 93 16.18 8.38 31.82
CA GLY A 93 15.31 9.53 31.81
C GLY A 93 16.01 10.81 32.21
N GLY A 1 -14.52 10.80 12.33
CA GLY A 1 -15.14 9.96 13.33
C GLY A 1 -14.32 8.72 13.65
N SER A 2 -14.44 8.23 14.87
CA SER A 2 -13.69 7.05 15.30
C SER A 2 -12.25 7.12 14.82
N SER A 3 -11.65 8.30 14.92
CA SER A 3 -10.27 8.50 14.49
C SER A 3 -9.32 8.53 15.68
N GLY A 4 -8.76 7.37 16.02
CA GLY A 4 -7.85 7.29 17.14
C GLY A 4 -6.43 6.95 16.72
N SER A 5 -5.68 6.30 17.61
CA SER A 5 -4.31 5.92 17.33
C SER A 5 -4.23 4.45 16.92
N SER A 6 -3.81 4.19 15.69
CA SER A 6 -3.68 2.83 15.19
C SER A 6 -2.31 2.59 14.57
N GLY A 7 -1.52 1.74 15.22
CA GLY A 7 -0.18 1.44 14.72
C GLY A 7 -0.17 0.27 13.78
N LEU A 8 -0.16 0.55 12.47
CA LEU A 8 -0.14 -0.48 11.46
C LEU A 8 0.99 -0.27 10.46
N ARG A 9 1.85 -1.27 10.31
CA ARG A 9 2.98 -1.18 9.39
C ARG A 9 2.51 -0.73 8.01
N PRO A 10 3.33 0.09 7.35
CA PRO A 10 3.04 0.61 6.01
C PRO A 10 3.11 -0.47 4.95
N PHE A 11 2.66 -0.14 3.73
CA PHE A 11 2.67 -1.09 2.63
C PHE A 11 3.67 -0.65 1.56
N ASN A 12 4.89 -1.17 1.65
CA ASN A 12 5.94 -0.83 0.69
C ASN A 12 6.32 -2.04 -0.15
N LEU A 13 6.03 -1.99 -1.44
CA LEU A 13 6.34 -3.09 -2.35
C LEU A 13 6.78 -2.56 -3.71
N VAL A 14 7.59 -3.35 -4.41
CA VAL A 14 8.08 -2.96 -5.72
C VAL A 14 7.69 -3.98 -6.78
N ILE A 15 6.78 -3.59 -7.68
CA ILE A 15 6.32 -4.46 -8.74
C ILE A 15 7.09 -4.22 -10.03
N PRO A 16 7.55 -5.31 -10.66
CA PRO A 16 8.31 -5.25 -11.91
C PRO A 16 7.44 -4.81 -13.09
N PHE A 17 7.22 -3.50 -13.21
CA PHE A 17 6.42 -2.96 -14.29
C PHE A 17 6.96 -1.61 -14.76
N ALA A 18 7.41 -1.57 -16.01
CA ALA A 18 7.96 -0.34 -16.58
C ALA A 18 6.86 0.69 -16.83
N VAL A 19 7.16 1.94 -16.52
CA VAL A 19 6.20 3.03 -16.71
C VAL A 19 6.75 4.08 -17.66
N GLN A 20 6.20 4.11 -18.87
CA GLN A 20 6.63 5.07 -19.88
C GLN A 20 5.47 5.94 -20.34
N LYS A 21 5.56 7.24 -20.08
CA LYS A 21 4.52 8.18 -20.46
C LYS A 21 3.13 7.55 -20.30
N GLY A 22 2.95 6.81 -19.20
CA GLY A 22 1.68 6.18 -18.94
C GLY A 22 1.10 6.59 -17.60
N GLU A 23 -0.21 6.41 -17.45
CA GLU A 23 -0.90 6.76 -16.21
C GLU A 23 -1.07 5.55 -15.32
N LEU A 24 -0.43 5.57 -14.16
CA LEU A 24 -0.51 4.47 -13.21
C LEU A 24 -1.31 4.88 -11.97
N THR A 25 -2.56 4.44 -11.91
CA THR A 25 -3.42 4.75 -10.78
C THR A 25 -3.82 3.49 -10.03
N GLY A 26 -4.36 3.67 -8.83
CA GLY A 26 -4.78 2.54 -8.02
C GLY A 26 -5.73 2.93 -6.92
N GLU A 27 -6.28 1.94 -6.22
CA GLU A 27 -7.22 2.18 -5.13
C GLU A 27 -7.10 1.11 -4.06
N VAL A 28 -7.53 1.45 -2.84
CA VAL A 28 -7.47 0.52 -1.72
C VAL A 28 -8.84 0.37 -1.06
N ARG A 29 -9.11 -0.83 -0.54
CA ARG A 29 -10.38 -1.09 0.12
C ARG A 29 -10.15 -1.65 1.52
N MET A 30 -10.84 -1.07 2.50
CA MET A 30 -10.71 -1.50 3.88
C MET A 30 -11.96 -2.26 4.33
N PRO A 31 -11.79 -3.17 5.30
CA PRO A 31 -12.88 -3.99 5.83
C PRO A 31 -13.87 -3.16 6.65
N SER A 32 -13.54 -1.88 6.85
CA SER A 32 -14.40 -0.99 7.62
C SER A 32 -15.64 -0.61 6.82
N GLY A 33 -15.47 -0.43 5.52
CA GLY A 33 -16.58 -0.07 4.66
C GLY A 33 -16.30 1.15 3.82
N LYS A 34 -15.03 1.56 3.77
CA LYS A 34 -14.62 2.72 3.00
C LYS A 34 -13.46 2.38 2.07
N THR A 35 -12.96 3.39 1.36
CA THR A 35 -11.86 3.19 0.44
C THR A 35 -10.88 4.36 0.49
N ALA A 36 -9.61 4.08 0.21
CA ALA A 36 -8.58 5.11 0.23
C ALA A 36 -7.65 4.97 -0.96
N ARG A 37 -7.21 6.10 -1.51
CA ARG A 37 -6.31 6.10 -2.66
C ARG A 37 -4.86 5.93 -2.22
N PRO A 38 -4.21 4.86 -2.69
CA PRO A 38 -2.82 4.57 -2.36
C PRO A 38 -1.85 5.55 -2.99
N ASN A 39 -0.57 5.18 -3.03
CA ASN A 39 0.46 6.03 -3.61
C ASN A 39 1.44 5.21 -4.42
N ILE A 40 1.90 5.78 -5.54
CA ILE A 40 2.85 5.09 -6.41
C ILE A 40 3.98 6.03 -6.83
N THR A 41 5.21 5.62 -6.54
CA THR A 41 6.39 6.42 -6.88
C THR A 41 7.01 5.95 -8.20
N ASP A 42 6.63 6.60 -9.29
CA ASP A 42 7.15 6.25 -10.61
C ASP A 42 8.66 6.41 -10.64
N ASN A 43 9.37 5.29 -10.87
CA ASN A 43 10.82 5.31 -10.93
C ASN A 43 11.31 5.46 -12.36
N LYS A 44 10.50 4.99 -13.31
CA LYS A 44 10.84 5.08 -14.71
C LYS A 44 12.14 4.34 -15.01
N ASP A 45 12.43 3.32 -14.21
CA ASP A 45 13.65 2.54 -14.37
C ASP A 45 13.31 1.08 -14.72
N GLY A 46 12.02 0.77 -14.74
CA GLY A 46 11.59 -0.57 -15.06
C GLY A 46 10.81 -1.21 -13.93
N THR A 47 10.56 -0.44 -12.88
CA THR A 47 9.83 -0.93 -11.72
C THR A 47 8.97 0.17 -11.09
N ILE A 48 8.06 -0.22 -10.21
CA ILE A 48 7.19 0.73 -9.54
C ILE A 48 7.08 0.42 -8.05
N THR A 49 7.11 1.46 -7.23
CA THR A 49 7.02 1.31 -5.79
C THR A 49 5.65 1.75 -5.28
N VAL A 50 4.98 0.88 -4.53
CA VAL A 50 3.67 1.19 -3.98
C VAL A 50 3.76 1.53 -2.51
N ARG A 51 3.05 2.57 -2.10
CA ARG A 51 3.04 3.00 -0.70
C ARG A 51 1.62 3.30 -0.23
N TYR A 52 1.20 2.59 0.82
CA TYR A 52 -0.13 2.78 1.37
C TYR A 52 -0.11 2.74 2.90
N ALA A 53 -0.84 3.66 3.52
CA ALA A 53 -0.89 3.73 4.98
C ALA A 53 -2.24 3.24 5.49
N PRO A 54 -2.29 1.95 5.88
CA PRO A 54 -3.52 1.33 6.40
C PRO A 54 -3.89 1.87 7.78
N THR A 55 -5.14 2.30 7.91
CA THR A 55 -5.63 2.83 9.19
C THR A 55 -6.12 1.71 10.10
N GLU A 56 -6.78 0.72 9.50
CA GLU A 56 -7.30 -0.40 10.27
C GLU A 56 -6.62 -1.71 9.85
N LYS A 57 -6.78 -2.74 10.67
CA LYS A 57 -6.18 -4.04 10.39
C LYS A 57 -7.18 -4.97 9.72
N GLY A 58 -6.69 -5.78 8.78
CA GLY A 58 -7.55 -6.71 8.08
C GLY A 58 -7.18 -6.84 6.60
N LEU A 59 -7.97 -7.62 5.87
CA LEU A 59 -7.71 -7.83 4.45
C LEU A 59 -8.06 -6.58 3.65
N HIS A 60 -7.11 -6.14 2.82
CA HIS A 60 -7.33 -4.95 1.98
C HIS A 60 -7.16 -5.29 0.51
N GLN A 61 -8.02 -4.72 -0.33
CA GLN A 61 -7.96 -4.96 -1.76
C GLN A 61 -7.29 -3.79 -2.49
N MET A 62 -6.22 -4.09 -3.23
CA MET A 62 -5.51 -3.06 -3.96
C MET A 62 -5.54 -3.34 -5.47
N GLY A 63 -6.14 -2.41 -6.21
CA GLY A 63 -6.23 -2.57 -7.66
C GLY A 63 -5.56 -1.44 -8.41
N ILE A 64 -4.50 -1.76 -9.14
CA ILE A 64 -3.77 -0.77 -9.92
C ILE A 64 -4.16 -0.83 -11.39
N LYS A 65 -3.87 0.25 -12.11
CA LYS A 65 -4.18 0.33 -13.54
C LYS A 65 -3.12 1.12 -14.29
N TYR A 66 -2.97 0.83 -15.57
CA TYR A 66 -1.99 1.52 -16.40
C TYR A 66 -2.60 1.92 -17.74
N ASP A 67 -2.93 3.20 -17.87
CA ASP A 67 -3.52 3.72 -19.10
C ASP A 67 -4.74 2.90 -19.50
N GLY A 68 -5.49 2.43 -18.51
CA GLY A 68 -6.67 1.63 -18.77
C GLY A 68 -6.35 0.17 -19.02
N ASN A 69 -5.43 -0.37 -18.21
CA ASN A 69 -5.04 -1.76 -18.34
C ASN A 69 -4.54 -2.31 -17.02
N HIS A 70 -5.23 -3.33 -16.50
CA HIS A 70 -4.85 -3.94 -15.23
C HIS A 70 -3.40 -4.42 -15.26
N ILE A 71 -2.52 -3.63 -14.66
CA ILE A 71 -1.10 -3.96 -14.61
C ILE A 71 -0.89 -5.42 -14.25
N PRO A 72 0.23 -6.00 -14.69
CA PRO A 72 0.58 -7.40 -14.43
C PRO A 72 0.93 -7.63 -12.96
N GLY A 73 -0.05 -8.05 -12.17
CA GLY A 73 0.19 -8.30 -10.76
C GLY A 73 -0.86 -7.66 -9.88
N SER A 74 -1.97 -7.25 -10.48
CA SER A 74 -3.06 -6.61 -9.74
C SER A 74 -4.42 -7.04 -10.27
N PRO A 75 -5.45 -6.98 -9.41
CA PRO A 75 -5.28 -6.52 -8.03
C PRO A 75 -4.50 -7.52 -7.17
N LEU A 76 -4.27 -7.15 -5.92
CA LEU A 76 -3.53 -8.02 -5.01
C LEU A 76 -4.16 -8.01 -3.62
N GLN A 77 -3.80 -8.99 -2.79
CA GLN A 77 -4.34 -9.09 -1.44
C GLN A 77 -3.23 -8.95 -0.41
N PHE A 78 -3.51 -8.20 0.66
CA PHE A 78 -2.53 -7.99 1.71
C PHE A 78 -3.22 -7.76 3.06
N TYR A 79 -2.80 -8.50 4.08
CA TYR A 79 -3.38 -8.38 5.40
C TYR A 79 -2.55 -7.45 6.28
N VAL A 80 -3.21 -6.54 6.98
CA VAL A 80 -2.53 -5.60 7.86
C VAL A 80 -2.64 -6.04 9.32
N ASP A 81 -1.63 -5.68 10.11
CA ASP A 81 -1.60 -6.04 11.53
C ASP A 81 -0.78 -5.01 12.33
N ALA A 82 -1.03 -4.97 13.63
CA ALA A 82 -0.31 -4.04 14.51
C ALA A 82 1.19 -4.17 14.31
N ILE A 83 1.87 -3.02 14.28
CA ILE A 83 3.31 -2.99 14.11
C ILE A 83 4.02 -3.85 15.16
N ASN A 84 4.78 -4.83 14.70
CA ASN A 84 5.50 -5.72 15.60
C ASN A 84 6.94 -5.26 15.78
N SER A 85 7.29 -4.86 16.99
CA SER A 85 8.64 -4.40 17.31
C SER A 85 8.98 -4.65 18.77
N ARG A 86 10.28 -4.73 19.05
CA ARG A 86 10.74 -4.98 20.42
C ARG A 86 11.65 -3.85 20.88
N HIS A 87 12.76 -3.65 20.18
CA HIS A 87 13.72 -2.60 20.53
C HIS A 87 13.71 -1.49 19.49
N SER A 88 13.32 -0.29 19.91
CA SER A 88 13.27 0.86 19.01
C SER A 88 14.61 1.58 18.97
N GLY A 89 15.20 1.65 17.78
CA GLY A 89 16.48 2.32 17.62
C GLY A 89 16.95 2.36 16.18
N PRO A 90 16.21 3.10 15.33
CA PRO A 90 16.54 3.22 13.92
C PRO A 90 17.81 4.03 13.68
N SER A 91 17.95 5.13 14.42
CA SER A 91 19.12 5.99 14.29
C SER A 91 20.21 5.58 15.28
N SER A 92 21.38 6.20 15.15
CA SER A 92 22.51 5.90 16.03
C SER A 92 23.07 7.17 16.64
N GLY A 93 22.94 7.29 17.96
CA GLY A 93 23.45 8.46 18.65
C GLY A 93 22.42 9.59 18.69
N GLY A 1 -15.17 0.42 21.41
CA GLY A 1 -14.05 1.26 21.83
C GLY A 1 -13.52 2.13 20.71
N SER A 2 -13.79 3.43 20.80
CA SER A 2 -13.35 4.37 19.78
C SER A 2 -11.98 4.00 19.23
N SER A 3 -11.91 3.68 17.95
CA SER A 3 -10.66 3.29 17.32
C SER A 3 -9.93 4.51 16.75
N GLY A 4 -9.08 5.11 17.57
CA GLY A 4 -8.33 6.29 17.14
C GLY A 4 -7.26 5.95 16.13
N SER A 5 -6.03 6.40 16.40
CA SER A 5 -4.91 6.15 15.50
C SER A 5 -4.25 4.81 15.82
N SER A 6 -4.79 3.74 15.24
CA SER A 6 -4.25 2.40 15.47
C SER A 6 -2.95 2.20 14.71
N GLY A 7 -1.92 1.74 15.42
CA GLY A 7 -0.63 1.51 14.80
C GLY A 7 -0.65 0.32 13.85
N LEU A 8 -0.40 0.59 12.57
CA LEU A 8 -0.38 -0.47 11.56
C LEU A 8 0.77 -0.27 10.59
N ARG A 9 1.56 -1.32 10.40
CA ARG A 9 2.71 -1.27 9.50
C ARG A 9 2.28 -0.80 8.10
N PRO A 10 3.14 0.00 7.46
CA PRO A 10 2.86 0.53 6.12
C PRO A 10 2.91 -0.55 5.05
N PHE A 11 2.51 -0.20 3.84
CA PHE A 11 2.51 -1.14 2.72
C PHE A 11 3.44 -0.66 1.61
N ASN A 12 4.68 -1.15 1.64
CA ASN A 12 5.67 -0.78 0.63
C ASN A 12 6.10 -1.99 -0.18
N LEU A 13 5.74 -2.01 -1.46
CA LEU A 13 6.09 -3.12 -2.34
C LEU A 13 6.56 -2.59 -3.69
N VAL A 14 7.33 -3.42 -4.40
CA VAL A 14 7.85 -3.04 -5.70
C VAL A 14 7.49 -4.09 -6.76
N ILE A 15 6.68 -3.67 -7.73
CA ILE A 15 6.26 -4.56 -8.80
C ILE A 15 7.06 -4.32 -10.07
N PRO A 16 7.54 -5.41 -10.69
CA PRO A 16 8.33 -5.34 -11.93
C PRO A 16 7.49 -4.91 -13.12
N PHE A 17 7.27 -3.61 -13.23
CA PHE A 17 6.48 -3.07 -14.34
C PHE A 17 7.02 -1.71 -14.79
N ALA A 18 7.54 -1.67 -16.01
CA ALA A 18 8.09 -0.43 -16.55
C ALA A 18 6.99 0.57 -16.87
N VAL A 19 7.22 1.83 -16.47
CA VAL A 19 6.25 2.89 -16.72
C VAL A 19 6.81 3.95 -17.64
N GLN A 20 6.12 4.17 -18.76
CA GLN A 20 6.55 5.17 -19.74
C GLN A 20 5.36 5.89 -20.35
N LYS A 21 5.41 7.21 -20.37
CA LYS A 21 4.33 8.01 -20.93
C LYS A 21 2.98 7.38 -20.64
N GLY A 22 2.81 6.85 -19.44
CA GLY A 22 1.56 6.22 -19.06
C GLY A 22 1.07 6.67 -17.70
N GLU A 23 -0.24 6.56 -17.48
CA GLU A 23 -0.84 6.98 -16.22
C GLU A 23 -1.09 5.77 -15.32
N LEU A 24 -0.40 5.72 -14.19
CA LEU A 24 -0.54 4.63 -13.25
C LEU A 24 -1.39 5.04 -12.05
N THR A 25 -2.61 4.50 -11.99
CA THR A 25 -3.53 4.82 -10.90
C THR A 25 -3.89 3.57 -10.11
N GLY A 26 -4.44 3.77 -8.92
CA GLY A 26 -4.82 2.65 -8.07
C GLY A 26 -5.80 3.05 -6.98
N GLU A 27 -6.26 2.06 -6.23
CA GLU A 27 -7.21 2.32 -5.14
C GLU A 27 -7.16 1.20 -4.10
N VAL A 28 -7.50 1.56 -2.86
CA VAL A 28 -7.48 0.58 -1.76
C VAL A 28 -8.84 0.53 -1.07
N ARG A 29 -9.22 -0.66 -0.64
CA ARG A 29 -10.50 -0.85 0.05
C ARG A 29 -10.29 -1.50 1.41
N MET A 30 -10.57 -0.75 2.47
CA MET A 30 -10.42 -1.26 3.83
C MET A 30 -11.64 -2.06 4.25
N PRO A 31 -11.42 -3.04 5.16
CA PRO A 31 -12.49 -3.90 5.66
C PRO A 31 -13.47 -3.15 6.55
N SER A 32 -13.11 -1.92 6.91
CA SER A 32 -13.95 -1.10 7.78
C SER A 32 -15.24 -0.68 7.05
N GLY A 33 -15.11 -0.38 5.76
CA GLY A 33 -16.25 0.03 4.97
C GLY A 33 -16.01 1.32 4.22
N LYS A 34 -14.75 1.62 3.94
CA LYS A 34 -14.39 2.84 3.22
C LYS A 34 -13.32 2.55 2.18
N THR A 35 -12.94 3.58 1.43
CA THR A 35 -11.93 3.44 0.39
C THR A 35 -10.94 4.60 0.43
N ALA A 36 -9.67 4.30 0.18
CA ALA A 36 -8.62 5.31 0.18
C ALA A 36 -7.68 5.13 -1.00
N ARG A 37 -7.22 6.25 -1.56
CA ARG A 37 -6.31 6.22 -2.70
C ARG A 37 -4.87 6.01 -2.24
N PRO A 38 -4.24 4.92 -2.72
CA PRO A 38 -2.86 4.59 -2.37
C PRO A 38 -1.85 5.56 -2.99
N ASN A 39 -0.59 5.15 -3.01
CA ASN A 39 0.46 5.99 -3.58
C ASN A 39 1.41 5.16 -4.43
N ILE A 40 1.94 5.79 -5.48
CA ILE A 40 2.86 5.10 -6.39
C ILE A 40 4.00 6.03 -6.81
N THR A 41 5.23 5.63 -6.49
CA THR A 41 6.39 6.43 -6.85
C THR A 41 7.00 5.96 -8.16
N ASP A 42 6.66 6.65 -9.25
CA ASP A 42 7.17 6.29 -10.56
C ASP A 42 8.69 6.35 -10.59
N ASN A 43 9.32 5.23 -10.89
CA ASN A 43 10.77 5.15 -10.95
C ASN A 43 11.27 5.32 -12.38
N LYS A 44 10.44 4.94 -13.33
CA LYS A 44 10.79 5.04 -14.75
C LYS A 44 12.09 4.29 -15.04
N ASP A 45 12.35 3.25 -14.27
CA ASP A 45 13.56 2.45 -14.44
C ASP A 45 13.21 1.01 -14.80
N GLY A 46 11.92 0.71 -14.83
CA GLY A 46 11.47 -0.63 -15.16
C GLY A 46 10.62 -1.24 -14.05
N THR A 47 10.57 -0.57 -12.91
CA THR A 47 9.80 -1.04 -11.77
C THR A 47 8.95 0.07 -11.17
N ILE A 48 8.03 -0.30 -10.29
CA ILE A 48 7.16 0.67 -9.63
C ILE A 48 7.07 0.41 -8.13
N THR A 49 7.05 1.49 -7.35
CA THR A 49 6.96 1.39 -5.91
C THR A 49 5.59 1.80 -5.40
N VAL A 50 4.94 0.90 -4.67
CA VAL A 50 3.62 1.18 -4.13
C VAL A 50 3.69 1.50 -2.63
N ARG A 51 2.94 2.51 -2.21
CA ARG A 51 2.92 2.90 -0.81
C ARG A 51 1.49 3.20 -0.34
N TYR A 52 1.09 2.57 0.76
CA TYR A 52 -0.24 2.76 1.31
C TYR A 52 -0.22 2.73 2.83
N ALA A 53 -1.11 3.51 3.43
CA ALA A 53 -1.19 3.59 4.90
C ALA A 53 -2.53 3.04 5.39
N PRO A 54 -2.51 1.78 5.86
CA PRO A 54 -3.72 1.12 6.38
C PRO A 54 -4.18 1.71 7.70
N THR A 55 -5.46 2.07 7.77
CA THR A 55 -6.04 2.65 8.97
C THR A 55 -6.52 1.56 9.92
N GLU A 56 -7.03 0.47 9.36
CA GLU A 56 -7.53 -0.64 10.17
C GLU A 56 -6.76 -1.92 9.86
N LYS A 57 -7.10 -3.00 10.57
CA LYS A 57 -6.46 -4.28 10.38
C LYS A 57 -7.35 -5.22 9.58
N GLY A 58 -6.72 -6.16 8.87
CA GLY A 58 -7.48 -7.11 8.07
C GLY A 58 -7.00 -7.16 6.63
N LEU A 59 -7.63 -8.02 5.83
CA LEU A 59 -7.27 -8.15 4.42
C LEU A 59 -7.79 -6.98 3.61
N HIS A 60 -6.93 -6.43 2.76
CA HIS A 60 -7.30 -5.29 1.92
C HIS A 60 -7.24 -5.67 0.44
N GLN A 61 -7.83 -4.82 -0.40
CA GLN A 61 -7.84 -5.06 -1.84
C GLN A 61 -7.30 -3.86 -2.60
N MET A 62 -6.15 -4.03 -3.24
CA MET A 62 -5.53 -2.96 -4.01
C MET A 62 -5.57 -3.26 -5.50
N GLY A 63 -6.13 -2.33 -6.27
CA GLY A 63 -6.22 -2.52 -7.71
C GLY A 63 -5.52 -1.42 -8.48
N ILE A 64 -4.40 -1.76 -9.12
CA ILE A 64 -3.64 -0.79 -9.90
C ILE A 64 -4.03 -0.84 -11.38
N LYS A 65 -3.79 0.26 -12.08
CA LYS A 65 -4.12 0.34 -13.50
C LYS A 65 -3.04 1.13 -14.26
N TYR A 66 -2.91 0.83 -15.54
CA TYR A 66 -1.92 1.51 -16.38
C TYR A 66 -2.53 1.93 -17.72
N ASP A 67 -2.84 3.21 -17.84
CA ASP A 67 -3.42 3.75 -19.06
C ASP A 67 -4.68 2.97 -19.45
N GLY A 68 -5.35 2.41 -18.45
CA GLY A 68 -6.55 1.64 -18.71
C GLY A 68 -6.26 0.17 -18.94
N ASN A 69 -5.37 -0.38 -18.13
CA ASN A 69 -5.01 -1.79 -18.25
C ASN A 69 -4.51 -2.34 -16.91
N HIS A 70 -5.21 -3.36 -16.40
CA HIS A 70 -4.84 -3.97 -15.13
C HIS A 70 -3.39 -4.44 -15.17
N ILE A 71 -2.50 -3.66 -14.56
CA ILE A 71 -1.08 -4.01 -14.52
C ILE A 71 -0.89 -5.49 -14.16
N PRO A 72 0.23 -6.06 -14.63
CA PRO A 72 0.56 -7.47 -14.37
C PRO A 72 0.92 -7.72 -12.90
N GLY A 73 -0.08 -8.03 -12.09
CA GLY A 73 0.16 -8.29 -10.69
C GLY A 73 -0.92 -7.71 -9.80
N SER A 74 -1.90 -7.05 -10.41
CA SER A 74 -2.99 -6.44 -9.67
C SER A 74 -4.34 -6.93 -10.18
N PRO A 75 -5.36 -6.90 -9.30
CA PRO A 75 -5.20 -6.42 -7.93
C PRO A 75 -4.36 -7.36 -7.07
N LEU A 76 -4.07 -6.94 -5.85
CA LEU A 76 -3.28 -7.75 -4.93
C LEU A 76 -3.94 -7.81 -3.56
N GLN A 77 -3.45 -8.72 -2.72
CA GLN A 77 -4.00 -8.88 -1.37
C GLN A 77 -2.91 -8.71 -0.32
N PHE A 78 -3.21 -7.94 0.72
CA PHE A 78 -2.27 -7.68 1.79
C PHE A 78 -2.97 -7.52 3.13
N TYR A 79 -2.55 -8.30 4.12
CA TYR A 79 -3.15 -8.25 5.45
C TYR A 79 -2.41 -7.26 6.34
N VAL A 80 -3.17 -6.43 7.06
CA VAL A 80 -2.59 -5.44 7.96
C VAL A 80 -2.60 -5.94 9.40
N ASP A 81 -1.53 -5.64 10.12
CA ASP A 81 -1.41 -6.05 11.51
C ASP A 81 -0.75 -4.95 12.35
N ALA A 82 -1.02 -4.98 13.66
CA ALA A 82 -0.46 -3.98 14.57
C ALA A 82 1.06 -4.01 14.55
N ILE A 83 1.67 -2.84 14.43
CA ILE A 83 3.12 -2.74 14.41
C ILE A 83 3.75 -3.37 15.66
N ASN A 84 4.46 -4.46 15.46
CA ASN A 84 5.10 -5.16 16.56
C ASN A 84 6.15 -4.27 17.23
N SER A 85 5.79 -3.70 18.39
CA SER A 85 6.69 -2.83 19.12
C SER A 85 7.79 -3.64 19.80
N ARG A 86 7.40 -4.64 20.56
CA ARG A 86 8.35 -5.49 21.27
C ARG A 86 9.44 -4.65 21.92
N HIS A 87 9.04 -3.57 22.60
CA HIS A 87 9.98 -2.68 23.26
C HIS A 87 10.42 -3.27 24.60
N SER A 88 11.69 -3.66 24.68
CA SER A 88 12.24 -4.24 25.90
C SER A 88 13.01 -3.20 26.70
N GLY A 89 12.40 -2.70 27.76
CA GLY A 89 13.05 -1.70 28.58
C GLY A 89 13.23 -0.37 27.87
N PRO A 90 13.15 0.73 28.63
CA PRO A 90 13.29 2.08 28.07
C PRO A 90 14.72 2.38 27.63
N SER A 91 14.89 3.45 26.86
CA SER A 91 16.20 3.83 26.36
C SER A 91 16.86 4.85 27.29
N SER A 92 18.19 4.90 27.28
CA SER A 92 18.94 5.82 28.11
C SER A 92 20.35 6.03 27.57
N GLY A 93 20.85 7.26 27.70
CA GLY A 93 22.19 7.56 27.22
C GLY A 93 23.20 6.50 27.63
N GLY A 1 -10.21 0.70 17.66
CA GLY A 1 -9.10 1.39 17.04
C GLY A 1 -9.54 2.69 16.39
N SER A 2 -8.84 3.78 16.71
CA SER A 2 -9.16 5.08 16.16
C SER A 2 -8.13 5.49 15.10
N SER A 3 -8.60 6.17 14.06
CA SER A 3 -7.72 6.61 12.98
C SER A 3 -6.50 7.34 13.53
N GLY A 4 -5.32 6.80 13.22
CA GLY A 4 -4.09 7.40 13.70
C GLY A 4 -3.59 6.77 14.98
N SER A 5 -4.49 6.59 15.94
CA SER A 5 -4.14 5.99 17.22
C SER A 5 -3.61 4.58 17.03
N SER A 6 -4.32 3.79 16.22
CA SER A 6 -3.93 2.42 15.95
C SER A 6 -2.65 2.37 15.12
N GLY A 7 -1.64 1.65 15.62
CA GLY A 7 -0.39 1.53 14.91
C GLY A 7 -0.35 0.33 14.00
N LEU A 8 -0.36 0.57 12.69
CA LEU A 8 -0.33 -0.51 11.72
C LEU A 8 0.83 -0.32 10.74
N ARG A 9 1.60 -1.39 10.53
CA ARG A 9 2.74 -1.35 9.63
C ARG A 9 2.31 -0.84 8.25
N PRO A 10 3.17 0.00 7.64
CA PRO A 10 2.91 0.57 6.32
C PRO A 10 3.00 -0.47 5.21
N PHE A 11 2.63 -0.07 4.00
CA PHE A 11 2.67 -0.96 2.85
C PHE A 11 3.69 -0.49 1.82
N ASN A 12 4.79 -1.25 1.69
CA ASN A 12 5.84 -0.92 0.75
C ASN A 12 6.22 -2.12 -0.11
N LEU A 13 5.85 -2.08 -1.38
CA LEU A 13 6.15 -3.18 -2.29
C LEU A 13 6.53 -2.64 -3.67
N VAL A 14 7.46 -3.31 -4.33
CA VAL A 14 7.91 -2.92 -5.66
C VAL A 14 7.53 -3.95 -6.70
N ILE A 15 6.67 -3.56 -7.64
CA ILE A 15 6.23 -4.46 -8.70
C ILE A 15 7.02 -4.23 -9.99
N PRO A 16 7.52 -5.34 -10.58
CA PRO A 16 8.29 -5.27 -11.82
C PRO A 16 7.44 -4.87 -13.03
N PHE A 17 7.18 -3.58 -13.16
CA PHE A 17 6.38 -3.08 -14.27
C PHE A 17 6.94 -1.76 -14.79
N ALA A 18 7.48 -1.79 -16.00
CA ALA A 18 8.06 -0.59 -16.62
C ALA A 18 6.97 0.42 -16.96
N VAL A 19 7.22 1.68 -16.62
CA VAL A 19 6.25 2.75 -16.88
C VAL A 19 6.85 3.77 -17.83
N GLN A 20 6.17 3.98 -18.96
CA GLN A 20 6.63 4.95 -19.96
C GLN A 20 5.53 5.95 -20.29
N LYS A 21 5.71 7.19 -19.86
CA LYS A 21 4.73 8.24 -20.11
C LYS A 21 3.31 7.69 -20.03
N GLY A 22 3.07 6.81 -19.06
CA GLY A 22 1.75 6.23 -18.89
C GLY A 22 1.09 6.66 -17.59
N GLU A 23 -0.23 6.48 -17.52
CA GLU A 23 -0.98 6.86 -16.33
C GLU A 23 -1.15 5.67 -15.40
N LEU A 24 -0.46 5.70 -14.26
CA LEU A 24 -0.53 4.63 -13.29
C LEU A 24 -1.37 5.04 -12.08
N THR A 25 -2.58 4.53 -12.00
CA THR A 25 -3.48 4.84 -10.90
C THR A 25 -3.88 3.59 -10.13
N GLY A 26 -4.35 3.78 -8.90
CA GLY A 26 -4.76 2.65 -8.09
C GLY A 26 -5.74 3.04 -7.00
N GLU A 27 -6.20 2.06 -6.23
CA GLU A 27 -7.15 2.31 -5.16
C GLU A 27 -7.08 1.21 -4.09
N VAL A 28 -7.53 1.54 -2.89
CA VAL A 28 -7.52 0.57 -1.79
C VAL A 28 -8.89 0.48 -1.13
N ARG A 29 -9.24 -0.71 -0.67
CA ARG A 29 -10.52 -0.94 -0.01
C ARG A 29 -10.33 -1.58 1.36
N MET A 30 -10.74 -0.87 2.41
CA MET A 30 -10.61 -1.38 3.76
C MET A 30 -11.85 -2.17 4.17
N PRO A 31 -11.67 -3.13 5.09
CA PRO A 31 -12.76 -3.97 5.58
C PRO A 31 -13.75 -3.19 6.44
N SER A 32 -13.36 -1.99 6.86
CA SER A 32 -14.21 -1.15 7.68
C SER A 32 -15.47 -0.75 6.93
N GLY A 33 -15.32 -0.43 5.65
CA GLY A 33 -16.45 -0.02 4.84
C GLY A 33 -16.19 1.26 4.07
N LYS A 34 -14.92 1.56 3.83
CA LYS A 34 -14.54 2.76 3.12
C LYS A 34 -13.47 2.46 2.07
N THR A 35 -13.03 3.49 1.36
CA THR A 35 -12.00 3.33 0.33
C THR A 35 -11.01 4.48 0.36
N ALA A 36 -9.74 4.16 0.13
CA ALA A 36 -8.69 5.17 0.14
C ALA A 36 -7.79 5.03 -1.09
N ARG A 37 -7.15 6.12 -1.47
CA ARG A 37 -6.25 6.12 -2.63
C ARG A 37 -4.80 5.96 -2.19
N PRO A 38 -4.15 4.88 -2.67
CA PRO A 38 -2.75 4.60 -2.33
C PRO A 38 -1.78 5.58 -3.00
N ASN A 39 -0.51 5.22 -3.03
CA ASN A 39 0.51 6.07 -3.64
C ASN A 39 1.50 5.24 -4.45
N ILE A 40 1.96 5.79 -5.56
CA ILE A 40 2.91 5.10 -6.43
C ILE A 40 4.03 6.04 -6.86
N THR A 41 5.28 5.62 -6.63
CA THR A 41 6.44 6.42 -7.01
C THR A 41 7.06 5.91 -8.30
N ASP A 42 6.69 6.52 -9.42
CA ASP A 42 7.22 6.13 -10.72
C ASP A 42 8.73 6.31 -10.77
N ASN A 43 9.45 5.21 -10.92
CA ASN A 43 10.91 5.24 -10.98
C ASN A 43 11.39 5.37 -12.42
N LYS A 44 10.54 4.95 -13.35
CA LYS A 44 10.88 5.01 -14.78
C LYS A 44 12.17 4.25 -15.06
N ASP A 45 12.44 3.23 -14.25
CA ASP A 45 13.64 2.42 -14.42
C ASP A 45 13.27 0.98 -14.74
N GLY A 46 11.98 0.69 -14.78
CA GLY A 46 11.52 -0.65 -15.07
C GLY A 46 10.75 -1.27 -13.92
N THR A 47 10.52 -0.48 -12.88
CA THR A 47 9.79 -0.96 -11.71
C THR A 47 8.92 0.14 -11.12
N ILE A 48 8.03 -0.24 -10.20
CA ILE A 48 7.15 0.73 -9.56
C ILE A 48 7.06 0.47 -8.06
N THR A 49 7.08 1.54 -7.27
CA THR A 49 7.00 1.43 -5.82
C THR A 49 5.61 1.81 -5.32
N VAL A 50 5.04 0.94 -4.49
CA VAL A 50 3.71 1.19 -3.94
C VAL A 50 3.79 1.57 -2.46
N ARG A 51 3.10 2.65 -2.09
CA ARG A 51 3.10 3.11 -0.71
C ARG A 51 1.67 3.41 -0.24
N TYR A 52 1.25 2.72 0.81
CA TYR A 52 -0.09 2.91 1.36
C TYR A 52 -0.06 2.94 2.88
N ALA A 53 -1.04 3.62 3.47
CA ALA A 53 -1.13 3.72 4.93
C ALA A 53 -2.46 3.18 5.43
N PRO A 54 -2.46 1.92 5.89
CA PRO A 54 -3.66 1.26 6.41
C PRO A 54 -4.11 1.85 7.74
N THR A 55 -5.40 2.14 7.86
CA THR A 55 -5.95 2.70 9.08
C THR A 55 -6.43 1.60 10.02
N GLU A 56 -6.83 0.47 9.46
CA GLU A 56 -7.31 -0.65 10.25
C GLU A 56 -6.57 -1.94 9.87
N LYS A 57 -6.87 -3.01 10.59
CA LYS A 57 -6.25 -4.30 10.33
C LYS A 57 -7.19 -5.23 9.58
N GLY A 58 -6.64 -6.04 8.69
CA GLY A 58 -7.45 -6.97 7.93
C GLY A 58 -7.05 -7.03 6.46
N LEU A 59 -7.59 -8.00 5.74
CA LEU A 59 -7.28 -8.16 4.32
C LEU A 59 -7.83 -7.00 3.50
N HIS A 60 -6.95 -6.33 2.77
CA HIS A 60 -7.35 -5.19 1.94
C HIS A 60 -7.25 -5.56 0.47
N GLN A 61 -7.92 -4.77 -0.37
CA GLN A 61 -7.92 -5.00 -1.81
C GLN A 61 -7.31 -3.83 -2.56
N MET A 62 -6.21 -4.08 -3.26
CA MET A 62 -5.52 -3.04 -4.02
C MET A 62 -5.62 -3.31 -5.52
N GLY A 63 -6.18 -2.36 -6.26
CA GLY A 63 -6.31 -2.51 -7.70
C GLY A 63 -5.64 -1.39 -8.46
N ILE A 64 -4.54 -1.71 -9.14
CA ILE A 64 -3.80 -0.72 -9.91
C ILE A 64 -4.20 -0.77 -11.38
N LYS A 65 -3.89 0.30 -12.11
CA LYS A 65 -4.21 0.39 -13.53
C LYS A 65 -3.14 1.18 -14.28
N TYR A 66 -3.00 0.87 -15.56
CA TYR A 66 -2.01 1.55 -16.40
C TYR A 66 -2.62 1.94 -17.74
N ASP A 67 -2.97 3.22 -17.87
CA ASP A 67 -3.56 3.73 -19.11
C ASP A 67 -4.80 2.92 -19.49
N GLY A 68 -5.49 2.41 -18.49
CA GLY A 68 -6.69 1.62 -18.74
C GLY A 68 -6.38 0.15 -18.95
N ASN A 69 -5.52 -0.40 -18.12
CA ASN A 69 -5.13 -1.81 -18.22
C ASN A 69 -4.63 -2.34 -16.89
N HIS A 70 -5.31 -3.36 -16.38
CA HIS A 70 -4.93 -3.96 -15.10
C HIS A 70 -3.48 -4.44 -15.13
N ILE A 71 -2.59 -3.61 -14.60
CA ILE A 71 -1.17 -3.95 -14.57
C ILE A 71 -0.96 -5.42 -14.21
N PRO A 72 0.16 -5.99 -14.70
CA PRO A 72 0.51 -7.40 -14.44
C PRO A 72 0.88 -7.64 -12.98
N GLY A 73 -0.11 -7.99 -12.17
CA GLY A 73 0.14 -8.25 -10.76
C GLY A 73 -0.93 -7.67 -9.86
N SER A 74 -1.93 -7.03 -10.47
CA SER A 74 -3.02 -6.43 -9.72
C SER A 74 -4.37 -6.89 -10.25
N PRO A 75 -5.39 -6.86 -9.37
CA PRO A 75 -5.23 -6.41 -7.99
C PRO A 75 -4.41 -7.39 -7.15
N LEU A 76 -4.21 -7.05 -5.88
CA LEU A 76 -3.45 -7.91 -4.97
C LEU A 76 -4.08 -7.94 -3.59
N GLN A 77 -3.57 -8.81 -2.73
CA GLN A 77 -4.08 -8.94 -1.37
C GLN A 77 -2.97 -8.76 -0.34
N PHE A 78 -3.22 -7.92 0.65
CA PHE A 78 -2.23 -7.67 1.70
C PHE A 78 -2.91 -7.47 3.05
N TYR A 79 -2.50 -8.28 4.03
CA TYR A 79 -3.08 -8.19 5.37
C TYR A 79 -2.32 -7.18 6.22
N VAL A 80 -3.05 -6.47 7.09
CA VAL A 80 -2.45 -5.48 7.96
C VAL A 80 -2.53 -5.91 9.42
N ASP A 81 -1.43 -5.72 10.15
CA ASP A 81 -1.38 -6.09 11.56
C ASP A 81 -0.83 -4.95 12.39
N ALA A 82 -0.85 -5.11 13.71
CA ALA A 82 -0.36 -4.09 14.63
C ALA A 82 1.17 -3.98 14.55
N ILE A 83 1.66 -2.74 14.54
CA ILE A 83 3.09 -2.50 14.47
C ILE A 83 3.81 -2.97 15.74
N ASN A 84 3.31 -2.51 16.89
CA ASN A 84 3.90 -2.88 18.17
C ASN A 84 3.01 -3.89 18.89
N SER A 85 2.58 -4.92 18.17
CA SER A 85 1.73 -5.95 18.75
C SER A 85 2.30 -6.46 20.07
N ARG A 86 3.49 -7.06 19.99
CA ARG A 86 4.15 -7.60 21.18
C ARG A 86 4.88 -6.49 21.94
N HIS A 87 4.44 -6.23 23.16
CA HIS A 87 5.07 -5.20 23.98
C HIS A 87 6.20 -5.79 24.83
N SER A 88 7.11 -4.93 25.27
CA SER A 88 8.24 -5.35 26.07
C SER A 88 8.60 -4.30 27.11
N GLY A 89 9.14 -4.75 28.24
CA GLY A 89 9.52 -3.83 29.30
C GLY A 89 10.92 -3.29 29.13
N PRO A 90 11.13 -2.02 29.51
CA PRO A 90 12.43 -1.35 29.40
C PRO A 90 13.45 -1.91 30.38
N SER A 91 14.69 -1.47 30.25
CA SER A 91 15.77 -1.93 31.13
C SER A 91 16.88 -0.89 31.21
N SER A 92 17.50 -0.80 32.38
CA SER A 92 18.58 0.16 32.60
C SER A 92 19.87 -0.32 31.94
N GLY A 93 19.98 -0.08 30.64
CA GLY A 93 21.17 -0.50 29.91
C GLY A 93 22.12 0.66 29.65
N GLY A 1 -9.58 1.32 29.80
CA GLY A 1 -8.99 2.44 29.09
C GLY A 1 -8.79 2.16 27.62
N SER A 2 -9.15 3.12 26.77
CA SER A 2 -9.01 2.96 25.33
C SER A 2 -8.03 3.99 24.77
N SER A 3 -7.39 3.63 23.66
CA SER A 3 -6.41 4.52 23.03
C SER A 3 -6.95 5.04 21.70
N GLY A 4 -6.51 6.24 21.31
CA GLY A 4 -6.95 6.83 20.06
C GLY A 4 -5.81 7.03 19.09
N SER A 5 -5.34 5.94 18.49
CA SER A 5 -4.25 6.01 17.53
C SER A 5 -4.26 4.80 16.60
N SER A 6 -3.69 4.96 15.41
CA SER A 6 -3.64 3.89 14.44
C SER A 6 -2.22 3.37 14.28
N GLY A 7 -1.97 2.16 14.78
CA GLY A 7 -0.65 1.57 14.69
C GLY A 7 -0.62 0.35 13.78
N LEU A 8 -0.29 0.58 12.51
CA LEU A 8 -0.23 -0.52 11.54
C LEU A 8 0.96 -0.33 10.59
N ARG A 9 1.67 -1.42 10.33
CA ARG A 9 2.83 -1.37 9.44
C ARG A 9 2.42 -0.91 8.05
N PRO A 10 3.29 -0.11 7.41
CA PRO A 10 3.04 0.43 6.06
C PRO A 10 3.10 -0.66 4.99
N PHE A 11 2.60 -0.34 3.80
CA PHE A 11 2.60 -1.29 2.70
C PHE A 11 3.56 -0.84 1.59
N ASN A 12 4.78 -1.35 1.63
CA ASN A 12 5.79 -1.00 0.64
C ASN A 12 6.17 -2.22 -0.19
N LEU A 13 5.87 -2.16 -1.49
CA LEU A 13 6.18 -3.25 -2.40
C LEU A 13 6.59 -2.72 -3.77
N VAL A 14 7.53 -3.41 -4.41
CA VAL A 14 8.01 -3.01 -5.73
C VAL A 14 7.58 -4.02 -6.80
N ILE A 15 6.80 -3.55 -7.76
CA ILE A 15 6.32 -4.41 -8.83
C ILE A 15 7.10 -4.16 -10.12
N PRO A 16 7.58 -5.23 -10.74
CA PRO A 16 8.35 -5.17 -11.99
C PRO A 16 7.48 -4.75 -13.18
N PHE A 17 7.24 -3.45 -13.30
CA PHE A 17 6.43 -2.92 -14.40
C PHE A 17 6.96 -1.57 -14.86
N ALA A 18 7.41 -1.52 -16.11
CA ALA A 18 7.94 -0.28 -16.67
C ALA A 18 6.84 0.76 -16.84
N VAL A 19 7.22 2.03 -16.79
CA VAL A 19 6.27 3.12 -16.93
C VAL A 19 6.94 4.37 -17.47
N GLN A 20 6.62 4.74 -18.71
CA GLN A 20 7.19 5.92 -19.33
C GLN A 20 6.22 7.10 -19.28
N LYS A 21 5.19 7.05 -20.12
CA LYS A 21 4.20 8.11 -20.16
C LYS A 21 2.88 7.65 -19.56
N GLY A 22 2.46 6.44 -19.90
CA GLY A 22 1.23 5.90 -19.38
C GLY A 22 0.97 6.33 -17.95
N GLU A 23 -0.31 6.42 -17.59
CA GLU A 23 -0.69 6.84 -16.25
C GLU A 23 -0.95 5.62 -15.36
N LEU A 24 -0.32 5.60 -14.19
CA LEU A 24 -0.48 4.50 -13.25
C LEU A 24 -1.30 4.93 -12.04
N THR A 25 -2.54 4.44 -11.97
CA THR A 25 -3.43 4.78 -10.87
C THR A 25 -3.88 3.52 -10.13
N GLY A 26 -4.33 3.70 -8.88
CA GLY A 26 -4.78 2.58 -8.09
C GLY A 26 -5.75 2.99 -7.01
N GLU A 27 -6.19 2.02 -6.21
CA GLU A 27 -7.13 2.29 -5.13
C GLU A 27 -7.07 1.18 -4.07
N VAL A 28 -7.23 1.58 -2.82
CA VAL A 28 -7.20 0.62 -1.71
C VAL A 28 -8.56 0.49 -1.04
N ARG A 29 -8.95 -0.74 -0.73
CA ARG A 29 -10.24 -0.99 -0.09
C ARG A 29 -10.05 -1.57 1.31
N MET A 30 -10.56 -0.86 2.31
CA MET A 30 -10.44 -1.31 3.70
C MET A 30 -11.67 -2.12 4.11
N PRO A 31 -11.48 -3.03 5.07
CA PRO A 31 -12.56 -3.88 5.58
C PRO A 31 -13.58 -3.10 6.39
N SER A 32 -13.19 -1.91 6.82
CA SER A 32 -14.08 -1.07 7.62
C SER A 32 -15.33 -0.70 6.84
N GLY A 33 -15.17 -0.48 5.53
CA GLY A 33 -16.30 -0.13 4.70
C GLY A 33 -16.06 1.13 3.89
N LYS A 34 -14.79 1.43 3.62
CA LYS A 34 -14.43 2.63 2.86
C LYS A 34 -13.28 2.32 1.90
N THR A 35 -12.83 3.35 1.20
CA THR A 35 -11.74 3.20 0.25
C THR A 35 -10.82 4.42 0.26
N ALA A 36 -9.51 4.17 0.15
CA ALA A 36 -8.53 5.25 0.15
C ALA A 36 -7.55 5.09 -1.00
N ARG A 37 -7.19 6.21 -1.62
CA ARG A 37 -6.25 6.20 -2.74
C ARG A 37 -4.83 5.99 -2.25
N PRO A 38 -4.18 4.91 -2.73
CA PRO A 38 -2.81 4.58 -2.35
C PRO A 38 -1.79 5.55 -2.93
N ASN A 39 -0.53 5.16 -2.94
CA ASN A 39 0.54 5.99 -3.47
C ASN A 39 1.50 5.18 -4.33
N ILE A 40 1.92 5.76 -5.44
CA ILE A 40 2.84 5.08 -6.36
C ILE A 40 3.98 6.01 -6.78
N THR A 41 5.21 5.60 -6.48
CA THR A 41 6.38 6.40 -6.83
C THR A 41 6.98 5.94 -8.15
N ASP A 42 6.59 6.60 -9.24
CA ASP A 42 7.09 6.26 -10.56
C ASP A 42 8.61 6.40 -10.63
N ASN A 43 9.29 5.29 -10.88
CA ASN A 43 10.75 5.29 -10.97
C ASN A 43 11.21 5.48 -12.41
N LYS A 44 10.36 5.08 -13.35
CA LYS A 44 10.68 5.21 -14.77
C LYS A 44 11.97 4.47 -15.10
N ASP A 45 12.26 3.42 -14.35
CA ASP A 45 13.47 2.62 -14.57
C ASP A 45 13.12 1.18 -14.90
N GLY A 46 11.82 0.89 -14.95
CA GLY A 46 11.36 -0.46 -15.26
C GLY A 46 10.62 -1.10 -14.10
N THR A 47 10.46 -0.34 -13.01
CA THR A 47 9.76 -0.85 -11.83
C THR A 47 8.94 0.26 -11.18
N ILE A 48 8.01 -0.14 -10.32
CA ILE A 48 7.15 0.82 -9.63
C ILE A 48 7.06 0.50 -8.14
N THR A 49 7.08 1.54 -7.31
CA THR A 49 7.00 1.38 -5.87
C THR A 49 5.62 1.74 -5.35
N VAL A 50 5.02 0.83 -4.59
CA VAL A 50 3.69 1.06 -4.02
C VAL A 50 3.78 1.37 -2.53
N ARG A 51 3.06 2.41 -2.11
CA ARG A 51 3.05 2.81 -0.71
C ARG A 51 1.63 3.13 -0.24
N TYR A 52 1.21 2.47 0.83
CA TYR A 52 -0.12 2.67 1.38
C TYR A 52 -0.10 2.64 2.90
N ALA A 53 -0.92 3.48 3.52
CA ALA A 53 -0.99 3.55 4.98
C ALA A 53 -2.35 3.05 5.47
N PRO A 54 -2.40 1.78 5.89
CA PRO A 54 -3.63 1.17 6.40
C PRO A 54 -4.04 1.73 7.77
N THR A 55 -5.28 2.19 7.86
CA THR A 55 -5.80 2.76 9.10
C THR A 55 -6.38 1.66 10.00
N GLU A 56 -6.92 0.62 9.38
CA GLU A 56 -7.52 -0.48 10.13
C GLU A 56 -6.87 -1.81 9.74
N LYS A 57 -6.97 -2.79 10.62
CA LYS A 57 -6.39 -4.11 10.37
C LYS A 57 -7.30 -4.93 9.47
N GLY A 58 -6.82 -6.11 9.07
CA GLY A 58 -7.61 -6.98 8.21
C GLY A 58 -7.03 -7.08 6.81
N LEU A 59 -7.78 -7.71 5.91
CA LEU A 59 -7.34 -7.87 4.53
C LEU A 59 -7.88 -6.75 3.65
N HIS A 60 -6.97 -6.04 2.99
CA HIS A 60 -7.36 -4.94 2.11
C HIS A 60 -7.16 -5.32 0.65
N GLN A 61 -7.82 -4.58 -0.25
CA GLN A 61 -7.72 -4.84 -1.68
C GLN A 61 -7.10 -3.66 -2.40
N MET A 62 -6.15 -3.94 -3.30
CA MET A 62 -5.47 -2.89 -4.06
C MET A 62 -5.55 -3.18 -5.55
N GLY A 63 -6.24 -2.32 -6.28
CA GLY A 63 -6.38 -2.50 -7.71
C GLY A 63 -5.70 -1.39 -8.50
N ILE A 64 -4.57 -1.72 -9.12
CA ILE A 64 -3.83 -0.73 -9.91
C ILE A 64 -4.18 -0.84 -11.38
N LYS A 65 -3.89 0.22 -12.14
CA LYS A 65 -4.17 0.24 -13.56
C LYS A 65 -3.12 1.07 -14.31
N TYR A 66 -2.97 0.78 -15.59
CA TYR A 66 -1.99 1.49 -16.42
C TYR A 66 -2.61 1.90 -17.75
N ASP A 67 -3.00 3.17 -17.85
CA ASP A 67 -3.60 3.69 -19.08
C ASP A 67 -4.76 2.81 -19.52
N GLY A 68 -5.51 2.29 -18.56
CA GLY A 68 -6.64 1.43 -18.89
C GLY A 68 -6.24 -0.01 -19.08
N ASN A 69 -5.33 -0.50 -18.24
CA ASN A 69 -4.86 -1.87 -18.32
C ASN A 69 -4.41 -2.38 -16.96
N HIS A 70 -5.01 -3.49 -16.52
CA HIS A 70 -4.67 -4.09 -15.23
C HIS A 70 -3.21 -4.54 -15.21
N ILE A 71 -2.37 -3.76 -14.55
CA ILE A 71 -0.95 -4.08 -14.45
C ILE A 71 -0.74 -5.53 -14.02
N PRO A 72 0.39 -6.11 -14.42
CA PRO A 72 0.73 -7.49 -14.08
C PRO A 72 1.05 -7.67 -12.60
N GLY A 73 0.01 -7.94 -11.80
CA GLY A 73 0.20 -8.12 -10.37
C GLY A 73 -0.95 -7.57 -9.57
N SER A 74 -1.88 -6.90 -10.24
CA SER A 74 -3.03 -6.31 -9.57
C SER A 74 -4.34 -6.86 -10.15
N PRO A 75 -5.40 -6.83 -9.34
CA PRO A 75 -5.33 -6.31 -7.97
C PRO A 75 -4.53 -7.21 -7.04
N LEU A 76 -4.37 -6.78 -5.79
CA LEU A 76 -3.62 -7.55 -4.81
C LEU A 76 -4.13 -7.27 -3.39
N GLN A 77 -4.16 -8.31 -2.57
CA GLN A 77 -4.62 -8.17 -1.19
C GLN A 77 -3.48 -8.40 -0.20
N PHE A 78 -3.56 -7.75 0.94
CA PHE A 78 -2.53 -7.89 1.98
C PHE A 78 -3.12 -7.69 3.36
N TYR A 79 -2.73 -8.56 4.30
CA TYR A 79 -3.23 -8.49 5.67
C TYR A 79 -2.44 -7.47 6.48
N VAL A 80 -3.15 -6.72 7.32
CA VAL A 80 -2.53 -5.71 8.16
C VAL A 80 -2.67 -6.05 9.63
N ASP A 81 -1.53 -6.26 10.30
CA ASP A 81 -1.53 -6.59 11.72
C ASP A 81 -0.92 -5.47 12.54
N ALA A 82 -1.51 -5.19 13.70
CA ALA A 82 -1.02 -4.13 14.57
C ALA A 82 0.50 -4.18 14.68
N ILE A 83 1.12 -3.00 14.69
CA ILE A 83 2.57 -2.90 14.81
C ILE A 83 3.06 -3.49 16.12
N ASN A 84 2.46 -3.05 17.22
CA ASN A 84 2.84 -3.54 18.55
C ASN A 84 2.17 -4.87 18.84
N SER A 85 2.94 -5.95 18.65
CA SER A 85 2.42 -7.29 18.90
C SER A 85 3.35 -8.07 19.83
N ARG A 86 2.95 -9.28 20.19
CA ARG A 86 3.74 -10.12 21.07
C ARG A 86 5.01 -10.60 20.38
N HIS A 87 4.84 -11.26 19.24
CA HIS A 87 5.98 -11.78 18.48
C HIS A 87 7.13 -10.77 18.47
N SER A 88 6.84 -9.55 18.03
CA SER A 88 7.84 -8.50 17.96
C SER A 88 8.16 -7.97 19.36
N GLY A 89 9.31 -8.39 19.89
CA GLY A 89 9.71 -7.94 21.22
C GLY A 89 10.57 -6.70 21.18
N PRO A 90 11.00 -6.23 22.36
CA PRO A 90 11.84 -5.04 22.48
C PRO A 90 13.26 -5.26 21.95
N SER A 91 13.71 -6.50 22.02
CA SER A 91 15.05 -6.86 21.53
C SER A 91 16.10 -5.93 22.15
N SER A 92 15.96 -5.66 23.44
CA SER A 92 16.90 -4.80 24.15
C SER A 92 17.57 -5.54 25.29
N GLY A 93 18.72 -6.13 25.01
CA GLY A 93 19.45 -6.87 26.02
C GLY A 93 20.78 -7.39 25.51
N GLY A 1 -8.68 8.41 15.01
CA GLY A 1 -9.85 8.75 14.23
C GLY A 1 -9.52 8.97 12.76
N SER A 2 -8.84 10.06 12.46
CA SER A 2 -8.47 10.38 11.08
C SER A 2 -7.17 11.18 11.04
N SER A 3 -6.64 11.38 9.83
CA SER A 3 -5.40 12.11 9.65
C SER A 3 -4.41 11.79 10.77
N GLY A 4 -4.35 10.51 11.15
CA GLY A 4 -3.44 10.10 12.21
C GLY A 4 -3.31 8.59 12.29
N SER A 5 -2.10 8.09 12.12
CA SER A 5 -1.84 6.66 12.18
C SER A 5 -2.39 6.06 13.47
N SER A 6 -2.45 4.73 13.52
CA SER A 6 -2.96 4.04 14.70
C SER A 6 -1.92 3.06 15.24
N GLY A 7 -1.38 2.23 14.35
CA GLY A 7 -0.38 1.26 14.76
C GLY A 7 -0.24 0.12 13.78
N LEU A 8 -0.33 0.44 12.48
CA LEU A 8 -0.22 -0.57 11.44
C LEU A 8 0.90 -0.22 10.46
N ARG A 9 1.78 -1.18 10.21
CA ARG A 9 2.90 -0.98 9.30
C ARG A 9 2.40 -0.63 7.90
N PRO A 10 3.13 0.27 7.22
CA PRO A 10 2.78 0.71 5.87
C PRO A 10 3.00 -0.38 4.83
N PHE A 11 2.43 -0.19 3.64
CA PHE A 11 2.56 -1.17 2.56
C PHE A 11 3.57 -0.70 1.53
N ASN A 12 4.74 -1.36 1.52
CA ASN A 12 5.80 -1.01 0.59
C ASN A 12 6.17 -2.21 -0.29
N LEU A 13 5.77 -2.15 -1.56
CA LEU A 13 6.06 -3.23 -2.49
C LEU A 13 6.55 -2.68 -3.83
N VAL A 14 7.39 -3.44 -4.51
CA VAL A 14 7.93 -3.02 -5.80
C VAL A 14 7.50 -3.99 -6.90
N ILE A 15 6.49 -3.59 -7.66
CA ILE A 15 5.98 -4.42 -8.75
C ILE A 15 6.78 -4.20 -10.02
N PRO A 16 7.22 -5.31 -10.64
CA PRO A 16 8.01 -5.27 -11.88
C PRO A 16 7.19 -4.80 -13.07
N PHE A 17 7.06 -3.49 -13.23
CA PHE A 17 6.29 -2.91 -14.33
C PHE A 17 6.85 -1.55 -14.73
N ALA A 18 7.35 -1.46 -15.96
CA ALA A 18 7.93 -0.21 -16.46
C ALA A 18 6.85 0.86 -16.60
N VAL A 19 7.26 2.12 -16.52
CA VAL A 19 6.34 3.24 -16.63
C VAL A 19 7.03 4.46 -17.22
N GLN A 20 6.60 4.87 -18.40
CA GLN A 20 7.18 6.03 -19.07
C GLN A 20 6.20 7.20 -19.08
N LYS A 21 5.16 7.09 -19.90
CA LYS A 21 4.15 8.13 -20.01
C LYS A 21 2.82 7.66 -19.46
N GLY A 22 2.46 6.41 -19.78
CA GLY A 22 1.21 5.85 -19.30
C GLY A 22 0.87 6.32 -17.90
N GLU A 23 -0.43 6.32 -17.58
CA GLU A 23 -0.89 6.74 -16.26
C GLU A 23 -1.10 5.54 -15.35
N LEU A 24 -0.44 5.57 -14.19
CA LEU A 24 -0.56 4.48 -13.22
C LEU A 24 -1.39 4.90 -12.02
N THR A 25 -2.65 4.45 -11.99
CA THR A 25 -3.55 4.79 -10.89
C THR A 25 -3.92 3.56 -10.09
N GLY A 26 -4.33 3.76 -8.84
CA GLY A 26 -4.70 2.65 -7.99
C GLY A 26 -5.70 3.05 -6.91
N GLU A 27 -6.18 2.07 -6.15
CA GLU A 27 -7.14 2.34 -5.08
C GLU A 27 -7.12 1.21 -4.05
N VAL A 28 -7.40 1.57 -2.80
CA VAL A 28 -7.41 0.59 -1.72
C VAL A 28 -8.80 0.49 -1.07
N ARG A 29 -9.17 -0.70 -0.66
CA ARG A 29 -10.46 -0.92 -0.03
C ARG A 29 -10.30 -1.54 1.35
N MET A 30 -10.74 -0.81 2.38
CA MET A 30 -10.63 -1.29 3.75
C MET A 30 -11.88 -2.08 4.15
N PRO A 31 -11.71 -3.05 5.06
CA PRO A 31 -12.81 -3.89 5.54
C PRO A 31 -13.80 -3.12 6.41
N SER A 32 -13.42 -1.90 6.78
CA SER A 32 -14.27 -1.06 7.62
C SER A 32 -15.52 -0.64 6.86
N GLY A 33 -15.38 -0.42 5.56
CA GLY A 33 -16.51 -0.01 4.75
C GLY A 33 -16.24 1.26 3.96
N LYS A 34 -14.96 1.56 3.77
CA LYS A 34 -14.56 2.76 3.03
C LYS A 34 -13.45 2.45 2.04
N THR A 35 -13.01 3.47 1.31
CA THR A 35 -11.93 3.30 0.34
C THR A 35 -10.95 4.46 0.38
N ALA A 36 -9.68 4.17 0.19
CA ALA A 36 -8.64 5.19 0.20
C ALA A 36 -7.74 5.08 -1.02
N ARG A 37 -7.09 6.19 -1.37
CA ARG A 37 -6.19 6.21 -2.52
C ARG A 37 -4.75 6.03 -2.09
N PRO A 38 -4.11 4.96 -2.57
CA PRO A 38 -2.72 4.65 -2.24
C PRO A 38 -1.74 5.64 -2.89
N ASN A 39 -0.47 5.25 -2.94
CA ASN A 39 0.56 6.11 -3.53
C ASN A 39 1.53 5.27 -4.38
N ILE A 40 2.00 5.86 -5.47
CA ILE A 40 2.94 5.18 -6.35
C ILE A 40 4.09 6.10 -6.75
N THR A 41 5.31 5.64 -6.48
CA THR A 41 6.50 6.43 -6.81
C THR A 41 7.17 5.91 -8.08
N ASP A 42 6.83 6.52 -9.21
CA ASP A 42 7.39 6.12 -10.49
C ASP A 42 8.91 6.24 -10.48
N ASN A 43 9.59 5.12 -10.66
CA ASN A 43 11.05 5.09 -10.66
C ASN A 43 11.59 5.32 -12.07
N LYS A 44 10.77 5.03 -13.07
CA LYS A 44 11.17 5.22 -14.46
C LYS A 44 12.40 4.37 -14.79
N ASP A 45 12.56 3.26 -14.07
CA ASP A 45 13.71 2.38 -14.29
C ASP A 45 13.23 1.01 -14.76
N GLY A 46 11.94 0.73 -14.60
CA GLY A 46 11.39 -0.54 -15.01
C GLY A 46 10.49 -1.16 -13.96
N THR A 47 10.44 -0.53 -12.78
CA THR A 47 9.61 -1.02 -11.69
C THR A 47 8.79 0.11 -11.07
N ILE A 48 7.90 -0.25 -10.16
CA ILE A 48 7.06 0.74 -9.49
C ILE A 48 6.93 0.43 -8.00
N THR A 49 7.03 1.48 -7.18
CA THR A 49 6.93 1.33 -5.74
C THR A 49 5.56 1.78 -5.23
N VAL A 50 4.91 0.92 -4.46
CA VAL A 50 3.60 1.23 -3.91
C VAL A 50 3.69 1.56 -2.42
N ARG A 51 3.06 2.65 -2.02
CA ARG A 51 3.07 3.08 -0.63
C ARG A 51 1.66 3.38 -0.14
N TYR A 52 1.22 2.68 0.90
CA TYR A 52 -0.11 2.87 1.46
C TYR A 52 -0.07 2.86 2.97
N ALA A 53 -1.00 3.59 3.60
CA ALA A 53 -1.07 3.65 5.05
C ALA A 53 -2.43 3.17 5.55
N PRO A 54 -2.50 1.88 5.92
CA PRO A 54 -3.73 1.27 6.43
C PRO A 54 -4.11 1.79 7.81
N THR A 55 -5.36 2.21 7.95
CA THR A 55 -5.85 2.73 9.22
C THR A 55 -6.34 1.60 10.12
N GLU A 56 -6.81 0.53 9.51
CA GLU A 56 -7.31 -0.62 10.27
C GLU A 56 -6.69 -1.92 9.75
N LYS A 57 -6.55 -2.90 10.65
CA LYS A 57 -5.97 -4.19 10.28
C LYS A 57 -6.99 -5.03 9.51
N GLY A 58 -6.48 -6.00 8.75
CA GLY A 58 -7.36 -6.87 7.97
C GLY A 58 -6.91 -6.99 6.53
N LEU A 59 -7.67 -7.75 5.75
CA LEU A 59 -7.35 -7.96 4.34
C LEU A 59 -7.94 -6.85 3.48
N HIS A 60 -7.07 -6.13 2.77
CA HIS A 60 -7.51 -5.04 1.91
C HIS A 60 -7.37 -5.42 0.44
N GLN A 61 -7.98 -4.64 -0.43
CA GLN A 61 -7.92 -4.88 -1.87
C GLN A 61 -7.30 -3.70 -2.61
N MET A 62 -6.18 -3.96 -3.27
CA MET A 62 -5.49 -2.91 -4.01
C MET A 62 -5.54 -3.19 -5.52
N GLY A 63 -6.21 -2.29 -6.25
CA GLY A 63 -6.33 -2.46 -7.69
C GLY A 63 -5.60 -1.37 -8.45
N ILE A 64 -4.54 -1.75 -9.17
CA ILE A 64 -3.76 -0.80 -9.94
C ILE A 64 -4.11 -0.88 -11.42
N LYS A 65 -3.92 0.22 -12.13
CA LYS A 65 -4.21 0.27 -13.57
C LYS A 65 -3.14 1.07 -14.31
N TYR A 66 -2.98 0.77 -15.59
CA TYR A 66 -2.00 1.46 -16.42
C TYR A 66 -2.59 1.86 -17.76
N ASP A 67 -3.04 3.10 -17.86
CA ASP A 67 -3.64 3.61 -19.09
C ASP A 67 -4.83 2.75 -19.52
N GLY A 68 -5.57 2.24 -18.54
CA GLY A 68 -6.73 1.41 -18.82
C GLY A 68 -6.35 -0.05 -19.03
N ASN A 69 -5.46 -0.56 -18.19
CA ASN A 69 -5.02 -1.94 -18.28
C ASN A 69 -4.53 -2.45 -16.93
N HIS A 70 -5.17 -3.50 -16.44
CA HIS A 70 -4.80 -4.09 -15.15
C HIS A 70 -3.34 -4.55 -15.16
N ILE A 71 -2.47 -3.73 -14.56
CA ILE A 71 -1.06 -4.04 -14.49
C ILE A 71 -0.83 -5.51 -14.12
N PRO A 72 0.30 -6.06 -14.56
CA PRO A 72 0.66 -7.46 -14.30
C PRO A 72 1.02 -7.68 -12.82
N GLY A 73 0.01 -8.04 -12.03
CA GLY A 73 0.24 -8.28 -10.61
C GLY A 73 -0.85 -7.68 -9.75
N SER A 74 -1.85 -7.08 -10.39
CA SER A 74 -2.95 -6.45 -9.65
C SER A 74 -4.30 -6.97 -10.17
N PRO A 75 -5.32 -6.93 -9.30
CA PRO A 75 -5.18 -6.43 -7.93
C PRO A 75 -4.34 -7.36 -7.06
N LEU A 76 -4.13 -6.96 -5.81
CA LEU A 76 -3.34 -7.75 -4.88
C LEU A 76 -3.98 -7.75 -3.49
N GLN A 77 -3.76 -8.82 -2.74
CA GLN A 77 -4.31 -8.94 -1.39
C GLN A 77 -3.20 -8.96 -0.34
N PHE A 78 -3.31 -8.07 0.65
CA PHE A 78 -2.31 -7.98 1.71
C PHE A 78 -2.98 -7.75 3.06
N TYR A 79 -2.66 -8.58 4.03
CA TYR A 79 -3.23 -8.47 5.37
C TYR A 79 -2.42 -7.49 6.22
N VAL A 80 -3.12 -6.60 6.91
CA VAL A 80 -2.46 -5.61 7.76
C VAL A 80 -2.55 -6.01 9.23
N ASP A 81 -1.48 -5.72 9.97
CA ASP A 81 -1.43 -6.06 11.40
C ASP A 81 -0.70 -4.97 12.17
N ALA A 82 -0.64 -5.14 13.50
CA ALA A 82 0.03 -4.17 14.36
C ALA A 82 1.51 -4.05 14.00
N ILE A 83 2.09 -2.91 14.32
CA ILE A 83 3.50 -2.67 14.03
C ILE A 83 4.40 -3.39 15.02
N ASN A 84 5.12 -4.40 14.55
CA ASN A 84 6.01 -5.18 15.40
C ASN A 84 7.21 -4.34 15.82
N SER A 85 7.98 -3.85 14.84
CA SER A 85 9.15 -3.04 15.11
C SER A 85 9.21 -1.84 14.17
N ARG A 86 10.11 -0.92 14.47
CA ARG A 86 10.27 0.29 13.65
C ARG A 86 11.66 0.33 13.02
N HIS A 87 11.76 1.01 11.87
CA HIS A 87 13.02 1.12 11.16
C HIS A 87 13.53 2.56 11.19
N SER A 88 14.26 2.91 12.25
CA SER A 88 14.79 4.25 12.40
C SER A 88 16.17 4.37 11.73
N GLY A 89 16.59 5.60 11.49
CA GLY A 89 17.89 5.83 10.86
C GLY A 89 18.89 6.45 11.82
N PRO A 90 19.54 5.61 12.63
CA PRO A 90 20.54 6.07 13.60
C PRO A 90 21.81 6.56 12.93
N SER A 91 21.86 7.85 12.61
CA SER A 91 23.02 8.44 11.96
C SER A 91 24.17 8.61 12.95
N SER A 92 25.33 8.07 12.59
CA SER A 92 26.51 8.16 13.45
C SER A 92 26.13 7.93 14.91
N GLY A 93 25.26 6.95 15.15
CA GLY A 93 24.84 6.65 16.51
C GLY A 93 23.56 5.83 16.54
N GLY A 1 -4.96 1.24 29.53
CA GLY A 1 -5.52 2.56 29.77
C GLY A 1 -6.10 3.18 28.51
N SER A 2 -5.37 4.15 27.95
CA SER A 2 -5.81 4.83 26.74
C SER A 2 -5.08 4.29 25.51
N SER A 3 -5.83 3.97 24.47
CA SER A 3 -5.27 3.43 23.24
C SER A 3 -5.93 4.05 22.02
N GLY A 4 -5.15 4.79 21.24
CA GLY A 4 -5.67 5.43 20.05
C GLY A 4 -4.98 4.97 18.78
N SER A 5 -3.77 5.48 18.55
CA SER A 5 -3.00 5.12 17.37
C SER A 5 -2.97 3.60 17.18
N SER A 6 -3.71 3.12 16.20
CA SER A 6 -3.76 1.69 15.91
C SER A 6 -2.38 1.16 15.52
N GLY A 7 -1.51 2.05 15.07
CA GLY A 7 -0.18 1.66 14.67
C GLY A 7 -0.18 0.45 13.75
N LEU A 8 -0.12 0.68 12.46
CA LEU A 8 -0.11 -0.40 11.47
C LEU A 8 1.02 -0.23 10.48
N ARG A 9 1.86 -1.25 10.36
CA ARG A 9 2.98 -1.22 9.43
C ARG A 9 2.54 -0.76 8.04
N PRO A 10 3.37 0.08 7.40
CA PRO A 10 3.08 0.61 6.06
C PRO A 10 3.17 -0.47 4.99
N PHE A 11 2.70 -0.14 3.79
CA PHE A 11 2.73 -1.08 2.67
C PHE A 11 3.73 -0.64 1.61
N ASN A 12 4.88 -1.31 1.57
CA ASN A 12 5.92 -0.99 0.61
C ASN A 12 6.28 -2.21 -0.24
N LEU A 13 6.02 -2.12 -1.54
CA LEU A 13 6.32 -3.21 -2.46
C LEU A 13 6.71 -2.67 -3.84
N VAL A 14 7.64 -3.36 -4.48
CA VAL A 14 8.11 -2.96 -5.80
C VAL A 14 7.66 -3.95 -6.88
N ILE A 15 6.61 -3.58 -7.61
CA ILE A 15 6.08 -4.43 -8.66
C ILE A 15 6.85 -4.23 -9.97
N PRO A 16 7.23 -5.35 -10.59
CA PRO A 16 7.98 -5.34 -11.86
C PRO A 16 7.13 -4.87 -13.02
N PHE A 17 7.09 -3.56 -13.23
CA PHE A 17 6.31 -2.98 -14.32
C PHE A 17 6.88 -1.63 -14.74
N ALA A 18 7.28 -1.52 -16.00
CA ALA A 18 7.84 -0.28 -16.53
C ALA A 18 6.77 0.79 -16.65
N VAL A 19 7.18 2.05 -16.53
CA VAL A 19 6.25 3.17 -16.62
C VAL A 19 6.93 4.39 -17.23
N GLN A 20 6.61 4.68 -18.49
CA GLN A 20 7.19 5.82 -19.19
C GLN A 20 6.26 7.02 -19.13
N LYS A 21 5.17 6.96 -19.90
CA LYS A 21 4.20 8.04 -19.93
C LYS A 21 2.86 7.58 -19.37
N GLY A 22 2.46 6.36 -19.72
CA GLY A 22 1.20 5.82 -19.23
C GLY A 22 0.90 6.26 -17.81
N GLU A 23 -0.39 6.37 -17.49
CA GLU A 23 -0.82 6.78 -16.15
C GLU A 23 -0.99 5.57 -15.25
N LEU A 24 -0.32 5.60 -14.10
CA LEU A 24 -0.40 4.51 -13.13
C LEU A 24 -1.17 4.94 -11.89
N THR A 25 -2.40 4.44 -11.76
CA THR A 25 -3.23 4.76 -10.60
C THR A 25 -3.65 3.50 -9.86
N GLY A 26 -4.19 3.69 -8.66
CA GLY A 26 -4.64 2.56 -7.86
C GLY A 26 -5.60 2.97 -6.76
N GLU A 27 -6.23 1.98 -6.14
CA GLU A 27 -7.18 2.24 -5.06
C GLU A 27 -7.15 1.12 -4.02
N VAL A 28 -7.44 1.48 -2.77
CA VAL A 28 -7.44 0.51 -1.69
C VAL A 28 -8.81 0.44 -1.03
N ARG A 29 -9.26 -0.78 -0.74
CA ARG A 29 -10.56 -0.99 -0.11
C ARG A 29 -10.39 -1.61 1.27
N MET A 30 -10.82 -0.88 2.30
CA MET A 30 -10.71 -1.36 3.67
C MET A 30 -11.96 -2.14 4.07
N PRO A 31 -11.79 -3.11 4.98
CA PRO A 31 -12.90 -3.94 5.46
C PRO A 31 -13.88 -3.17 6.33
N SER A 32 -13.46 -1.99 6.78
CA SER A 32 -14.29 -1.15 7.62
C SER A 32 -15.57 -0.73 6.88
N GLY A 33 -15.43 -0.46 5.60
CA GLY A 33 -16.57 -0.05 4.79
C GLY A 33 -16.31 1.21 4.01
N LYS A 34 -15.04 1.49 3.74
CA LYS A 34 -14.66 2.68 2.99
C LYS A 34 -13.53 2.37 2.01
N THR A 35 -13.12 3.39 1.25
CA THR A 35 -12.04 3.23 0.29
C THR A 35 -11.11 4.43 0.28
N ALA A 36 -9.82 4.17 0.14
CA ALA A 36 -8.82 5.23 0.12
C ALA A 36 -7.92 5.13 -1.11
N ARG A 37 -7.20 6.20 -1.40
CA ARG A 37 -6.31 6.22 -2.56
C ARG A 37 -4.86 6.05 -2.13
N PRO A 38 -4.21 4.98 -2.61
CA PRO A 38 -2.81 4.67 -2.29
C PRO A 38 -1.85 5.67 -2.93
N ASN A 39 -0.57 5.29 -2.97
CA ASN A 39 0.45 6.14 -3.56
C ASN A 39 1.46 5.33 -4.35
N ILE A 40 1.87 5.86 -5.50
CA ILE A 40 2.84 5.17 -6.35
C ILE A 40 3.99 6.10 -6.74
N THR A 41 5.22 5.64 -6.49
CA THR A 41 6.40 6.43 -6.81
C THR A 41 7.06 5.92 -8.09
N ASP A 42 6.72 6.53 -9.22
CA ASP A 42 7.28 6.15 -10.51
C ASP A 42 8.79 6.29 -10.49
N ASN A 43 9.49 5.16 -10.70
CA ASN A 43 10.95 5.17 -10.71
C ASN A 43 11.48 5.43 -12.11
N LYS A 44 10.69 5.05 -13.12
CA LYS A 44 11.09 5.24 -14.51
C LYS A 44 12.34 4.44 -14.84
N ASP A 45 12.54 3.35 -14.13
CA ASP A 45 13.70 2.49 -14.35
C ASP A 45 13.27 1.10 -14.83
N GLY A 46 12.01 0.76 -14.58
CA GLY A 46 11.50 -0.54 -15.00
C GLY A 46 10.55 -1.14 -13.98
N THR A 47 10.54 -0.57 -12.77
CA THR A 47 9.67 -1.06 -11.71
C THR A 47 8.86 0.08 -11.10
N ILE A 48 7.97 -0.27 -10.17
CA ILE A 48 7.14 0.72 -9.51
C ILE A 48 7.04 0.45 -8.01
N THR A 49 7.16 1.51 -7.22
CA THR A 49 7.09 1.38 -5.76
C THR A 49 5.71 1.78 -5.25
N VAL A 50 5.07 0.86 -4.54
CA VAL A 50 3.74 1.12 -3.98
C VAL A 50 3.83 1.51 -2.50
N ARG A 51 3.14 2.57 -2.14
CA ARG A 51 3.14 3.04 -0.76
C ARG A 51 1.71 3.35 -0.29
N TYR A 52 1.27 2.60 0.71
CA TYR A 52 -0.08 2.77 1.26
C TYR A 52 -0.06 2.78 2.78
N ALA A 53 -0.88 3.64 3.37
CA ALA A 53 -0.96 3.74 4.82
C ALA A 53 -2.29 3.22 5.34
N PRO A 54 -2.29 1.95 5.79
CA PRO A 54 -3.49 1.30 6.32
C PRO A 54 -3.92 1.88 7.66
N THR A 55 -5.16 2.33 7.74
CA THR A 55 -5.69 2.91 8.97
C THR A 55 -6.24 1.82 9.90
N GLU A 56 -6.68 0.72 9.30
CA GLU A 56 -7.23 -0.39 10.07
C GLU A 56 -6.52 -1.69 9.73
N LYS A 57 -6.83 -2.75 10.48
CA LYS A 57 -6.22 -4.05 10.26
C LYS A 57 -7.21 -5.00 9.58
N GLY A 58 -6.67 -5.93 8.78
CA GLY A 58 -7.52 -6.88 8.08
C GLY A 58 -7.13 -7.04 6.63
N LEU A 59 -7.93 -7.82 5.89
CA LEU A 59 -7.66 -8.04 4.47
C LEU A 59 -8.10 -6.85 3.65
N HIS A 60 -7.17 -6.27 2.90
CA HIS A 60 -7.46 -5.13 2.05
C HIS A 60 -7.34 -5.49 0.58
N GLN A 61 -7.99 -4.71 -0.28
CA GLN A 61 -7.95 -4.95 -1.71
C GLN A 61 -7.28 -3.80 -2.45
N MET A 62 -6.23 -4.12 -3.19
CA MET A 62 -5.49 -3.11 -3.95
C MET A 62 -5.56 -3.38 -5.44
N GLY A 63 -6.05 -2.40 -6.19
CA GLY A 63 -6.16 -2.56 -7.63
C GLY A 63 -5.46 -1.45 -8.39
N ILE A 64 -4.39 -1.81 -9.09
CA ILE A 64 -3.61 -0.84 -9.87
C ILE A 64 -3.97 -0.91 -11.35
N LYS A 65 -3.94 0.24 -12.02
CA LYS A 65 -4.26 0.30 -13.45
C LYS A 65 -3.21 1.12 -14.20
N TYR A 66 -3.02 0.80 -15.47
CA TYR A 66 -2.05 1.51 -16.30
C TYR A 66 -2.67 1.91 -17.64
N ASP A 67 -3.05 3.18 -17.75
CA ASP A 67 -3.66 3.69 -18.97
C ASP A 67 -4.86 2.85 -19.38
N GLY A 68 -5.59 2.35 -18.39
CA GLY A 68 -6.76 1.53 -18.66
C GLY A 68 -6.40 0.08 -18.92
N ASN A 69 -5.51 -0.46 -18.09
CA ASN A 69 -5.09 -1.85 -18.22
C ASN A 69 -4.59 -2.41 -16.89
N HIS A 70 -5.27 -3.42 -16.39
CA HIS A 70 -4.91 -4.05 -15.12
C HIS A 70 -3.45 -4.51 -15.15
N ILE A 71 -2.56 -3.70 -14.60
CA ILE A 71 -1.14 -4.03 -14.57
C ILE A 71 -0.93 -5.50 -14.21
N PRO A 72 0.19 -6.06 -14.70
CA PRO A 72 0.53 -7.47 -14.44
C PRO A 72 0.91 -7.73 -12.99
N GLY A 73 -0.10 -8.05 -12.17
CA GLY A 73 0.14 -8.31 -10.77
C GLY A 73 -0.94 -7.74 -9.88
N SER A 74 -1.91 -7.06 -10.48
CA SER A 74 -3.01 -6.45 -9.74
C SER A 74 -4.36 -6.96 -10.24
N PRO A 75 -5.37 -6.93 -9.36
CA PRO A 75 -5.21 -6.44 -7.99
C PRO A 75 -4.37 -7.38 -7.13
N LEU A 76 -3.99 -6.92 -5.95
CA LEU A 76 -3.18 -7.71 -5.03
C LEU A 76 -3.78 -7.71 -3.63
N GLN A 77 -3.64 -8.82 -2.93
CA GLN A 77 -4.17 -8.94 -1.57
C GLN A 77 -3.06 -8.77 -0.54
N PHE A 78 -3.40 -8.18 0.60
CA PHE A 78 -2.43 -7.96 1.67
C PHE A 78 -3.14 -7.76 3.00
N TYR A 79 -2.62 -8.41 4.05
CA TYR A 79 -3.20 -8.30 5.38
C TYR A 79 -2.44 -7.29 6.22
N VAL A 80 -3.18 -6.49 6.98
CA VAL A 80 -2.57 -5.47 7.83
C VAL A 80 -2.68 -5.86 9.30
N ASP A 81 -1.55 -5.80 10.01
CA ASP A 81 -1.52 -6.15 11.43
C ASP A 81 -0.70 -5.13 12.22
N ALA A 82 -0.98 -5.04 13.51
CA ALA A 82 -0.27 -4.11 14.38
C ALA A 82 1.23 -4.08 14.05
N ILE A 83 1.89 -3.00 14.47
CA ILE A 83 3.32 -2.85 14.22
C ILE A 83 4.15 -3.50 15.32
N ASN A 84 3.80 -3.18 16.57
CA ASN A 84 4.51 -3.73 17.72
C ASN A 84 3.55 -3.93 18.89
N SER A 85 3.60 -5.12 19.49
CA SER A 85 2.73 -5.44 20.62
C SER A 85 2.97 -4.46 21.78
N ARG A 86 4.15 -4.56 22.38
CA ARG A 86 4.50 -3.69 23.50
C ARG A 86 3.92 -2.28 23.30
N HIS A 87 2.93 -1.95 24.11
CA HIS A 87 2.29 -0.64 24.03
C HIS A 87 3.10 0.42 24.77
N SER A 88 2.71 1.68 24.63
CA SER A 88 3.40 2.78 25.28
C SER A 88 2.52 3.42 26.34
N GLY A 89 1.37 3.93 25.90
CA GLY A 89 0.45 4.57 26.83
C GLY A 89 0.74 6.05 27.01
N PRO A 90 -0.14 6.75 27.74
CA PRO A 90 0.00 8.18 28.00
C PRO A 90 1.17 8.48 28.94
N SER A 91 1.90 7.43 29.33
CA SER A 91 3.04 7.59 30.22
C SER A 91 3.76 8.90 29.95
N SER A 92 4.04 9.65 31.01
CA SER A 92 4.75 10.93 30.89
C SER A 92 6.03 10.78 30.08
N GLY A 93 6.63 11.90 29.73
CA GLY A 93 7.87 11.87 28.96
C GLY A 93 7.65 12.27 27.51
N GLY A 1 -13.10 1.85 13.45
CA GLY A 1 -12.15 2.94 13.63
C GLY A 1 -12.31 3.62 14.98
N SER A 2 -11.36 4.50 15.30
CA SER A 2 -11.40 5.21 16.57
C SER A 2 -10.61 6.52 16.47
N SER A 3 -11.02 7.51 17.26
CA SER A 3 -10.36 8.80 17.26
C SER A 3 -9.03 8.74 18.01
N GLY A 4 -8.00 8.24 17.32
CA GLY A 4 -6.69 8.13 17.93
C GLY A 4 -5.61 7.76 16.93
N SER A 5 -4.44 7.41 17.43
CA SER A 5 -3.32 7.03 16.57
C SER A 5 -3.49 5.63 16.03
N SER A 6 -2.68 5.28 15.04
CA SER A 6 -2.76 3.96 14.42
C SER A 6 -1.39 3.29 14.42
N GLY A 7 -1.34 2.03 14.85
CA GLY A 7 -0.09 1.31 14.89
C GLY A 7 -0.05 0.17 13.89
N LEU A 8 -0.13 0.50 12.61
CA LEU A 8 -0.10 -0.50 11.55
C LEU A 8 1.03 -0.23 10.57
N ARG A 9 1.87 -1.23 10.34
CA ARG A 9 3.00 -1.09 9.43
C ARG A 9 2.53 -0.62 8.06
N PRO A 10 3.34 0.25 7.42
CA PRO A 10 3.02 0.79 6.09
C PRO A 10 3.11 -0.27 5.00
N PHE A 11 2.66 0.10 3.79
CA PHE A 11 2.69 -0.82 2.66
C PHE A 11 3.73 -0.38 1.63
N ASN A 12 4.93 -0.94 1.74
CA ASN A 12 6.01 -0.59 0.82
C ASN A 12 6.44 -1.82 0.02
N LEU A 13 6.05 -1.85 -1.25
CA LEU A 13 6.39 -2.96 -2.13
C LEU A 13 6.81 -2.46 -3.51
N VAL A 14 7.58 -3.27 -4.22
CA VAL A 14 8.05 -2.91 -5.56
C VAL A 14 7.61 -3.95 -6.59
N ILE A 15 6.68 -3.56 -7.45
CA ILE A 15 6.19 -4.45 -8.49
C ILE A 15 6.97 -4.29 -9.79
N PRO A 16 7.42 -5.42 -10.35
CA PRO A 16 8.19 -5.43 -11.60
C PRO A 16 7.35 -5.05 -12.80
N PHE A 17 7.20 -3.75 -13.04
CA PHE A 17 6.43 -3.26 -14.17
C PHE A 17 6.95 -1.91 -14.66
N ALA A 18 7.58 -1.92 -15.83
CA ALA A 18 8.13 -0.71 -16.41
C ALA A 18 7.03 0.28 -16.77
N VAL A 19 7.33 1.57 -16.68
CA VAL A 19 6.36 2.62 -17.01
C VAL A 19 6.95 3.62 -17.99
N GLN A 20 6.23 3.87 -19.07
CA GLN A 20 6.68 4.81 -20.08
C GLN A 20 5.57 5.81 -20.44
N LYS A 21 5.73 7.04 -19.99
CA LYS A 21 4.74 8.09 -20.26
C LYS A 21 3.33 7.54 -20.12
N GLY A 22 3.10 6.75 -19.08
CA GLY A 22 1.79 6.18 -18.86
C GLY A 22 1.20 6.60 -17.52
N GLU A 23 -0.12 6.49 -17.39
CA GLU A 23 -0.81 6.86 -16.17
C GLU A 23 -0.99 5.65 -15.26
N LEU A 24 -0.33 5.69 -14.10
CA LEU A 24 -0.41 4.58 -13.15
C LEU A 24 -1.23 5.00 -11.92
N THR A 25 -2.43 4.45 -11.81
CA THR A 25 -3.32 4.75 -10.69
C THR A 25 -3.70 3.49 -9.94
N GLY A 26 -4.39 3.66 -8.81
CA GLY A 26 -4.82 2.53 -8.01
C GLY A 26 -5.86 2.90 -6.98
N GLU A 27 -6.28 1.92 -6.19
CA GLU A 27 -7.29 2.14 -5.16
C GLU A 27 -7.24 1.05 -4.10
N VAL A 28 -7.49 1.43 -2.85
CA VAL A 28 -7.47 0.49 -1.74
C VAL A 28 -8.85 0.37 -1.10
N ARG A 29 -9.19 -0.83 -0.63
CA ARG A 29 -10.47 -1.07 0.00
C ARG A 29 -10.29 -1.68 1.39
N MET A 30 -10.77 -0.98 2.41
CA MET A 30 -10.66 -1.46 3.79
C MET A 30 -11.91 -2.23 4.20
N PRO A 31 -11.73 -3.21 5.11
CA PRO A 31 -12.84 -4.03 5.60
C PRO A 31 -13.81 -3.25 6.48
N SER A 32 -13.39 -2.06 6.88
CA SER A 32 -14.23 -1.21 7.73
C SER A 32 -15.51 -0.80 6.99
N GLY A 33 -15.37 -0.48 5.71
CA GLY A 33 -16.51 -0.08 4.92
C GLY A 33 -16.26 1.19 4.14
N LYS A 34 -15.00 1.46 3.85
CA LYS A 34 -14.62 2.66 3.09
C LYS A 34 -13.51 2.35 2.09
N THR A 35 -13.08 3.37 1.37
CA THR A 35 -12.02 3.21 0.37
C THR A 35 -11.07 4.40 0.38
N ALA A 36 -9.80 4.13 0.10
CA ALA A 36 -8.79 5.18 0.08
C ALA A 36 -7.85 5.01 -1.12
N ARG A 37 -7.37 6.13 -1.65
CA ARG A 37 -6.47 6.11 -2.80
C ARG A 37 -5.01 5.96 -2.35
N PRO A 38 -4.37 4.87 -2.79
CA PRO A 38 -2.97 4.59 -2.45
C PRO A 38 -2.00 5.56 -3.10
N ASN A 39 -0.72 5.20 -3.10
CA ASN A 39 0.30 6.05 -3.70
C ASN A 39 1.32 5.21 -4.48
N ILE A 40 1.84 5.78 -5.56
CA ILE A 40 2.82 5.07 -6.38
C ILE A 40 3.93 6.02 -6.83
N THR A 41 5.17 5.63 -6.57
CA THR A 41 6.32 6.44 -6.95
C THR A 41 6.96 5.93 -8.23
N ASP A 42 6.55 6.49 -9.36
CA ASP A 42 7.09 6.10 -10.65
C ASP A 42 8.60 6.26 -10.70
N ASN A 43 9.31 5.15 -10.85
CA ASN A 43 10.76 5.17 -10.90
C ASN A 43 11.26 5.27 -12.35
N LYS A 44 10.40 4.89 -13.29
CA LYS A 44 10.75 4.93 -14.71
C LYS A 44 12.07 4.21 -14.97
N ASP A 45 12.34 3.18 -14.18
CA ASP A 45 13.57 2.40 -14.33
C ASP A 45 13.25 0.95 -14.64
N GLY A 46 11.96 0.62 -14.68
CA GLY A 46 11.55 -0.75 -14.96
C GLY A 46 10.72 -1.33 -13.84
N THR A 47 10.58 -0.60 -12.75
CA THR A 47 9.80 -1.06 -11.61
C THR A 47 8.94 0.07 -11.04
N ILE A 48 8.10 -0.28 -10.06
CA ILE A 48 7.23 0.70 -9.43
C ILE A 48 7.10 0.45 -7.94
N THR A 49 7.16 1.53 -7.15
CA THR A 49 7.05 1.42 -5.71
C THR A 49 5.66 1.83 -5.23
N VAL A 50 5.02 0.96 -4.45
CA VAL A 50 3.68 1.24 -3.93
C VAL A 50 3.75 1.65 -2.46
N ARG A 51 3.03 2.72 -2.12
CA ARG A 51 3.01 3.22 -0.75
C ARG A 51 1.58 3.48 -0.29
N TYR A 52 1.18 2.85 0.81
CA TYR A 52 -0.16 3.00 1.35
C TYR A 52 -0.15 2.96 2.87
N ALA A 53 -1.02 3.76 3.49
CA ALA A 53 -1.11 3.81 4.94
C ALA A 53 -2.43 3.23 5.43
N PRO A 54 -2.39 1.97 5.88
CA PRO A 54 -3.57 1.27 6.38
C PRO A 54 -4.05 1.83 7.72
N THR A 55 -5.31 2.25 7.77
CA THR A 55 -5.88 2.79 8.99
C THR A 55 -6.34 1.69 9.93
N GLU A 56 -6.84 0.60 9.36
CA GLU A 56 -7.32 -0.53 10.16
C GLU A 56 -6.54 -1.80 9.80
N LYS A 57 -6.78 -2.86 10.57
CA LYS A 57 -6.12 -4.13 10.35
C LYS A 57 -7.07 -5.14 9.69
N GLY A 58 -6.55 -5.91 8.75
CA GLY A 58 -7.37 -6.90 8.07
C GLY A 58 -7.03 -7.03 6.60
N LEU A 59 -7.77 -7.88 5.89
CA LEU A 59 -7.53 -8.09 4.47
C LEU A 59 -7.99 -6.89 3.66
N HIS A 60 -7.09 -6.37 2.82
CA HIS A 60 -7.40 -5.21 1.99
C HIS A 60 -7.30 -5.57 0.51
N GLN A 61 -8.01 -4.82 -0.32
CA GLN A 61 -8.00 -5.06 -1.77
C GLN A 61 -7.38 -3.88 -2.50
N MET A 62 -6.28 -4.13 -3.21
CA MET A 62 -5.59 -3.09 -3.96
C MET A 62 -5.68 -3.35 -5.46
N GLY A 63 -6.16 -2.36 -6.20
CA GLY A 63 -6.30 -2.52 -7.64
C GLY A 63 -5.59 -1.41 -8.41
N ILE A 64 -4.49 -1.76 -9.06
CA ILE A 64 -3.72 -0.79 -9.83
C ILE A 64 -4.11 -0.82 -11.30
N LYS A 65 -3.83 0.26 -12.01
CA LYS A 65 -4.15 0.36 -13.42
C LYS A 65 -3.03 1.08 -14.19
N TYR A 66 -2.95 0.83 -15.49
CA TYR A 66 -1.94 1.46 -16.34
C TYR A 66 -2.53 1.91 -17.65
N ASP A 67 -2.70 3.22 -17.80
CA ASP A 67 -3.26 3.79 -19.02
C ASP A 67 -4.55 3.07 -19.43
N GLY A 68 -5.30 2.63 -18.42
CA GLY A 68 -6.54 1.93 -18.69
C GLY A 68 -6.33 0.46 -18.97
N ASN A 69 -5.51 -0.19 -18.14
CA ASN A 69 -5.21 -1.61 -18.30
C ASN A 69 -4.70 -2.21 -16.99
N HIS A 70 -5.42 -3.18 -16.46
CA HIS A 70 -5.04 -3.84 -15.22
C HIS A 70 -3.60 -4.34 -15.30
N ILE A 71 -2.69 -3.61 -14.66
CA ILE A 71 -1.28 -3.98 -14.67
C ILE A 71 -1.10 -5.45 -14.30
N PRO A 72 -0.01 -6.06 -14.79
CA PRO A 72 0.31 -7.46 -14.52
C PRO A 72 0.70 -7.70 -13.07
N GLY A 73 -0.29 -7.99 -12.24
CA GLY A 73 -0.03 -8.25 -10.84
C GLY A 73 -1.10 -7.68 -9.92
N SER A 74 -2.07 -6.98 -10.52
CA SER A 74 -3.16 -6.39 -9.76
C SER A 74 -4.51 -6.87 -10.28
N PRO A 75 -5.52 -6.85 -9.41
CA PRO A 75 -5.36 -6.39 -8.02
C PRO A 75 -4.53 -7.34 -7.18
N LEU A 76 -4.02 -6.86 -6.05
CA LEU A 76 -3.21 -7.67 -5.16
C LEU A 76 -3.76 -7.64 -3.75
N GLN A 77 -3.70 -8.78 -3.07
CA GLN A 77 -4.20 -8.88 -1.70
C GLN A 77 -3.07 -8.65 -0.69
N PHE A 78 -3.41 -8.07 0.46
CA PHE A 78 -2.43 -7.80 1.49
C PHE A 78 -3.11 -7.60 2.84
N TYR A 79 -2.61 -8.29 3.86
CA TYR A 79 -3.17 -8.19 5.20
C TYR A 79 -2.36 -7.22 6.06
N VAL A 80 -3.05 -6.48 6.91
CA VAL A 80 -2.40 -5.51 7.80
C VAL A 80 -2.38 -6.01 9.24
N ASP A 81 -1.25 -5.84 9.90
CA ASP A 81 -1.11 -6.27 11.29
C ASP A 81 -0.45 -5.18 12.13
N ALA A 82 -0.71 -5.20 13.43
CA ALA A 82 -0.14 -4.22 14.35
C ALA A 82 1.37 -4.09 14.15
N ILE A 83 1.92 -2.95 14.56
CA ILE A 83 3.36 -2.72 14.43
C ILE A 83 4.10 -3.22 15.66
N ASN A 84 4.87 -4.30 15.47
CA ASN A 84 5.64 -4.88 16.56
C ASN A 84 7.13 -4.63 16.36
N SER A 85 7.62 -3.52 16.89
CA SER A 85 9.04 -3.17 16.77
C SER A 85 9.38 -1.96 17.63
N ARG A 86 10.65 -1.80 17.93
CA ARG A 86 11.11 -0.68 18.75
C ARG A 86 12.33 0.00 18.12
N HIS A 87 12.08 1.07 17.38
CA HIS A 87 13.15 1.81 16.73
C HIS A 87 13.68 2.92 17.63
N SER A 88 14.91 2.77 18.09
CA SER A 88 15.53 3.75 18.96
C SER A 88 16.60 4.54 18.22
N GLY A 89 16.78 5.80 18.61
CA GLY A 89 17.77 6.64 17.98
C GLY A 89 17.53 8.12 18.24
N PRO A 90 18.02 8.60 19.39
CA PRO A 90 17.88 10.01 19.79
C PRO A 90 18.72 10.94 18.93
N SER A 91 18.13 11.41 17.83
CA SER A 91 18.83 12.31 16.91
C SER A 91 19.20 13.62 17.61
N SER A 92 20.45 13.73 18.03
CA SER A 92 20.92 14.92 18.72
C SER A 92 21.77 15.78 17.79
N GLY A 93 21.10 16.68 17.06
CA GLY A 93 21.81 17.54 16.13
C GLY A 93 22.75 18.50 16.85
N GLY A 1 -4.71 -8.27 22.75
CA GLY A 1 -4.35 -6.97 22.21
C GLY A 1 -5.06 -5.84 22.91
N SER A 2 -4.38 -4.70 23.05
CA SER A 2 -4.94 -3.53 23.70
C SER A 2 -5.42 -2.51 22.67
N SER A 3 -6.44 -1.74 23.05
CA SER A 3 -6.99 -0.72 22.16
C SER A 3 -6.16 0.56 22.22
N GLY A 4 -6.26 1.36 21.17
CA GLY A 4 -5.52 2.61 21.12
C GLY A 4 -5.61 3.29 19.77
N SER A 5 -4.72 4.26 19.53
CA SER A 5 -4.70 4.98 18.26
C SER A 5 -4.27 4.07 17.12
N SER A 6 -4.81 4.34 15.92
CA SER A 6 -4.48 3.55 14.75
C SER A 6 -2.98 3.30 14.65
N GLY A 7 -2.58 2.04 14.75
CA GLY A 7 -1.17 1.69 14.67
C GLY A 7 -0.91 0.48 13.80
N LEU A 8 -0.75 0.72 12.49
CA LEU A 8 -0.49 -0.36 11.55
C LEU A 8 0.66 -0.01 10.62
N ARG A 9 1.51 -0.99 10.35
CA ARG A 9 2.67 -0.80 9.49
C ARG A 9 2.22 -0.41 8.07
N PRO A 10 3.03 0.41 7.40
CA PRO A 10 2.75 0.87 6.04
C PRO A 10 2.88 -0.25 5.01
N PHE A 11 2.35 -0.01 3.82
CA PHE A 11 2.40 -1.00 2.75
C PHE A 11 3.39 -0.58 1.67
N ASN A 12 4.62 -1.09 1.77
CA ASN A 12 5.67 -0.77 0.81
C ASN A 12 6.05 -1.99 0.00
N LEU A 13 5.81 -1.93 -1.31
CA LEU A 13 6.12 -3.03 -2.21
C LEU A 13 6.56 -2.52 -3.58
N VAL A 14 7.37 -3.32 -4.27
CA VAL A 14 7.86 -2.95 -5.60
C VAL A 14 7.45 -3.97 -6.64
N ILE A 15 6.58 -3.56 -7.56
CA ILE A 15 6.11 -4.44 -8.62
C ILE A 15 6.94 -4.27 -9.89
N PRO A 16 7.42 -5.39 -10.44
CA PRO A 16 8.23 -5.40 -11.66
C PRO A 16 7.43 -5.02 -12.89
N PHE A 17 7.24 -3.72 -13.11
CA PHE A 17 6.49 -3.24 -14.25
C PHE A 17 7.04 -1.89 -14.73
N ALA A 18 7.53 -1.85 -15.95
CA ALA A 18 8.07 -0.63 -16.53
C ALA A 18 6.98 0.40 -16.75
N VAL A 19 7.33 1.68 -16.63
CA VAL A 19 6.39 2.76 -16.83
C VAL A 19 6.96 3.84 -17.73
N GLN A 20 6.24 4.15 -18.81
CA GLN A 20 6.69 5.17 -19.77
C GLN A 20 5.51 6.02 -20.23
N LYS A 21 5.59 7.31 -19.97
CA LYS A 21 4.54 8.25 -20.37
C LYS A 21 3.16 7.60 -20.22
N GLY A 22 2.96 6.91 -19.11
CA GLY A 22 1.69 6.25 -18.85
C GLY A 22 1.06 6.68 -17.55
N GLU A 23 -0.26 6.54 -17.45
CA GLU A 23 -0.98 6.92 -16.24
C GLU A 23 -1.14 5.73 -15.31
N LEU A 24 -0.42 5.76 -14.19
CA LEU A 24 -0.48 4.67 -13.22
C LEU A 24 -1.33 5.08 -12.00
N THR A 25 -2.55 4.54 -11.94
CA THR A 25 -3.45 4.85 -10.83
C THR A 25 -3.79 3.60 -10.03
N GLY A 26 -4.40 3.78 -8.87
CA GLY A 26 -4.77 2.66 -8.03
C GLY A 26 -5.76 3.04 -6.95
N GLU A 27 -6.24 2.05 -6.22
CA GLU A 27 -7.20 2.29 -5.15
C GLU A 27 -7.13 1.19 -4.09
N VAL A 28 -7.40 1.55 -2.85
CA VAL A 28 -7.37 0.59 -1.75
C VAL A 28 -8.73 0.48 -1.07
N ARG A 29 -9.05 -0.72 -0.58
CA ARG A 29 -10.32 -0.95 0.09
C ARG A 29 -10.11 -1.58 1.47
N MET A 30 -10.60 -0.92 2.51
CA MET A 30 -10.47 -1.42 3.86
C MET A 30 -11.71 -2.19 4.29
N PRO A 31 -11.52 -3.18 5.18
CA PRO A 31 -12.62 -4.01 5.68
C PRO A 31 -13.56 -3.23 6.60
N SER A 32 -13.16 -2.02 6.96
CA SER A 32 -13.96 -1.18 7.84
C SER A 32 -15.24 -0.73 7.14
N GLY A 33 -15.11 -0.33 5.86
CA GLY A 33 -16.26 0.11 5.10
C GLY A 33 -15.99 1.40 4.36
N LYS A 34 -14.73 1.63 4.02
CA LYS A 34 -14.34 2.84 3.30
C LYS A 34 -13.25 2.54 2.27
N THR A 35 -12.88 3.55 1.51
CA THR A 35 -11.85 3.40 0.48
C THR A 35 -10.87 4.57 0.49
N ALA A 36 -9.62 4.29 0.17
CA ALA A 36 -8.59 5.33 0.14
C ALA A 36 -7.63 5.12 -1.03
N ARG A 37 -7.24 6.21 -1.68
CA ARG A 37 -6.33 6.15 -2.81
C ARG A 37 -4.89 5.97 -2.34
N PRO A 38 -4.24 4.89 -2.81
CA PRO A 38 -2.85 4.59 -2.46
C PRO A 38 -1.86 5.58 -3.06
N ASN A 39 -0.59 5.20 -3.08
CA ASN A 39 0.45 6.06 -3.63
C ASN A 39 1.45 5.24 -4.46
N ILE A 40 1.97 5.85 -5.51
CA ILE A 40 2.94 5.18 -6.38
C ILE A 40 4.09 6.10 -6.73
N THR A 41 5.32 5.61 -6.54
CA THR A 41 6.50 6.40 -6.84
C THR A 41 7.13 5.95 -8.16
N ASP A 42 6.77 6.63 -9.24
CA ASP A 42 7.29 6.31 -10.56
C ASP A 42 8.82 6.37 -10.56
N ASN A 43 9.45 5.23 -10.81
CA ASN A 43 10.91 5.14 -10.85
C ASN A 43 11.43 5.29 -12.27
N LYS A 44 10.62 4.88 -13.24
CA LYS A 44 10.99 4.96 -14.64
C LYS A 44 12.30 4.21 -14.90
N ASP A 45 12.52 3.15 -14.13
CA ASP A 45 13.73 2.34 -14.28
C ASP A 45 13.38 0.89 -14.62
N GLY A 46 12.09 0.59 -14.61
CA GLY A 46 11.64 -0.76 -14.91
C GLY A 46 10.81 -1.36 -13.80
N THR A 47 10.58 -0.58 -12.75
CA THR A 47 9.79 -1.06 -11.62
C THR A 47 8.96 0.08 -11.02
N ILE A 48 8.01 -0.28 -10.16
CA ILE A 48 7.14 0.71 -9.53
C ILE A 48 7.01 0.45 -8.03
N THR A 49 6.98 1.51 -7.24
CA THR A 49 6.86 1.39 -5.80
C THR A 49 5.46 1.80 -5.33
N VAL A 50 4.87 0.96 -4.47
CA VAL A 50 3.53 1.24 -3.95
C VAL A 50 3.58 1.56 -2.46
N ARG A 51 2.88 2.62 -2.07
CA ARG A 51 2.84 3.03 -0.68
C ARG A 51 1.41 3.34 -0.23
N TYR A 52 0.96 2.64 0.81
CA TYR A 52 -0.39 2.85 1.33
C TYR A 52 -0.39 2.85 2.85
N ALA A 53 -1.25 3.69 3.43
CA ALA A 53 -1.37 3.79 4.88
C ALA A 53 -2.69 3.22 5.38
N PRO A 54 -2.67 1.93 5.77
CA PRO A 54 -3.87 1.25 6.27
C PRO A 54 -4.30 1.76 7.64
N THR A 55 -5.58 2.10 7.76
CA THR A 55 -6.12 2.60 9.01
C THR A 55 -6.52 1.46 9.95
N GLU A 56 -7.07 0.40 9.37
CA GLU A 56 -7.49 -0.76 10.15
C GLU A 56 -6.81 -2.04 9.65
N LYS A 57 -6.66 -3.00 10.54
CA LYS A 57 -6.02 -4.27 10.18
C LYS A 57 -6.96 -5.14 9.35
N GLY A 58 -6.41 -6.19 8.76
CA GLY A 58 -7.21 -7.08 7.95
C GLY A 58 -6.79 -7.08 6.49
N LEU A 59 -7.37 -7.98 5.70
CA LEU A 59 -7.04 -8.08 4.29
C LEU A 59 -7.59 -6.88 3.52
N HIS A 60 -6.73 -6.28 2.70
CA HIS A 60 -7.13 -5.12 1.90
C HIS A 60 -7.03 -5.43 0.41
N GLN A 61 -7.91 -4.81 -0.37
CA GLN A 61 -7.92 -5.02 -1.82
C GLN A 61 -7.31 -3.83 -2.55
N MET A 62 -6.25 -4.10 -3.30
CA MET A 62 -5.56 -3.05 -4.04
C MET A 62 -5.63 -3.32 -5.54
N GLY A 63 -6.16 -2.35 -6.29
CA GLY A 63 -6.28 -2.51 -7.74
C GLY A 63 -5.55 -1.42 -8.49
N ILE A 64 -4.45 -1.78 -9.14
CA ILE A 64 -3.65 -0.83 -9.90
C ILE A 64 -4.01 -0.89 -11.38
N LYS A 65 -3.94 0.26 -12.04
CA LYS A 65 -4.25 0.34 -13.47
C LYS A 65 -3.17 1.12 -14.22
N TYR A 66 -3.00 0.79 -15.50
CA TYR A 66 -2.00 1.46 -16.32
C TYR A 66 -2.60 1.91 -17.64
N ASP A 67 -2.88 3.21 -17.74
CA ASP A 67 -3.46 3.78 -18.95
C ASP A 67 -4.69 3.00 -19.39
N GLY A 68 -5.46 2.50 -18.40
CA GLY A 68 -6.65 1.74 -18.70
C GLY A 68 -6.35 0.28 -19.00
N ASN A 69 -5.51 -0.32 -18.16
CA ASN A 69 -5.14 -1.72 -18.34
C ASN A 69 -4.62 -2.32 -17.03
N HIS A 70 -5.40 -3.24 -16.47
CA HIS A 70 -5.03 -3.89 -15.21
C HIS A 70 -3.59 -4.39 -15.28
N ILE A 71 -2.68 -3.65 -14.66
CA ILE A 71 -1.27 -4.03 -14.64
C ILE A 71 -1.10 -5.50 -14.29
N PRO A 72 0.00 -6.10 -14.78
CA PRO A 72 0.31 -7.51 -14.53
C PRO A 72 0.69 -7.77 -13.08
N GLY A 73 -0.30 -8.13 -12.26
CA GLY A 73 -0.04 -8.40 -10.86
C GLY A 73 -1.08 -7.78 -9.94
N SER A 74 -2.09 -7.16 -10.54
CA SER A 74 -3.15 -6.51 -9.78
C SER A 74 -4.53 -6.97 -10.26
N PRO A 75 -5.52 -6.90 -9.36
CA PRO A 75 -5.32 -6.43 -7.99
C PRO A 75 -4.49 -7.40 -7.16
N LEU A 76 -4.19 -7.00 -5.92
CA LEU A 76 -3.42 -7.85 -5.02
C LEU A 76 -4.09 -7.96 -3.66
N GLN A 77 -3.64 -8.92 -2.86
CA GLN A 77 -4.21 -9.14 -1.53
C GLN A 77 -3.12 -9.12 -0.47
N PHE A 78 -3.26 -8.24 0.52
CA PHE A 78 -2.28 -8.12 1.59
C PHE A 78 -2.98 -7.96 2.94
N TYR A 79 -2.33 -8.43 4.00
CA TYR A 79 -2.88 -8.34 5.34
C TYR A 79 -2.14 -7.29 6.16
N VAL A 80 -2.90 -6.46 6.87
CA VAL A 80 -2.33 -5.41 7.70
C VAL A 80 -2.37 -5.78 9.17
N ASP A 81 -1.19 -5.83 9.80
CA ASP A 81 -1.10 -6.18 11.22
C ASP A 81 -0.66 -4.97 12.04
N ALA A 82 -0.73 -5.10 13.36
CA ALA A 82 -0.34 -4.02 14.26
C ALA A 82 1.16 -3.73 14.15
N ILE A 83 1.55 -2.54 14.59
CA ILE A 83 2.95 -2.14 14.54
C ILE A 83 3.69 -2.55 15.81
N ASN A 84 4.38 -3.69 15.75
CA ASN A 84 5.13 -4.19 16.89
C ASN A 84 6.37 -3.34 17.15
N SER A 85 7.11 -3.05 16.09
CA SER A 85 8.32 -2.24 16.20
C SER A 85 8.15 -1.15 17.25
N ARG A 86 9.18 -0.95 18.06
CA ARG A 86 9.15 0.06 19.11
C ARG A 86 10.36 0.98 19.01
N HIS A 87 10.12 2.28 19.15
CA HIS A 87 11.18 3.28 19.07
C HIS A 87 11.88 3.42 20.42
N SER A 88 12.98 2.70 20.60
CA SER A 88 13.74 2.75 21.84
C SER A 88 14.98 3.62 21.68
N GLY A 89 14.89 4.86 22.15
CA GLY A 89 16.02 5.77 22.05
C GLY A 89 15.70 7.14 22.63
N PRO A 90 16.70 7.77 23.26
CA PRO A 90 16.54 9.10 23.86
C PRO A 90 16.40 10.20 22.81
N SER A 91 16.16 11.42 23.27
CA SER A 91 16.00 12.55 22.37
C SER A 91 16.88 13.71 22.79
N SER A 92 17.40 14.45 21.81
CA SER A 92 18.27 15.59 22.07
C SER A 92 17.82 16.33 23.33
N GLY A 93 18.48 16.05 24.45
CA GLY A 93 18.14 16.70 25.70
C GLY A 93 17.93 15.71 26.82
N GLY A 1 -11.02 7.66 28.45
CA GLY A 1 -11.02 6.38 27.77
C GLY A 1 -9.85 6.22 26.81
N SER A 2 -10.15 6.06 25.53
CA SER A 2 -9.12 5.90 24.51
C SER A 2 -8.86 7.21 23.78
N SER A 3 -7.67 7.33 23.20
CA SER A 3 -7.30 8.54 22.48
C SER A 3 -7.12 8.24 20.99
N GLY A 4 -8.07 7.48 20.43
CA GLY A 4 -8.00 7.14 19.03
C GLY A 4 -6.58 6.95 18.53
N SER A 5 -5.81 6.15 19.26
CA SER A 5 -4.42 5.88 18.91
C SER A 5 -4.29 4.56 18.14
N SER A 6 -3.98 4.67 16.85
CA SER A 6 -3.84 3.50 16.00
C SER A 6 -2.37 3.14 15.82
N GLY A 7 -2.12 2.04 15.11
CA GLY A 7 -0.76 1.60 14.87
C GLY A 7 -0.67 0.41 13.94
N LEU A 8 -0.44 0.68 12.67
CA LEU A 8 -0.35 -0.37 11.66
C LEU A 8 0.86 -0.16 10.75
N ARG A 9 1.58 -1.23 10.48
CA ARG A 9 2.76 -1.16 9.62
C ARG A 9 2.38 -0.71 8.21
N PRO A 10 3.27 0.08 7.59
CA PRO A 10 3.04 0.60 6.23
C PRO A 10 3.13 -0.49 5.18
N PHE A 11 2.75 -0.16 3.95
CA PHE A 11 2.79 -1.11 2.84
C PHE A 11 3.74 -0.64 1.75
N ASN A 12 4.93 -1.23 1.70
CA ASN A 12 5.93 -0.87 0.71
C ASN A 12 6.34 -2.09 -0.12
N LEU A 13 6.14 -2.00 -1.43
CA LEU A 13 6.49 -3.10 -2.32
C LEU A 13 6.95 -2.57 -3.68
N VAL A 14 7.73 -3.37 -4.38
CA VAL A 14 8.23 -2.98 -5.69
C VAL A 14 7.87 -4.00 -6.76
N ILE A 15 6.95 -3.64 -7.64
CA ILE A 15 6.50 -4.52 -8.70
C ILE A 15 7.24 -4.24 -10.00
N PRO A 16 7.75 -5.32 -10.64
CA PRO A 16 8.49 -5.21 -11.90
C PRO A 16 7.59 -4.81 -13.06
N PHE A 17 7.30 -3.51 -13.17
CA PHE A 17 6.45 -3.00 -14.24
C PHE A 17 6.93 -1.62 -14.69
N ALA A 18 7.37 -1.55 -15.95
CA ALA A 18 7.86 -0.29 -16.50
C ALA A 18 6.70 0.66 -16.82
N VAL A 19 6.94 1.95 -16.69
CA VAL A 19 5.92 2.96 -16.98
C VAL A 19 6.46 4.05 -17.89
N GLN A 20 5.99 4.05 -19.13
CA GLN A 20 6.43 5.05 -20.11
C GLN A 20 5.24 5.89 -20.59
N LYS A 21 5.35 7.20 -20.42
CA LYS A 21 4.30 8.12 -20.82
C LYS A 21 2.92 7.54 -20.53
N GLY A 22 2.80 6.89 -19.38
CA GLY A 22 1.53 6.30 -18.99
C GLY A 22 1.07 6.76 -17.63
N GLU A 23 -0.24 6.64 -17.38
CA GLU A 23 -0.81 7.06 -16.11
C GLU A 23 -1.09 5.86 -15.21
N LEU A 24 -0.29 5.71 -14.16
CA LEU A 24 -0.44 4.60 -13.22
C LEU A 24 -1.24 5.03 -12.00
N THR A 25 -2.40 4.40 -11.79
CA THR A 25 -3.24 4.72 -10.66
C THR A 25 -3.57 3.46 -9.85
N GLY A 26 -4.28 3.65 -8.74
CA GLY A 26 -4.65 2.52 -7.90
C GLY A 26 -5.71 2.89 -6.88
N GLU A 27 -6.19 1.88 -6.15
CA GLU A 27 -7.22 2.10 -5.14
C GLU A 27 -7.20 1.00 -4.09
N VAL A 28 -7.42 1.37 -2.83
CA VAL A 28 -7.42 0.42 -1.74
C VAL A 28 -8.80 0.35 -1.08
N ARG A 29 -9.21 -0.85 -0.69
CA ARG A 29 -10.50 -1.06 -0.05
C ARG A 29 -10.31 -1.61 1.36
N MET A 30 -10.70 -0.81 2.36
CA MET A 30 -10.59 -1.21 3.75
C MET A 30 -11.81 -2.03 4.19
N PRO A 31 -11.60 -2.93 5.15
CA PRO A 31 -12.68 -3.78 5.68
C PRO A 31 -13.69 -2.99 6.50
N SER A 32 -13.33 -1.77 6.86
CA SER A 32 -14.21 -0.91 7.65
C SER A 32 -15.50 -0.59 6.88
N GLY A 33 -15.35 -0.32 5.59
CA GLY A 33 -16.51 0.00 4.77
C GLY A 33 -16.29 1.23 3.91
N LYS A 34 -15.03 1.51 3.58
CA LYS A 34 -14.69 2.67 2.75
C LYS A 34 -13.56 2.34 1.80
N THR A 35 -13.11 3.34 1.05
CA THR A 35 -12.03 3.16 0.09
C THR A 35 -11.04 4.33 0.14
N ALA A 36 -9.77 4.02 -0.02
CA ALA A 36 -8.72 5.04 0.00
C ALA A 36 -7.74 4.85 -1.15
N ARG A 37 -7.29 5.96 -1.72
CA ARG A 37 -6.34 5.91 -2.83
C ARG A 37 -4.91 5.81 -2.33
N PRO A 38 -4.21 4.73 -2.71
CA PRO A 38 -2.83 4.49 -2.30
C PRO A 38 -1.86 5.46 -2.96
N ASN A 39 -0.57 5.14 -2.91
CA ASN A 39 0.46 5.99 -3.50
C ASN A 39 1.44 5.15 -4.32
N ILE A 40 1.96 5.75 -5.39
CA ILE A 40 2.91 5.07 -6.26
C ILE A 40 4.04 6.00 -6.69
N THR A 41 5.28 5.55 -6.52
CA THR A 41 6.44 6.35 -6.90
C THR A 41 7.07 5.83 -8.18
N ASP A 42 6.66 6.38 -9.31
CA ASP A 42 7.19 5.97 -10.60
C ASP A 42 8.70 6.21 -10.67
N ASN A 43 9.46 5.12 -10.80
CA ASN A 43 10.91 5.22 -10.87
C ASN A 43 11.37 5.39 -12.31
N LYS A 44 10.51 5.03 -13.26
CA LYS A 44 10.82 5.15 -14.67
C LYS A 44 12.10 4.39 -15.01
N ASP A 45 12.32 3.28 -14.32
CA ASP A 45 13.49 2.44 -14.55
C ASP A 45 13.10 1.01 -14.88
N GLY A 46 11.80 0.74 -14.89
CA GLY A 46 11.31 -0.58 -15.19
C GLY A 46 10.52 -1.18 -14.05
N THR A 47 10.59 -0.54 -12.89
CA THR A 47 9.87 -1.02 -11.71
C THR A 47 9.03 0.08 -11.09
N ILE A 48 8.10 -0.30 -10.23
CA ILE A 48 7.23 0.65 -9.56
C ILE A 48 7.15 0.38 -8.06
N THR A 49 7.11 1.44 -7.27
CA THR A 49 7.04 1.32 -5.82
C THR A 49 5.65 1.70 -5.30
N VAL A 50 5.01 0.78 -4.60
CA VAL A 50 3.68 1.03 -4.05
C VAL A 50 3.75 1.34 -2.57
N ARG A 51 3.18 2.49 -2.19
CA ARG A 51 3.19 2.91 -0.79
C ARG A 51 1.76 3.23 -0.32
N TYR A 52 1.36 2.59 0.77
CA TYR A 52 0.03 2.80 1.33
C TYR A 52 0.07 2.84 2.85
N ALA A 53 -0.90 3.53 3.45
CA ALA A 53 -0.97 3.63 4.90
C ALA A 53 -2.32 3.16 5.42
N PRO A 54 -2.37 1.90 5.87
CA PRO A 54 -3.61 1.30 6.39
C PRO A 54 -4.01 1.90 7.74
N THR A 55 -5.29 2.26 7.85
CA THR A 55 -5.81 2.85 9.08
C THR A 55 -6.37 1.78 10.01
N GLU A 56 -6.73 0.63 9.42
CA GLU A 56 -7.29 -0.48 10.20
C GLU A 56 -6.68 -1.79 9.76
N LYS A 57 -6.76 -2.80 10.63
CA LYS A 57 -6.22 -4.12 10.33
C LYS A 57 -7.22 -4.93 9.51
N GLY A 58 -6.71 -5.99 8.87
CA GLY A 58 -7.57 -6.83 8.05
C GLY A 58 -7.08 -6.93 6.62
N LEU A 59 -7.85 -7.64 5.79
CA LEU A 59 -7.48 -7.82 4.38
C LEU A 59 -7.91 -6.61 3.56
N HIS A 60 -6.99 -6.11 2.72
CA HIS A 60 -7.28 -4.95 1.88
C HIS A 60 -7.11 -5.31 0.41
N GLN A 61 -7.98 -4.76 -0.44
CA GLN A 61 -7.92 -5.02 -1.87
C GLN A 61 -7.32 -3.82 -2.61
N MET A 62 -6.19 -4.07 -3.28
CA MET A 62 -5.52 -3.01 -4.03
C MET A 62 -5.60 -3.27 -5.53
N GLY A 63 -6.18 -2.33 -6.27
CA GLY A 63 -6.30 -2.48 -7.71
C GLY A 63 -5.54 -1.42 -8.47
N ILE A 64 -4.39 -1.79 -9.03
CA ILE A 64 -3.58 -0.86 -9.80
C ILE A 64 -3.89 -0.93 -11.27
N LYS A 65 -4.04 0.22 -11.91
CA LYS A 65 -4.34 0.29 -13.34
C LYS A 65 -3.28 1.08 -14.08
N TYR A 66 -3.14 0.81 -15.38
CA TYR A 66 -2.16 1.50 -16.21
C TYR A 66 -2.78 1.98 -17.51
N ASP A 67 -3.11 3.26 -17.56
CA ASP A 67 -3.72 3.85 -18.76
C ASP A 67 -4.96 3.07 -19.17
N GLY A 68 -5.64 2.48 -18.19
CA GLY A 68 -6.83 1.71 -18.49
C GLY A 68 -6.54 0.25 -18.80
N ASN A 69 -5.62 -0.33 -18.02
CA ASN A 69 -5.25 -1.73 -18.22
C ASN A 69 -4.68 -2.33 -16.94
N HIS A 70 -5.42 -3.26 -16.35
CA HIS A 70 -4.99 -3.92 -15.12
C HIS A 70 -3.53 -4.37 -15.22
N ILE A 71 -2.65 -3.66 -14.53
CA ILE A 71 -1.23 -3.98 -14.54
C ILE A 71 -1.00 -5.47 -14.27
N PRO A 72 0.12 -6.00 -14.77
CA PRO A 72 0.48 -7.41 -14.60
C PRO A 72 0.86 -7.73 -13.15
N GLY A 73 -0.12 -8.12 -12.35
CA GLY A 73 0.13 -8.45 -10.96
C GLY A 73 -0.87 -7.80 -10.02
N SER A 74 -1.98 -7.32 -10.57
CA SER A 74 -3.01 -6.67 -9.78
C SER A 74 -4.40 -7.16 -10.18
N PRO A 75 -5.36 -7.05 -9.25
CA PRO A 75 -5.10 -6.50 -7.91
C PRO A 75 -4.24 -7.42 -7.06
N LEU A 76 -3.94 -6.99 -5.84
CA LEU A 76 -3.12 -7.78 -4.93
C LEU A 76 -3.69 -7.75 -3.51
N GLN A 77 -3.58 -8.86 -2.82
CA GLN A 77 -4.09 -8.97 -1.45
C GLN A 77 -2.97 -8.79 -0.43
N PHE A 78 -3.27 -8.06 0.65
CA PHE A 78 -2.28 -7.81 1.68
C PHE A 78 -2.96 -7.57 3.03
N TYR A 79 -2.61 -8.37 4.02
CA TYR A 79 -3.18 -8.26 5.35
C TYR A 79 -2.44 -7.21 6.18
N VAL A 80 -3.18 -6.47 7.00
CA VAL A 80 -2.60 -5.44 7.84
C VAL A 80 -2.73 -5.79 9.31
N ASP A 81 -1.61 -5.87 10.01
CA ASP A 81 -1.60 -6.19 11.43
C ASP A 81 -1.03 -5.05 12.25
N ALA A 82 -1.29 -5.07 13.56
CA ALA A 82 -0.81 -4.03 14.45
C ALA A 82 0.72 -4.00 14.48
N ILE A 83 1.27 -2.82 14.78
CA ILE A 83 2.72 -2.66 14.84
C ILE A 83 3.30 -3.24 16.13
N ASN A 84 3.45 -4.56 16.16
CA ASN A 84 3.98 -5.23 17.35
C ASN A 84 5.49 -5.38 17.25
N SER A 85 6.18 -5.22 18.39
CA SER A 85 7.63 -5.33 18.43
C SER A 85 8.05 -6.54 19.24
N ARG A 86 8.28 -7.66 18.56
CA ARG A 86 8.70 -8.90 19.22
C ARG A 86 10.16 -9.21 18.91
N HIS A 87 10.51 -9.14 17.64
CA HIS A 87 11.87 -9.42 17.21
C HIS A 87 12.80 -8.26 17.55
N SER A 88 13.87 -8.55 18.28
CA SER A 88 14.83 -7.53 18.69
C SER A 88 15.59 -7.00 17.48
N GLY A 89 15.79 -5.68 17.45
CA GLY A 89 16.50 -5.07 16.35
C GLY A 89 17.08 -3.71 16.71
N PRO A 90 18.25 -3.39 16.16
CA PRO A 90 18.94 -2.12 16.41
C PRO A 90 18.20 -0.94 15.79
N SER A 91 17.59 -0.11 16.64
CA SER A 91 16.86 1.07 16.18
C SER A 91 17.81 2.21 15.85
N SER A 92 17.76 2.68 14.61
CA SER A 92 18.61 3.78 14.17
C SER A 92 17.86 5.10 14.18
N GLY A 93 18.51 6.15 14.67
CA GLY A 93 17.89 7.45 14.74
C GLY A 93 17.70 8.07 13.36
N GLY A 1 -13.51 -0.28 24.46
CA GLY A 1 -12.66 0.18 25.54
C GLY A 1 -11.97 1.48 25.21
N SER A 2 -10.79 1.68 25.78
CA SER A 2 -10.02 2.90 25.56
C SER A 2 -9.92 3.21 24.06
N SER A 3 -10.11 4.48 23.71
CA SER A 3 -10.04 4.90 22.32
C SER A 3 -8.66 5.44 21.97
N GLY A 4 -8.41 5.63 20.68
CA GLY A 4 -7.13 6.13 20.24
C GLY A 4 -6.72 5.58 18.89
N SER A 5 -5.67 6.15 18.30
CA SER A 5 -5.18 5.71 17.00
C SER A 5 -4.31 4.48 17.13
N SER A 6 -4.46 3.55 16.18
CA SER A 6 -3.68 2.32 16.20
C SER A 6 -2.49 2.41 15.25
N GLY A 7 -1.46 1.62 15.53
CA GLY A 7 -0.27 1.63 14.69
C GLY A 7 -0.20 0.43 13.76
N LEU A 8 -0.29 0.68 12.46
CA LEU A 8 -0.24 -0.38 11.47
C LEU A 8 0.91 -0.17 10.49
N ARG A 9 1.70 -1.22 10.28
CA ARG A 9 2.85 -1.14 9.37
C ARG A 9 2.40 -0.72 7.97
N PRO A 10 3.22 0.09 7.31
CA PRO A 10 2.94 0.58 5.96
C PRO A 10 3.02 -0.52 4.91
N PHE A 11 2.53 -0.22 3.71
CA PHE A 11 2.55 -1.19 2.62
C PHE A 11 3.56 -0.79 1.55
N ASN A 12 4.77 -1.33 1.66
CA ASN A 12 5.83 -1.03 0.70
C ASN A 12 6.15 -2.25 -0.16
N LEU A 13 5.91 -2.12 -1.46
CA LEU A 13 6.17 -3.21 -2.39
C LEU A 13 6.52 -2.66 -3.77
N VAL A 14 7.54 -3.25 -4.40
CA VAL A 14 7.96 -2.82 -5.73
C VAL A 14 7.56 -3.85 -6.78
N ILE A 15 6.61 -3.47 -7.63
CA ILE A 15 6.13 -4.35 -8.68
C ILE A 15 6.94 -4.15 -9.96
N PRO A 16 7.42 -5.28 -10.54
CA PRO A 16 8.20 -5.25 -11.77
C PRO A 16 7.37 -4.87 -12.99
N PHE A 17 7.15 -3.58 -13.16
CA PHE A 17 6.37 -3.07 -14.29
C PHE A 17 6.90 -1.72 -14.77
N ALA A 18 7.38 -1.69 -16.00
CA ALA A 18 7.92 -0.46 -16.58
C ALA A 18 6.81 0.54 -16.87
N VAL A 19 7.05 1.80 -16.51
CA VAL A 19 6.07 2.86 -16.73
C VAL A 19 6.65 3.98 -17.58
N GLN A 20 6.31 3.98 -18.86
CA GLN A 20 6.79 5.00 -19.78
C GLN A 20 5.63 5.79 -20.39
N LYS A 21 5.67 7.11 -20.20
CA LYS A 21 4.62 7.98 -20.74
C LYS A 21 3.24 7.36 -20.53
N GLY A 22 3.09 6.61 -19.44
CA GLY A 22 1.82 5.97 -19.16
C GLY A 22 1.25 6.40 -17.82
N GLU A 23 -0.08 6.41 -17.73
CA GLU A 23 -0.75 6.82 -16.50
C GLU A 23 -0.91 5.63 -15.55
N LEU A 24 -0.44 5.81 -14.32
CA LEU A 24 -0.53 4.76 -13.32
C LEU A 24 -1.38 5.20 -12.13
N THR A 25 -2.48 4.49 -11.91
CA THR A 25 -3.39 4.80 -10.81
C THR A 25 -3.81 3.54 -10.06
N GLY A 26 -4.31 3.72 -8.84
CA GLY A 26 -4.75 2.58 -8.05
C GLY A 26 -5.72 2.98 -6.95
N GLU A 27 -6.27 1.99 -6.26
CA GLU A 27 -7.21 2.25 -5.18
C GLU A 27 -7.17 1.13 -4.14
N VAL A 28 -7.46 1.47 -2.90
CA VAL A 28 -7.45 0.51 -1.81
C VAL A 28 -8.82 0.42 -1.14
N ARG A 29 -9.15 -0.77 -0.64
CA ARG A 29 -10.44 -1.00 0.02
C ARG A 29 -10.24 -1.64 1.39
N MET A 30 -10.70 -0.95 2.43
CA MET A 30 -10.57 -1.45 3.79
C MET A 30 -11.81 -2.24 4.19
N PRO A 31 -11.61 -3.25 5.06
CA PRO A 31 -12.70 -4.10 5.54
C PRO A 31 -13.66 -3.36 6.47
N SER A 32 -13.32 -2.11 6.77
CA SER A 32 -14.15 -1.28 7.64
C SER A 32 -15.42 -0.84 6.93
N GLY A 33 -15.30 -0.54 5.64
CA GLY A 33 -16.44 -0.10 4.86
C GLY A 33 -16.17 1.18 4.11
N LYS A 34 -14.89 1.50 3.91
CA LYS A 34 -14.50 2.72 3.21
C LYS A 34 -13.42 2.43 2.18
N THR A 35 -12.94 3.48 1.51
CA THR A 35 -11.90 3.33 0.50
C THR A 35 -10.92 4.49 0.56
N ALA A 36 -9.66 4.21 0.27
CA ALA A 36 -8.61 5.23 0.28
C ALA A 36 -7.66 5.06 -0.89
N ARG A 37 -7.27 6.17 -1.51
CA ARG A 37 -6.36 6.13 -2.64
C ARG A 37 -4.92 5.98 -2.18
N PRO A 38 -4.26 4.89 -2.63
CA PRO A 38 -2.87 4.59 -2.27
C PRO A 38 -1.89 5.58 -2.90
N ASN A 39 -0.61 5.21 -2.91
CA ASN A 39 0.43 6.06 -3.48
C ASN A 39 1.41 5.23 -4.30
N ILE A 40 1.88 5.80 -5.41
CA ILE A 40 2.82 5.12 -6.28
C ILE A 40 3.96 6.05 -6.69
N THR A 41 5.19 5.60 -6.48
CA THR A 41 6.37 6.39 -6.83
C THR A 41 7.03 5.87 -8.10
N ASP A 42 6.67 6.46 -9.23
CA ASP A 42 7.23 6.07 -10.52
C ASP A 42 8.74 6.24 -10.53
N ASN A 43 9.46 5.15 -10.80
CA ASN A 43 10.92 5.19 -10.84
C ASN A 43 11.41 5.44 -12.26
N LYS A 44 10.58 5.12 -13.24
CA LYS A 44 10.93 5.32 -14.65
C LYS A 44 12.19 4.55 -15.00
N ASP A 45 12.39 3.40 -14.37
CA ASP A 45 13.55 2.56 -14.62
C ASP A 45 13.14 1.16 -15.05
N GLY A 46 11.90 0.78 -14.73
CA GLY A 46 11.40 -0.52 -15.08
C GLY A 46 10.53 -1.13 -14.01
N THR A 47 10.52 -0.51 -12.84
CA THR A 47 9.71 -0.99 -11.73
C THR A 47 8.86 0.13 -11.12
N ILE A 48 7.95 -0.23 -10.25
CA ILE A 48 7.08 0.74 -9.60
C ILE A 48 6.95 0.46 -8.10
N THR A 49 6.95 1.52 -7.30
CA THR A 49 6.83 1.39 -5.86
C THR A 49 5.42 1.71 -5.39
N VAL A 50 4.91 0.90 -4.45
CA VAL A 50 3.56 1.10 -3.92
C VAL A 50 3.61 1.40 -2.43
N ARG A 51 3.08 2.57 -2.05
CA ARG A 51 3.06 2.98 -0.66
C ARG A 51 1.63 3.27 -0.20
N TYR A 52 1.20 2.59 0.85
CA TYR A 52 -0.14 2.77 1.38
C TYR A 52 -0.14 2.70 2.90
N ALA A 53 -0.97 3.53 3.53
CA ALA A 53 -1.07 3.57 4.99
C ALA A 53 -2.42 3.05 5.46
N PRO A 54 -2.45 1.78 5.88
CA PRO A 54 -3.67 1.14 6.37
C PRO A 54 -4.13 1.69 7.71
N THR A 55 -5.40 2.08 7.78
CA THR A 55 -5.96 2.63 9.02
C THR A 55 -6.48 1.53 9.92
N GLU A 56 -6.90 0.42 9.33
CA GLU A 56 -7.42 -0.71 10.10
C GLU A 56 -6.67 -1.99 9.74
N LYS A 57 -6.64 -2.93 10.68
CA LYS A 57 -5.96 -4.21 10.47
C LYS A 57 -6.88 -5.21 9.79
N GLY A 58 -6.35 -5.89 8.78
CA GLY A 58 -7.14 -6.88 8.06
C GLY A 58 -6.74 -6.98 6.60
N LEU A 59 -7.44 -7.84 5.86
CA LEU A 59 -7.15 -8.03 4.44
C LEU A 59 -7.77 -6.92 3.61
N HIS A 60 -6.93 -6.20 2.87
CA HIS A 60 -7.39 -5.10 2.03
C HIS A 60 -7.26 -5.46 0.55
N GLN A 61 -8.00 -4.76 -0.29
CA GLN A 61 -7.97 -5.01 -1.73
C GLN A 61 -7.41 -3.80 -2.49
N MET A 62 -6.42 -4.06 -3.33
CA MET A 62 -5.80 -2.99 -4.11
C MET A 62 -5.93 -3.26 -5.60
N GLY A 63 -6.28 -2.23 -6.36
CA GLY A 63 -6.44 -2.37 -7.80
C GLY A 63 -5.71 -1.30 -8.57
N ILE A 64 -4.58 -1.67 -9.18
CA ILE A 64 -3.80 -0.72 -9.96
C ILE A 64 -4.14 -0.81 -11.43
N LYS A 65 -3.83 0.26 -12.17
CA LYS A 65 -4.11 0.30 -13.61
C LYS A 65 -3.03 1.09 -14.35
N TYR A 66 -2.86 0.78 -15.62
CA TYR A 66 -1.85 1.46 -16.44
C TYR A 66 -2.43 1.86 -17.80
N ASP A 67 -2.56 3.15 -18.02
CA ASP A 67 -3.09 3.66 -19.28
C ASP A 67 -4.34 2.88 -19.70
N GLY A 68 -5.07 2.37 -18.71
CA GLY A 68 -6.27 1.61 -18.99
C GLY A 68 -5.99 0.12 -19.14
N ASN A 69 -5.13 -0.41 -18.27
CA ASN A 69 -4.79 -1.82 -18.31
C ASN A 69 -4.39 -2.33 -16.93
N HIS A 70 -5.00 -3.44 -16.52
CA HIS A 70 -4.72 -4.02 -15.21
C HIS A 70 -3.28 -4.54 -15.15
N ILE A 71 -2.40 -3.75 -14.53
CA ILE A 71 -1.00 -4.13 -14.41
C ILE A 71 -0.86 -5.59 -14.01
N PRO A 72 0.28 -6.21 -14.40
CA PRO A 72 0.56 -7.61 -14.08
C PRO A 72 0.84 -7.83 -12.61
N GLY A 73 -0.23 -8.06 -11.83
CA GLY A 73 -0.07 -8.28 -10.40
C GLY A 73 -1.20 -7.68 -9.61
N SER A 74 -2.09 -6.97 -10.28
CA SER A 74 -3.24 -6.34 -9.62
C SER A 74 -4.55 -6.82 -10.22
N PRO A 75 -5.62 -6.76 -9.41
CA PRO A 75 -5.56 -6.25 -8.05
C PRO A 75 -4.80 -7.19 -7.12
N LEU A 76 -4.39 -6.68 -5.96
CA LEU A 76 -3.66 -7.48 -4.98
C LEU A 76 -4.18 -7.22 -3.57
N GLN A 77 -4.24 -8.28 -2.77
CA GLN A 77 -4.71 -8.17 -1.40
C GLN A 77 -3.60 -8.50 -0.41
N PHE A 78 -3.55 -7.74 0.68
CA PHE A 78 -2.53 -7.95 1.71
C PHE A 78 -3.14 -7.84 3.11
N TYR A 79 -2.44 -8.41 4.09
CA TYR A 79 -2.91 -8.38 5.47
C TYR A 79 -2.14 -7.36 6.29
N VAL A 80 -2.86 -6.59 7.11
CA VAL A 80 -2.24 -5.57 7.95
C VAL A 80 -2.44 -5.87 9.42
N ASP A 81 -1.35 -5.84 10.18
CA ASP A 81 -1.41 -6.11 11.61
C ASP A 81 -0.62 -5.07 12.40
N ALA A 82 -0.97 -4.89 13.67
CA ALA A 82 -0.28 -3.94 14.53
C ALA A 82 1.22 -3.93 14.26
N ILE A 83 1.84 -2.77 14.43
CA ILE A 83 3.27 -2.63 14.21
C ILE A 83 4.07 -3.22 15.36
N ASN A 84 4.84 -4.26 15.08
CA ASN A 84 5.66 -4.91 16.10
C ASN A 84 7.13 -4.61 15.89
N SER A 85 7.82 -4.25 16.97
CA SER A 85 9.24 -3.94 16.90
C SER A 85 10.02 -5.08 16.27
N ARG A 86 10.93 -4.73 15.36
CA ARG A 86 11.74 -5.74 14.68
C ARG A 86 13.20 -5.63 15.10
N HIS A 87 13.59 -6.44 16.09
CA HIS A 87 14.97 -6.43 16.58
C HIS A 87 15.51 -5.01 16.65
N SER A 88 14.67 -4.08 17.09
CA SER A 88 15.07 -2.67 17.20
C SER A 88 15.84 -2.44 18.49
N GLY A 89 15.23 -2.79 19.61
CA GLY A 89 15.86 -2.60 20.91
C GLY A 89 15.08 -3.23 22.03
N PRO A 90 15.81 -3.73 23.05
CA PRO A 90 15.19 -4.38 24.22
C PRO A 90 14.45 -3.39 25.10
N SER A 91 14.90 -2.14 25.10
CA SER A 91 14.28 -1.09 25.91
C SER A 91 13.44 -0.16 25.03
N SER A 92 12.41 0.43 25.63
CA SER A 92 11.53 1.34 24.90
C SER A 92 12.31 2.56 24.40
N GLY A 93 12.16 2.84 23.11
CA GLY A 93 12.85 3.97 22.52
C GLY A 93 11.97 4.75 21.57
N GLY A 1 -10.00 10.50 19.08
CA GLY A 1 -11.40 10.51 18.74
C GLY A 1 -11.78 9.42 17.75
N SER A 2 -11.10 9.40 16.61
CA SER A 2 -11.37 8.41 15.58
C SER A 2 -10.30 7.32 15.58
N SER A 3 -10.68 6.13 15.14
CA SER A 3 -9.75 5.00 15.09
C SER A 3 -9.11 4.88 13.71
N GLY A 4 -7.79 5.03 13.68
CA GLY A 4 -7.07 4.95 12.42
C GLY A 4 -5.66 5.50 12.51
N SER A 5 -4.72 4.83 11.84
CA SER A 5 -3.33 5.26 11.86
C SER A 5 -2.76 5.22 13.28
N SER A 6 -3.03 4.13 13.99
CA SER A 6 -2.56 3.97 15.35
C SER A 6 -1.21 3.27 15.38
N GLY A 7 -1.14 2.11 14.74
CA GLY A 7 0.11 1.36 14.70
C GLY A 7 0.05 0.18 13.74
N LEU A 8 -0.04 0.48 12.45
CA LEU A 8 -0.10 -0.56 11.43
C LEU A 8 1.04 -0.42 10.44
N ARG A 9 1.78 -1.51 10.23
CA ARG A 9 2.91 -1.51 9.30
C ARG A 9 2.48 -0.98 7.94
N PRO A 10 3.36 -0.18 7.32
CA PRO A 10 3.11 0.42 6.01
C PRO A 10 3.11 -0.63 4.89
N PHE A 11 2.68 -0.21 3.70
CA PHE A 11 2.65 -1.11 2.55
C PHE A 11 3.68 -0.71 1.51
N ASN A 12 4.85 -1.33 1.58
CA ASN A 12 5.94 -1.03 0.65
C ASN A 12 6.25 -2.24 -0.22
N LEU A 13 5.83 -2.17 -1.48
CA LEU A 13 6.07 -3.27 -2.42
C LEU A 13 6.43 -2.73 -3.80
N VAL A 14 7.51 -3.28 -4.37
CA VAL A 14 7.96 -2.85 -5.69
C VAL A 14 7.57 -3.87 -6.76
N ILE A 15 6.67 -3.46 -7.65
CA ILE A 15 6.21 -4.33 -8.72
C ILE A 15 7.02 -4.11 -10.00
N PRO A 16 7.50 -5.21 -10.59
CA PRO A 16 8.29 -5.16 -11.83
C PRO A 16 7.45 -4.75 -13.03
N PHE A 17 7.23 -3.45 -13.18
CA PHE A 17 6.45 -2.92 -14.30
C PHE A 17 7.00 -1.59 -14.77
N ALA A 18 7.52 -1.57 -15.99
CA ALA A 18 8.09 -0.34 -16.56
C ALA A 18 7.00 0.70 -16.79
N VAL A 19 7.37 1.97 -16.68
CA VAL A 19 6.42 3.06 -16.89
C VAL A 19 7.12 4.30 -17.44
N GLN A 20 6.71 4.73 -18.63
CA GLN A 20 7.29 5.90 -19.27
C GLN A 20 6.28 7.02 -19.38
N LYS A 21 5.28 6.83 -20.24
CA LYS A 21 4.24 7.83 -20.44
C LYS A 21 2.86 7.23 -20.21
N GLY A 22 2.71 6.48 -19.12
CA GLY A 22 1.44 5.87 -18.81
C GLY A 22 0.88 6.34 -17.48
N GLU A 23 -0.45 6.35 -17.38
CA GLU A 23 -1.11 6.78 -16.15
C GLU A 23 -1.28 5.62 -15.18
N LEU A 24 -0.42 5.56 -14.17
CA LEU A 24 -0.47 4.51 -13.18
C LEU A 24 -1.29 4.93 -11.96
N THR A 25 -2.52 4.42 -11.88
CA THR A 25 -3.41 4.75 -10.77
C THR A 25 -3.79 3.50 -9.99
N GLY A 26 -4.34 3.70 -8.80
CA GLY A 26 -4.74 2.59 -7.95
C GLY A 26 -5.76 2.98 -6.90
N GLU A 27 -6.30 1.99 -6.20
CA GLU A 27 -7.28 2.25 -5.16
C GLU A 27 -7.22 1.17 -4.07
N VAL A 28 -7.56 1.55 -2.84
CA VAL A 28 -7.54 0.62 -1.73
C VAL A 28 -8.92 0.49 -1.10
N ARG A 29 -9.23 -0.71 -0.61
CA ARG A 29 -10.53 -0.97 0.00
C ARG A 29 -10.34 -1.54 1.41
N MET A 30 -10.78 -0.79 2.40
CA MET A 30 -10.66 -1.22 3.80
C MET A 30 -11.88 -2.05 4.20
N PRO A 31 -11.68 -2.95 5.17
CA PRO A 31 -12.74 -3.83 5.68
C PRO A 31 -13.80 -3.06 6.47
N SER A 32 -13.52 -1.78 6.75
CA SER A 32 -14.44 -0.95 7.50
C SER A 32 -15.68 -0.63 6.67
N GLY A 33 -15.48 -0.44 5.37
CA GLY A 33 -16.59 -0.13 4.48
C GLY A 33 -16.35 1.12 3.67
N LYS A 34 -15.09 1.52 3.56
CA LYS A 34 -14.73 2.72 2.79
C LYS A 34 -13.61 2.40 1.81
N THR A 35 -13.18 3.42 1.06
CA THR A 35 -12.12 3.25 0.08
C THR A 35 -11.20 4.47 0.06
N ALA A 36 -9.89 4.22 -0.02
CA ALA A 36 -8.90 5.29 -0.06
C ALA A 36 -7.98 5.15 -1.26
N ARG A 37 -7.31 6.23 -1.61
CA ARG A 37 -6.39 6.23 -2.75
C ARG A 37 -4.95 6.05 -2.28
N PRO A 38 -4.32 4.95 -2.73
CA PRO A 38 -2.93 4.63 -2.37
C PRO A 38 -1.93 5.59 -3.02
N ASN A 39 -0.66 5.21 -2.99
CA ASN A 39 0.40 6.04 -3.56
C ASN A 39 1.38 5.19 -4.35
N ILE A 40 1.91 5.74 -5.44
CA ILE A 40 2.86 5.03 -6.28
C ILE A 40 3.99 5.96 -6.73
N THR A 41 5.23 5.57 -6.42
CA THR A 41 6.39 6.36 -6.79
C THR A 41 7.00 5.87 -8.11
N ASP A 42 6.60 6.49 -9.21
CA ASP A 42 7.09 6.12 -10.53
C ASP A 42 8.61 6.28 -10.59
N ASN A 43 9.31 5.16 -10.80
CA ASN A 43 10.77 5.18 -10.89
C ASN A 43 11.22 5.35 -12.34
N LYS A 44 10.36 4.96 -13.27
CA LYS A 44 10.68 5.07 -14.69
C LYS A 44 11.97 4.33 -15.01
N ASP A 45 12.30 3.34 -14.21
CA ASP A 45 13.51 2.55 -14.41
C ASP A 45 13.17 1.09 -14.74
N GLY A 46 11.88 0.79 -14.79
CA GLY A 46 11.44 -0.55 -15.08
C GLY A 46 10.66 -1.18 -13.95
N THR A 47 10.51 -0.43 -12.85
CA THR A 47 9.77 -0.91 -11.69
C THR A 47 8.94 0.20 -11.07
N ILE A 48 8.03 -0.18 -10.17
CA ILE A 48 7.17 0.79 -9.51
C ILE A 48 7.05 0.48 -8.02
N THR A 49 7.16 1.52 -7.20
CA THR A 49 7.07 1.37 -5.75
C THR A 49 5.68 1.77 -5.24
N VAL A 50 5.06 0.87 -4.49
CA VAL A 50 3.73 1.14 -3.94
C VAL A 50 3.80 1.52 -2.47
N ARG A 51 3.09 2.56 -2.09
CA ARG A 51 3.07 3.02 -0.71
C ARG A 51 1.65 3.32 -0.24
N TYR A 52 1.21 2.60 0.79
CA TYR A 52 -0.13 2.77 1.32
C TYR A 52 -0.12 2.69 2.85
N ALA A 53 -0.77 3.66 3.50
CA ALA A 53 -0.84 3.69 4.94
C ALA A 53 -2.20 3.21 5.44
N PRO A 54 -2.25 1.94 5.86
CA PRO A 54 -3.49 1.32 6.36
C PRO A 54 -3.89 1.88 7.73
N THR A 55 -5.11 2.40 7.79
CA THR A 55 -5.62 2.97 9.04
C THR A 55 -6.09 1.88 9.99
N GLU A 56 -6.62 0.79 9.43
CA GLU A 56 -7.10 -0.32 10.24
C GLU A 56 -6.45 -1.63 9.80
N LYS A 57 -6.53 -2.65 10.66
CA LYS A 57 -5.94 -3.95 10.35
C LYS A 57 -6.97 -4.86 9.69
N GLY A 58 -6.51 -5.66 8.73
CA GLY A 58 -7.41 -6.57 8.03
C GLY A 58 -7.05 -6.71 6.57
N LEU A 59 -7.82 -7.55 5.86
CA LEU A 59 -7.58 -7.78 4.44
C LEU A 59 -7.98 -6.56 3.61
N HIS A 60 -7.06 -6.09 2.77
CA HIS A 60 -7.33 -4.94 1.93
C HIS A 60 -7.16 -5.29 0.45
N GLN A 61 -8.04 -4.74 -0.39
CA GLN A 61 -7.98 -5.01 -1.82
C GLN A 61 -7.37 -3.83 -2.57
N MET A 62 -6.20 -4.05 -3.16
CA MET A 62 -5.52 -3.01 -3.91
C MET A 62 -5.56 -3.29 -5.40
N GLY A 63 -6.14 -2.38 -6.17
CA GLY A 63 -6.22 -2.56 -7.60
C GLY A 63 -5.55 -1.44 -8.38
N ILE A 64 -4.47 -1.78 -9.07
CA ILE A 64 -3.71 -0.79 -9.84
C ILE A 64 -4.11 -0.84 -11.31
N LYS A 65 -3.83 0.24 -12.03
CA LYS A 65 -4.15 0.32 -13.45
C LYS A 65 -3.09 1.12 -14.20
N TYR A 66 -2.93 0.82 -15.49
CA TYR A 66 -1.95 1.52 -16.31
C TYR A 66 -2.57 1.93 -17.65
N ASP A 67 -2.92 3.21 -17.76
CA ASP A 67 -3.51 3.74 -18.98
C ASP A 67 -4.74 2.93 -19.38
N GLY A 68 -5.44 2.39 -18.38
CA GLY A 68 -6.63 1.61 -18.64
C GLY A 68 -6.32 0.15 -18.88
N ASN A 69 -5.44 -0.41 -18.05
CA ASN A 69 -5.05 -1.81 -18.18
C ASN A 69 -4.56 -2.36 -16.84
N HIS A 70 -5.22 -3.42 -16.36
CA HIS A 70 -4.84 -4.04 -15.09
C HIS A 70 -3.38 -4.50 -15.13
N ILE A 71 -2.50 -3.69 -14.55
CA ILE A 71 -1.08 -4.01 -14.52
C ILE A 71 -0.86 -5.48 -14.16
N PRO A 72 0.26 -6.04 -14.63
CA PRO A 72 0.62 -7.44 -14.37
C PRO A 72 0.99 -7.68 -12.91
N GLY A 73 -0.01 -8.02 -12.10
CA GLY A 73 0.24 -8.27 -10.69
C GLY A 73 -0.85 -7.71 -9.80
N SER A 74 -1.84 -7.06 -10.42
CA SER A 74 -2.94 -6.45 -9.67
C SER A 74 -4.29 -6.95 -10.20
N PRO A 75 -5.30 -6.92 -9.33
CA PRO A 75 -5.16 -6.45 -7.95
C PRO A 75 -4.33 -7.41 -7.10
N LEU A 76 -4.19 -7.08 -5.81
CA LEU A 76 -3.42 -7.92 -4.89
C LEU A 76 -4.11 -7.99 -3.53
N GLN A 77 -3.68 -8.95 -2.72
CA GLN A 77 -4.25 -9.13 -1.39
C GLN A 77 -3.17 -9.05 -0.32
N PHE A 78 -3.39 -8.18 0.67
CA PHE A 78 -2.43 -8.02 1.75
C PHE A 78 -3.14 -7.84 3.09
N TYR A 79 -2.62 -8.48 4.12
CA TYR A 79 -3.21 -8.38 5.46
C TYR A 79 -2.40 -7.45 6.36
N VAL A 80 -3.10 -6.51 7.00
CA VAL A 80 -2.45 -5.56 7.89
C VAL A 80 -2.56 -6.00 9.34
N ASP A 81 -1.44 -5.93 10.07
CA ASP A 81 -1.41 -6.32 11.47
C ASP A 81 -0.73 -5.25 12.31
N ALA A 82 -0.83 -5.39 13.63
CA ALA A 82 -0.23 -4.44 14.55
C ALA A 82 1.30 -4.46 14.45
N ILE A 83 1.88 -3.30 14.17
CA ILE A 83 3.34 -3.19 14.05
C ILE A 83 4.04 -4.03 15.10
N ASN A 84 4.47 -5.23 14.71
CA ASN A 84 5.15 -6.13 15.61
C ASN A 84 6.63 -5.76 15.74
N SER A 85 7.04 -5.43 16.96
CA SER A 85 8.42 -5.04 17.22
C SER A 85 8.74 -5.10 18.72
N ARG A 86 9.85 -5.73 19.06
CA ARG A 86 10.25 -5.86 20.45
C ARG A 86 11.40 -4.91 20.77
N HIS A 87 11.40 -4.37 22.00
CA HIS A 87 12.43 -3.45 22.42
C HIS A 87 13.64 -4.19 22.98
N SER A 88 14.81 -3.90 22.44
CA SER A 88 16.04 -4.56 22.88
C SER A 88 17.16 -3.53 23.08
N GLY A 89 17.49 -3.24 24.34
CA GLY A 89 18.53 -2.29 24.63
C GLY A 89 19.77 -2.51 23.79
N PRO A 90 20.44 -1.41 23.42
CA PRO A 90 21.67 -1.46 22.61
C PRO A 90 22.85 -2.05 23.38
N SER A 91 23.03 -1.59 24.61
CA SER A 91 24.12 -2.06 25.45
C SER A 91 23.62 -2.48 26.83
N SER A 92 24.33 -3.43 27.44
CA SER A 92 23.94 -3.92 28.76
C SER A 92 24.13 -2.84 29.82
N GLY A 93 23.12 -1.98 29.96
CA GLY A 93 23.19 -0.91 30.95
C GLY A 93 23.72 -1.40 32.28
N GLY A 1 -17.63 7.01 18.53
CA GLY A 1 -16.74 7.29 19.64
C GLY A 1 -15.58 6.32 19.70
N SER A 2 -14.37 6.84 19.52
CA SER A 2 -13.17 6.02 19.55
C SER A 2 -12.20 6.50 20.63
N SER A 3 -11.25 5.65 20.99
CA SER A 3 -10.26 5.98 22.01
C SER A 3 -9.02 5.10 21.88
N GLY A 4 -7.85 5.73 21.99
CA GLY A 4 -6.61 5.00 21.89
C GLY A 4 -5.68 5.58 20.83
N SER A 5 -4.92 4.71 20.17
CA SER A 5 -3.98 5.16 19.15
C SER A 5 -3.92 4.14 18.01
N SER A 6 -3.35 4.56 16.88
CA SER A 6 -3.22 3.70 15.71
C SER A 6 -1.79 3.23 15.53
N GLY A 7 -1.63 2.00 15.07
CA GLY A 7 -0.30 1.44 14.86
C GLY A 7 -0.30 0.29 13.87
N LEU A 8 -0.23 0.62 12.59
CA LEU A 8 -0.21 -0.39 11.53
C LEU A 8 0.93 -0.14 10.55
N ARG A 9 1.78 -1.15 10.39
CA ARG A 9 2.91 -1.04 9.47
C ARG A 9 2.46 -0.61 8.08
N PRO A 10 3.28 0.19 7.41
CA PRO A 10 2.97 0.69 6.06
C PRO A 10 3.04 -0.41 5.01
N PHE A 11 2.50 -0.13 3.83
CA PHE A 11 2.50 -1.10 2.74
C PHE A 11 3.52 -0.71 1.67
N ASN A 12 4.67 -1.36 1.70
CA ASN A 12 5.73 -1.09 0.73
C ASN A 12 6.02 -2.31 -0.12
N LEU A 13 5.75 -2.21 -1.42
CA LEU A 13 5.98 -3.31 -2.35
C LEU A 13 6.34 -2.79 -3.74
N VAL A 14 7.39 -3.37 -4.32
CA VAL A 14 7.82 -2.98 -5.66
C VAL A 14 7.42 -4.00 -6.71
N ILE A 15 6.55 -3.58 -7.62
CA ILE A 15 6.08 -4.46 -8.68
C ILE A 15 6.86 -4.24 -9.98
N PRO A 16 7.32 -5.34 -10.60
CA PRO A 16 8.08 -5.28 -11.85
C PRO A 16 7.22 -4.85 -13.03
N PHE A 17 7.11 -3.54 -13.21
CA PHE A 17 6.32 -2.99 -14.31
C PHE A 17 6.87 -1.64 -14.76
N ALA A 18 7.28 -1.56 -16.02
CA ALA A 18 7.83 -0.33 -16.57
C ALA A 18 6.72 0.64 -16.96
N VAL A 19 6.86 1.89 -16.54
CA VAL A 19 5.87 2.92 -16.84
C VAL A 19 6.45 3.99 -17.76
N GLN A 20 6.16 3.88 -19.05
CA GLN A 20 6.65 4.84 -20.03
C GLN A 20 5.49 5.59 -20.67
N LYS A 21 5.60 6.92 -20.70
CA LYS A 21 4.57 7.76 -21.28
C LYS A 21 3.18 7.23 -20.94
N GLY A 22 3.05 6.65 -19.76
CA GLY A 22 1.77 6.12 -19.33
C GLY A 22 1.37 6.60 -17.95
N GLU A 23 0.12 6.36 -17.58
CA GLU A 23 -0.39 6.78 -16.27
C GLU A 23 -0.57 5.58 -15.35
N LEU A 24 -0.12 5.72 -14.11
CA LEU A 24 -0.24 4.65 -13.12
C LEU A 24 -1.11 5.08 -11.95
N THR A 25 -2.28 4.45 -11.83
CA THR A 25 -3.20 4.77 -10.74
C THR A 25 -3.62 3.51 -9.98
N GLY A 26 -4.32 3.70 -8.88
CA GLY A 26 -4.77 2.57 -8.08
C GLY A 26 -5.73 2.98 -6.98
N GLU A 27 -6.34 1.99 -6.33
CA GLU A 27 -7.29 2.26 -5.26
C GLU A 27 -7.25 1.14 -4.21
N VAL A 28 -7.46 1.51 -2.96
CA VAL A 28 -7.46 0.55 -1.86
C VAL A 28 -8.82 0.48 -1.18
N ARG A 29 -9.23 -0.73 -0.83
CA ARG A 29 -10.52 -0.93 -0.17
C ARG A 29 -10.32 -1.54 1.22
N MET A 30 -10.70 -0.78 2.24
CA MET A 30 -10.57 -1.24 3.62
C MET A 30 -11.79 -2.05 4.04
N PRO A 31 -11.57 -3.02 4.95
CA PRO A 31 -12.64 -3.89 5.45
C PRO A 31 -13.63 -3.13 6.34
N SER A 32 -13.26 -1.91 6.73
CA SER A 32 -14.11 -1.09 7.58
C SER A 32 -15.39 -0.69 6.85
N GLY A 33 -15.27 -0.44 5.55
CA GLY A 33 -16.42 -0.05 4.75
C GLY A 33 -16.18 1.24 3.98
N LYS A 34 -14.93 1.52 3.69
CA LYS A 34 -14.56 2.73 2.95
C LYS A 34 -13.45 2.44 1.96
N THR A 35 -13.01 3.48 1.25
CA THR A 35 -11.94 3.35 0.27
C THR A 35 -10.96 4.51 0.35
N ALA A 36 -9.69 4.21 0.13
CA ALA A 36 -8.65 5.23 0.19
C ALA A 36 -7.66 5.07 -0.96
N ARG A 37 -7.35 6.18 -1.64
CA ARG A 37 -6.42 6.16 -2.75
C ARG A 37 -4.99 6.00 -2.27
N PRO A 38 -4.33 4.92 -2.71
CA PRO A 38 -2.94 4.63 -2.33
C PRO A 38 -1.95 5.60 -2.96
N ASN A 39 -0.67 5.24 -2.93
CA ASN A 39 0.37 6.09 -3.50
C ASN A 39 1.38 5.26 -4.29
N ILE A 40 1.86 5.83 -5.39
CA ILE A 40 2.83 5.14 -6.24
C ILE A 40 3.96 6.08 -6.66
N THR A 41 5.19 5.61 -6.51
CA THR A 41 6.36 6.41 -6.88
C THR A 41 7.00 5.90 -8.16
N ASP A 42 6.60 6.49 -9.28
CA ASP A 42 7.14 6.11 -10.59
C ASP A 42 8.66 6.22 -10.61
N ASN A 43 9.34 5.10 -10.80
CA ASN A 43 10.79 5.08 -10.85
C ASN A 43 11.30 5.30 -12.26
N LYS A 44 10.42 5.07 -13.24
CA LYS A 44 10.79 5.25 -14.65
C LYS A 44 12.06 4.48 -14.98
N ASP A 45 12.31 3.40 -14.26
CA ASP A 45 13.49 2.59 -14.49
C ASP A 45 13.11 1.17 -14.93
N GLY A 46 11.85 0.80 -14.67
CA GLY A 46 11.38 -0.52 -15.05
C GLY A 46 10.50 -1.14 -13.97
N THR A 47 10.44 -0.49 -12.81
CA THR A 47 9.63 -0.99 -11.71
C THR A 47 8.79 0.12 -11.10
N ILE A 48 7.90 -0.25 -10.17
CA ILE A 48 7.04 0.72 -9.51
C ILE A 48 6.94 0.43 -8.01
N THR A 49 6.91 1.49 -7.22
CA THR A 49 6.81 1.35 -5.77
C THR A 49 5.42 1.72 -5.27
N VAL A 50 4.84 0.87 -4.43
CA VAL A 50 3.52 1.11 -3.88
C VAL A 50 3.59 1.44 -2.40
N ARG A 51 2.99 2.57 -2.02
CA ARG A 51 2.98 3.00 -0.62
C ARG A 51 1.56 3.31 -0.16
N TYR A 52 1.15 2.66 0.93
CA TYR A 52 -0.19 2.86 1.48
C TYR A 52 -0.16 2.84 3.00
N ALA A 53 -1.00 3.67 3.61
CA ALA A 53 -1.07 3.75 5.07
C ALA A 53 -2.41 3.22 5.58
N PRO A 54 -2.43 1.95 5.98
CA PRO A 54 -3.65 1.30 6.49
C PRO A 54 -4.06 1.84 7.86
N THR A 55 -5.32 2.21 7.99
CA THR A 55 -5.84 2.75 9.24
C THR A 55 -6.35 1.63 10.15
N GLU A 56 -6.80 0.54 9.54
CA GLU A 56 -7.32 -0.60 10.29
C GLU A 56 -6.68 -1.90 9.80
N LYS A 57 -6.72 -2.93 10.65
CA LYS A 57 -6.16 -4.22 10.32
C LYS A 57 -7.12 -5.04 9.47
N GLY A 58 -6.62 -6.13 8.89
CA GLY A 58 -7.46 -6.98 8.06
C GLY A 58 -7.01 -7.00 6.61
N LEU A 59 -7.58 -7.89 5.82
CA LEU A 59 -7.23 -8.02 4.42
C LEU A 59 -7.72 -6.81 3.63
N HIS A 60 -6.83 -6.23 2.82
CA HIS A 60 -7.19 -5.07 2.01
C HIS A 60 -7.06 -5.38 0.53
N GLN A 61 -7.94 -4.78 -0.27
CA GLN A 61 -7.93 -5.00 -1.72
C GLN A 61 -7.32 -3.81 -2.45
N MET A 62 -6.30 -4.08 -3.25
CA MET A 62 -5.63 -3.03 -4.01
C MET A 62 -5.66 -3.34 -5.51
N GLY A 63 -6.13 -2.37 -6.29
CA GLY A 63 -6.21 -2.55 -7.73
C GLY A 63 -5.48 -1.46 -8.49
N ILE A 64 -4.36 -1.81 -9.11
CA ILE A 64 -3.57 -0.85 -9.87
C ILE A 64 -3.90 -0.92 -11.35
N LYS A 65 -3.91 0.24 -12.01
CA LYS A 65 -4.21 0.32 -13.44
C LYS A 65 -3.14 1.10 -14.18
N TYR A 66 -2.98 0.81 -15.47
CA TYR A 66 -1.99 1.49 -16.29
C TYR A 66 -2.57 1.86 -17.65
N ASP A 67 -2.56 3.15 -17.96
CA ASP A 67 -3.09 3.65 -19.23
C ASP A 67 -4.38 2.92 -19.60
N GLY A 68 -5.12 2.50 -18.58
CA GLY A 68 -6.38 1.80 -18.81
C GLY A 68 -6.18 0.31 -19.01
N ASN A 69 -5.36 -0.30 -18.15
CA ASN A 69 -5.09 -1.72 -18.23
C ASN A 69 -4.62 -2.27 -16.89
N HIS A 70 -5.25 -3.35 -16.44
CA HIS A 70 -4.88 -3.97 -15.17
C HIS A 70 -3.43 -4.44 -15.20
N ILE A 71 -2.55 -3.66 -14.60
CA ILE A 71 -1.13 -4.00 -14.55
C ILE A 71 -0.93 -5.47 -14.19
N PRO A 72 0.19 -6.04 -14.65
CA PRO A 72 0.52 -7.44 -14.40
C PRO A 72 0.88 -7.70 -12.94
N GLY A 73 -0.12 -8.07 -12.15
CA GLY A 73 0.10 -8.34 -10.74
C GLY A 73 -0.92 -7.64 -9.84
N SER A 74 -2.05 -7.27 -10.43
CA SER A 74 -3.10 -6.59 -9.68
C SER A 74 -4.49 -7.01 -10.18
N PRO A 75 -5.49 -6.90 -9.30
CA PRO A 75 -5.29 -6.42 -7.93
C PRO A 75 -4.51 -7.41 -7.07
N LEU A 76 -4.16 -6.99 -5.86
CA LEU A 76 -3.41 -7.84 -4.94
C LEU A 76 -4.10 -7.90 -3.58
N GLN A 77 -3.62 -8.79 -2.72
CA GLN A 77 -4.19 -8.95 -1.38
C GLN A 77 -3.09 -8.97 -0.33
N PHE A 78 -3.23 -8.10 0.68
CA PHE A 78 -2.24 -8.01 1.75
C PHE A 78 -2.93 -7.83 3.10
N TYR A 79 -2.38 -8.48 4.12
CA TYR A 79 -2.95 -8.39 5.47
C TYR A 79 -2.24 -7.31 6.28
N VAL A 80 -3.01 -6.58 7.09
CA VAL A 80 -2.47 -5.52 7.92
C VAL A 80 -2.51 -5.90 9.40
N ASP A 81 -1.35 -5.84 10.05
CA ASP A 81 -1.24 -6.18 11.46
C ASP A 81 -0.58 -5.05 12.25
N ALA A 82 -0.72 -5.09 13.56
CA ALA A 82 -0.14 -4.07 14.42
C ALA A 82 1.36 -3.97 14.21
N ILE A 83 1.92 -2.80 14.49
CA ILE A 83 3.35 -2.56 14.33
C ILE A 83 4.14 -3.18 15.48
N ASN A 84 4.78 -4.31 15.22
CA ASN A 84 5.57 -4.99 16.23
C ASN A 84 7.05 -5.03 15.84
N SER A 85 7.91 -4.67 16.77
CA SER A 85 9.36 -4.66 16.52
C SER A 85 10.13 -5.00 17.79
N ARG A 86 11.35 -5.48 17.62
CA ARG A 86 12.20 -5.84 18.76
C ARG A 86 12.55 -4.61 19.58
N HIS A 87 13.18 -3.63 18.94
CA HIS A 87 13.57 -2.40 19.63
C HIS A 87 12.35 -1.57 19.99
N SER A 88 12.49 -0.71 20.99
CA SER A 88 11.40 0.13 21.44
C SER A 88 11.31 1.41 20.60
N GLY A 89 12.44 2.04 20.37
CA GLY A 89 12.48 3.25 19.57
C GLY A 89 12.34 4.50 20.41
N PRO A 90 13.32 4.73 21.30
CA PRO A 90 13.33 5.88 22.20
C PRO A 90 13.59 7.19 21.44
N SER A 91 12.97 8.27 21.91
CA SER A 91 13.13 9.57 21.28
C SER A 91 13.57 10.61 22.30
N SER A 92 14.00 11.78 21.81
CA SER A 92 14.45 12.86 22.68
C SER A 92 13.33 13.33 23.60
N GLY A 93 13.35 12.85 24.83
CA GLY A 93 12.33 13.23 25.79
C GLY A 93 12.02 12.12 26.78
N GLY A 1 -3.64 4.95 23.99
CA GLY A 1 -4.18 6.30 24.01
C GLY A 1 -5.52 6.37 24.70
N SER A 2 -6.24 7.48 24.50
CA SER A 2 -7.54 7.67 25.11
C SER A 2 -8.66 7.33 24.14
N SER A 3 -8.68 8.02 23.00
CA SER A 3 -9.70 7.79 21.99
C SER A 3 -9.62 6.35 21.45
N GLY A 4 -8.41 5.90 21.18
CA GLY A 4 -8.22 4.56 20.66
C GLY A 4 -7.63 4.55 19.26
N SER A 5 -6.30 4.52 19.18
CA SER A 5 -5.62 4.51 17.90
C SER A 5 -4.75 3.26 17.75
N SER A 6 -5.05 2.46 16.72
CA SER A 6 -4.30 1.24 16.47
C SER A 6 -3.27 1.45 15.36
N GLY A 7 -2.00 1.27 15.72
CA GLY A 7 -0.93 1.45 14.74
C GLY A 7 -0.79 0.26 13.82
N LEU A 8 -0.56 0.52 12.54
CA LEU A 8 -0.40 -0.54 11.55
C LEU A 8 0.76 -0.24 10.61
N ARG A 9 1.59 -1.25 10.37
CA ARG A 9 2.74 -1.11 9.48
C ARG A 9 2.30 -0.71 8.08
N PRO A 10 3.12 0.11 7.41
CA PRO A 10 2.85 0.59 6.05
C PRO A 10 2.96 -0.53 5.02
N PHE A 11 2.55 -0.23 3.79
CA PHE A 11 2.61 -1.20 2.71
C PHE A 11 3.59 -0.77 1.63
N ASN A 12 4.82 -1.28 1.72
CA ASN A 12 5.86 -0.94 0.76
C ASN A 12 6.22 -2.15 -0.10
N LEU A 13 5.91 -2.06 -1.39
CA LEU A 13 6.20 -3.14 -2.32
C LEU A 13 6.65 -2.60 -3.67
N VAL A 14 7.44 -3.38 -4.39
CA VAL A 14 7.94 -2.98 -5.70
C VAL A 14 7.52 -3.98 -6.78
N ILE A 15 6.61 -3.56 -7.64
CA ILE A 15 6.13 -4.42 -8.72
C ILE A 15 6.91 -4.17 -10.01
N PRO A 16 7.35 -5.27 -10.64
CA PRO A 16 8.13 -5.21 -11.89
C PRO A 16 7.27 -4.75 -13.07
N PHE A 17 7.08 -3.45 -13.19
CA PHE A 17 6.29 -2.89 -14.27
C PHE A 17 6.85 -1.55 -14.73
N ALA A 18 7.33 -1.50 -15.97
CA ALA A 18 7.90 -0.28 -16.53
C ALA A 18 6.80 0.72 -16.89
N VAL A 19 7.04 1.99 -16.59
CA VAL A 19 6.08 3.05 -16.88
C VAL A 19 6.73 4.18 -17.65
N GLN A 20 6.49 4.22 -18.96
CA GLN A 20 7.05 5.26 -19.81
C GLN A 20 6.18 6.52 -19.80
N LYS A 21 5.01 6.42 -20.44
CA LYS A 21 4.09 7.53 -20.51
C LYS A 21 2.76 7.18 -19.84
N GLY A 22 2.25 5.99 -20.13
CA GLY A 22 0.99 5.56 -19.54
C GLY A 22 0.83 6.05 -18.11
N GLU A 23 -0.41 6.28 -17.70
CA GLU A 23 -0.71 6.76 -16.36
C GLU A 23 -0.91 5.58 -15.41
N LEU A 24 -0.24 5.63 -14.25
CA LEU A 24 -0.35 4.57 -13.26
C LEU A 24 -1.14 5.05 -12.05
N THR A 25 -2.30 4.43 -11.82
CA THR A 25 -3.15 4.79 -10.69
C THR A 25 -3.60 3.55 -9.93
N GLY A 26 -4.26 3.77 -8.79
CA GLY A 26 -4.73 2.66 -7.98
C GLY A 26 -5.70 3.10 -6.91
N GLU A 27 -6.23 2.13 -6.16
CA GLU A 27 -7.18 2.43 -5.09
C GLU A 27 -7.20 1.31 -4.06
N VAL A 28 -7.29 1.68 -2.79
CA VAL A 28 -7.33 0.69 -1.71
C VAL A 28 -8.72 0.61 -1.09
N ARG A 29 -9.11 -0.60 -0.70
CA ARG A 29 -10.42 -0.81 -0.09
C ARG A 29 -10.29 -1.47 1.28
N MET A 30 -10.62 -0.72 2.33
CA MET A 30 -10.53 -1.24 3.69
C MET A 30 -11.79 -2.03 4.05
N PRO A 31 -11.63 -3.01 4.94
CA PRO A 31 -12.74 -3.86 5.39
C PRO A 31 -13.73 -3.10 6.27
N SER A 32 -13.33 -1.91 6.71
CA SER A 32 -14.17 -1.08 7.56
C SER A 32 -15.44 -0.65 6.81
N GLY A 33 -15.28 -0.27 5.55
CA GLY A 33 -16.41 0.16 4.75
C GLY A 33 -16.14 1.44 4.00
N LYS A 34 -14.88 1.67 3.66
CA LYS A 34 -14.49 2.86 2.92
C LYS A 34 -13.35 2.56 1.95
N THR A 35 -12.87 3.59 1.27
CA THR A 35 -11.78 3.44 0.31
C THR A 35 -10.75 4.56 0.46
N ALA A 36 -9.48 4.20 0.30
CA ALA A 36 -8.39 5.17 0.42
C ALA A 36 -7.44 5.07 -0.76
N ARG A 37 -7.14 6.21 -1.37
CA ARG A 37 -6.24 6.25 -2.52
C ARG A 37 -4.79 6.06 -2.09
N PRO A 38 -4.16 4.99 -2.59
CA PRO A 38 -2.77 4.67 -2.27
C PRO A 38 -1.79 5.66 -2.87
N ASN A 39 -0.52 5.28 -2.92
CA ASN A 39 0.52 6.13 -3.48
C ASN A 39 1.48 5.33 -4.35
N ILE A 40 1.76 5.85 -5.54
CA ILE A 40 2.67 5.18 -6.47
C ILE A 40 3.83 6.08 -6.85
N THR A 41 5.05 5.62 -6.61
CA THR A 41 6.24 6.39 -6.94
C THR A 41 6.91 5.86 -8.19
N ASP A 42 6.58 6.47 -9.34
CA ASP A 42 7.15 6.04 -10.61
C ASP A 42 8.67 6.21 -10.60
N ASN A 43 9.38 5.11 -10.79
CA ASN A 43 10.84 5.14 -10.79
C ASN A 43 11.36 5.40 -12.21
N LYS A 44 10.56 5.07 -13.21
CA LYS A 44 10.94 5.28 -14.60
C LYS A 44 12.22 4.51 -14.94
N ASP A 45 12.44 3.41 -14.22
CA ASP A 45 13.62 2.58 -14.45
C ASP A 45 13.23 1.18 -14.90
N GLY A 46 11.97 0.82 -14.64
CA GLY A 46 11.49 -0.49 -15.03
C GLY A 46 10.56 -1.10 -13.98
N THR A 47 10.57 -0.52 -12.79
CA THR A 47 9.73 -1.01 -11.70
C THR A 47 8.90 0.11 -11.09
N ILE A 48 8.00 -0.25 -10.18
CA ILE A 48 7.15 0.74 -9.53
C ILE A 48 7.07 0.47 -8.03
N THR A 49 7.09 1.54 -7.25
CA THR A 49 7.02 1.43 -5.79
C THR A 49 5.65 1.84 -5.27
N VAL A 50 5.00 0.94 -4.54
CA VAL A 50 3.68 1.20 -3.98
C VAL A 50 3.77 1.51 -2.49
N ARG A 51 3.09 2.57 -2.07
CA ARG A 51 3.08 2.98 -0.66
C ARG A 51 1.66 3.28 -0.19
N TYR A 52 1.22 2.56 0.84
CA TYR A 52 -0.12 2.75 1.39
C TYR A 52 -0.09 2.71 2.90
N ALA A 53 -0.98 3.48 3.52
CA ALA A 53 -1.07 3.54 4.98
C ALA A 53 -2.43 3.05 5.47
N PRO A 54 -2.50 1.76 5.84
CA PRO A 54 -3.73 1.15 6.33
C PRO A 54 -4.13 1.68 7.71
N THR A 55 -5.36 2.18 7.82
CA THR A 55 -5.86 2.71 9.08
C THR A 55 -6.47 1.61 9.94
N GLU A 56 -6.83 0.50 9.30
CA GLU A 56 -7.43 -0.63 10.00
C GLU A 56 -6.76 -1.94 9.61
N LYS A 57 -6.86 -2.92 10.49
CA LYS A 57 -6.25 -4.23 10.24
C LYS A 57 -7.22 -5.14 9.50
N GLY A 58 -6.67 -6.06 8.71
CA GLY A 58 -7.50 -6.99 7.97
C GLY A 58 -7.09 -7.09 6.51
N LEU A 59 -7.76 -7.96 5.76
CA LEU A 59 -7.45 -8.14 4.35
C LEU A 59 -7.93 -6.95 3.53
N HIS A 60 -7.01 -6.32 2.81
CA HIS A 60 -7.33 -5.17 1.99
C HIS A 60 -7.20 -5.51 0.50
N GLN A 61 -7.86 -4.72 -0.34
CA GLN A 61 -7.82 -4.94 -1.78
C GLN A 61 -7.18 -3.76 -2.49
N MET A 62 -6.10 -4.02 -3.22
CA MET A 62 -5.40 -2.97 -3.96
C MET A 62 -5.44 -3.25 -5.47
N GLY A 63 -6.06 -2.34 -6.21
CA GLY A 63 -6.14 -2.51 -7.66
C GLY A 63 -5.46 -1.40 -8.41
N ILE A 64 -4.37 -1.72 -9.09
CA ILE A 64 -3.61 -0.74 -9.86
C ILE A 64 -3.92 -0.85 -11.35
N LYS A 65 -3.98 0.29 -12.02
CA LYS A 65 -4.26 0.33 -13.45
C LYS A 65 -3.18 1.10 -14.20
N TYR A 66 -3.04 0.82 -15.49
CA TYR A 66 -2.05 1.50 -16.32
C TYR A 66 -2.63 1.86 -17.68
N ASP A 67 -2.92 3.15 -17.86
CA ASP A 67 -3.49 3.62 -19.12
C ASP A 67 -4.73 2.82 -19.50
N GLY A 68 -5.44 2.33 -18.50
CA GLY A 68 -6.65 1.55 -18.75
C GLY A 68 -6.34 0.08 -18.95
N ASN A 69 -5.51 -0.48 -18.09
CA ASN A 69 -5.13 -1.89 -18.19
C ASN A 69 -4.63 -2.41 -16.84
N HIS A 70 -5.30 -3.43 -16.32
CA HIS A 70 -4.92 -4.02 -15.04
C HIS A 70 -3.47 -4.48 -15.07
N ILE A 71 -2.57 -3.64 -14.58
CA ILE A 71 -1.14 -3.97 -14.56
C ILE A 71 -0.94 -5.42 -14.15
N PRO A 72 0.18 -6.01 -14.62
CA PRO A 72 0.54 -7.40 -14.32
C PRO A 72 0.93 -7.60 -12.86
N GLY A 73 -0.04 -7.97 -12.04
CA GLY A 73 0.22 -8.19 -10.63
C GLY A 73 -0.86 -7.61 -9.74
N SER A 74 -1.89 -7.04 -10.36
CA SER A 74 -2.99 -6.45 -9.61
C SER A 74 -4.34 -6.93 -10.15
N PRO A 75 -5.36 -6.91 -9.28
CA PRO A 75 -5.22 -6.45 -7.90
C PRO A 75 -4.39 -7.41 -7.05
N LEU A 76 -4.11 -7.01 -5.82
CA LEU A 76 -3.33 -7.84 -4.90
C LEU A 76 -3.97 -7.88 -3.52
N GLN A 77 -3.62 -8.89 -2.74
CA GLN A 77 -4.17 -9.05 -1.40
C GLN A 77 -3.05 -8.99 -0.36
N PHE A 78 -3.23 -8.13 0.65
CA PHE A 78 -2.25 -7.98 1.71
C PHE A 78 -2.93 -7.76 3.05
N TYR A 79 -2.54 -8.55 4.05
CA TYR A 79 -3.10 -8.44 5.38
C TYR A 79 -2.34 -7.43 6.22
N VAL A 80 -3.07 -6.69 7.06
CA VAL A 80 -2.46 -5.68 7.93
C VAL A 80 -2.53 -6.10 9.39
N ASP A 81 -1.45 -5.85 10.11
CA ASP A 81 -1.38 -6.20 11.53
C ASP A 81 -0.85 -5.03 12.36
N ALA A 82 -0.97 -5.14 13.67
CA ALA A 82 -0.51 -4.09 14.58
C ALA A 82 1.01 -3.96 14.52
N ILE A 83 1.50 -2.73 14.69
CA ILE A 83 2.93 -2.47 14.67
C ILE A 83 3.61 -2.99 15.93
N ASN A 84 4.18 -4.19 15.83
CA ASN A 84 4.85 -4.80 16.97
C ASN A 84 6.34 -4.41 16.99
N SER A 85 6.61 -3.15 16.72
CA SER A 85 7.98 -2.65 16.71
C SER A 85 8.10 -1.34 17.47
N ARG A 86 8.88 -1.34 18.55
CA ARG A 86 9.06 -0.15 19.36
C ARG A 86 10.08 0.79 18.72
N HIS A 87 9.92 2.09 18.97
CA HIS A 87 10.83 3.09 18.42
C HIS A 87 12.00 3.34 19.38
N SER A 88 11.68 3.51 20.65
CA SER A 88 12.71 3.75 21.66
C SER A 88 13.34 5.13 21.46
N GLY A 89 12.50 6.13 21.16
CA GLY A 89 13.00 7.48 20.95
C GLY A 89 13.21 7.79 19.49
N PRO A 90 14.04 8.80 19.22
CA PRO A 90 14.36 9.23 17.84
C PRO A 90 15.19 8.20 17.10
N SER A 91 15.07 8.19 15.77
CA SER A 91 15.83 7.26 14.94
C SER A 91 16.40 7.96 13.71
N SER A 92 17.17 7.22 12.92
CA SER A 92 17.78 7.78 11.72
C SER A 92 17.56 6.84 10.53
N GLY A 93 17.26 7.43 9.37
CA GLY A 93 17.03 6.63 8.17
C GLY A 93 17.73 7.21 6.96
N GLY A 1 -7.56 -1.09 24.50
CA GLY A 1 -7.84 -0.90 23.09
C GLY A 1 -9.26 -0.46 22.83
N SER A 2 -9.59 0.76 23.26
CA SER A 2 -10.94 1.30 23.08
C SER A 2 -10.89 2.66 22.38
N SER A 3 -11.27 2.68 21.12
CA SER A 3 -11.27 3.91 20.34
C SER A 3 -9.93 4.64 20.49
N GLY A 4 -8.85 3.89 20.47
CA GLY A 4 -7.53 4.47 20.60
C GLY A 4 -6.74 4.45 19.31
N SER A 5 -5.45 4.78 19.38
CA SER A 5 -4.59 4.79 18.21
C SER A 5 -4.47 3.40 17.61
N SER A 6 -4.38 3.33 16.30
CA SER A 6 -4.26 2.06 15.59
C SER A 6 -2.92 1.96 14.87
N GLY A 7 -1.90 1.46 15.57
CA GLY A 7 -0.58 1.32 14.98
C GLY A 7 -0.49 0.15 14.02
N LEU A 8 -0.45 0.45 12.73
CA LEU A 8 -0.36 -0.58 11.70
C LEU A 8 0.82 -0.33 10.77
N ARG A 9 1.59 -1.37 10.49
CA ARG A 9 2.75 -1.27 9.61
C ARG A 9 2.33 -0.82 8.21
N PRO A 10 3.17 0.02 7.59
CA PRO A 10 2.90 0.53 6.24
C PRO A 10 3.02 -0.56 5.17
N PHE A 11 2.66 -0.20 3.94
CA PHE A 11 2.73 -1.15 2.83
C PHE A 11 3.73 -0.67 1.77
N ASN A 12 4.79 -1.45 1.58
CA ASN A 12 5.81 -1.12 0.60
C ASN A 12 6.15 -2.33 -0.27
N LEU A 13 5.90 -2.20 -1.57
CA LEU A 13 6.19 -3.29 -2.51
C LEU A 13 6.60 -2.73 -3.86
N VAL A 14 7.45 -3.47 -4.56
CA VAL A 14 7.93 -3.06 -5.88
C VAL A 14 7.51 -4.06 -6.96
N ILE A 15 6.71 -3.60 -7.92
CA ILE A 15 6.25 -4.45 -8.99
C ILE A 15 7.03 -4.19 -10.28
N PRO A 16 7.55 -5.28 -10.87
CA PRO A 16 8.34 -5.20 -12.10
C PRO A 16 7.48 -4.83 -13.31
N PHE A 17 7.21 -3.54 -13.46
CA PHE A 17 6.41 -3.06 -14.58
C PHE A 17 6.89 -1.68 -15.04
N ALA A 18 7.43 -1.63 -16.26
CA ALA A 18 7.93 -0.38 -16.82
C ALA A 18 6.82 0.67 -16.91
N VAL A 19 7.18 1.92 -16.68
CA VAL A 19 6.22 3.01 -16.75
C VAL A 19 6.89 4.31 -17.18
N GLN A 20 6.59 4.74 -18.40
CA GLN A 20 7.16 5.97 -18.94
C GLN A 20 6.06 6.96 -19.33
N LYS A 21 5.35 6.65 -20.40
CA LYS A 21 4.27 7.50 -20.88
C LYS A 21 2.91 6.86 -20.64
N GLY A 22 2.61 6.56 -19.38
CA GLY A 22 1.35 5.95 -19.04
C GLY A 22 0.85 6.35 -17.66
N GLU A 23 -0.47 6.44 -17.51
CA GLU A 23 -1.06 6.82 -16.24
C GLU A 23 -1.20 5.61 -15.31
N LEU A 24 -0.51 5.67 -14.17
CA LEU A 24 -0.55 4.58 -13.21
C LEU A 24 -1.34 4.98 -11.97
N THR A 25 -2.57 4.48 -11.87
CA THR A 25 -3.43 4.79 -10.73
C THR A 25 -3.82 3.52 -9.98
N GLY A 26 -4.28 3.68 -8.75
CA GLY A 26 -4.69 2.55 -7.94
C GLY A 26 -5.71 2.91 -6.89
N GLU A 27 -6.12 1.92 -6.10
CA GLU A 27 -7.10 2.15 -5.04
C GLU A 27 -7.05 1.04 -4.01
N VAL A 28 -7.43 1.36 -2.77
CA VAL A 28 -7.43 0.39 -1.69
C VAL A 28 -8.81 0.31 -1.03
N ARG A 29 -9.20 -0.91 -0.66
CA ARG A 29 -10.49 -1.13 -0.01
C ARG A 29 -10.31 -1.65 1.40
N MET A 30 -10.85 -0.91 2.37
CA MET A 30 -10.74 -1.31 3.77
C MET A 30 -12.00 -2.03 4.23
N PRO A 31 -11.84 -2.92 5.23
CA PRO A 31 -12.96 -3.70 5.77
C PRO A 31 -13.93 -2.84 6.57
N SER A 32 -13.49 -1.64 6.94
CA SER A 32 -14.32 -0.72 7.71
C SER A 32 -15.60 -0.39 6.96
N GLY A 33 -15.48 -0.21 5.65
CA GLY A 33 -16.64 0.11 4.84
C GLY A 33 -16.41 1.32 3.95
N LYS A 34 -15.15 1.59 3.63
CA LYS A 34 -14.80 2.71 2.78
C LYS A 34 -13.64 2.36 1.86
N THR A 35 -13.17 3.35 1.10
CA THR A 35 -12.07 3.15 0.17
C THR A 35 -11.10 4.32 0.19
N ALA A 36 -9.81 4.04 0.04
CA ALA A 36 -8.79 5.08 0.04
C ALA A 36 -7.88 4.95 -1.18
N ARG A 37 -7.15 6.02 -1.48
CA ARG A 37 -6.25 6.03 -2.63
C ARG A 37 -4.81 5.88 -2.17
N PRO A 38 -4.16 4.80 -2.65
CA PRO A 38 -2.76 4.51 -2.31
C PRO A 38 -1.79 5.51 -2.94
N ASN A 39 -0.51 5.14 -2.97
CA ASN A 39 0.52 6.00 -3.55
C ASN A 39 1.51 5.19 -4.38
N ILE A 40 1.97 5.77 -5.48
CA ILE A 40 2.92 5.10 -6.35
C ILE A 40 4.05 6.03 -6.75
N THR A 41 5.29 5.59 -6.52
CA THR A 41 6.46 6.39 -6.86
C THR A 41 7.08 5.94 -8.18
N ASP A 42 6.73 6.61 -9.26
CA ASP A 42 7.24 6.27 -10.58
C ASP A 42 8.77 6.37 -10.61
N ASN A 43 9.43 5.24 -10.87
CA ASN A 43 10.88 5.20 -10.91
C ASN A 43 11.38 5.43 -12.34
N LYS A 44 10.55 5.09 -13.31
CA LYS A 44 10.90 5.25 -14.73
C LYS A 44 12.18 4.48 -15.05
N ASP A 45 12.40 3.38 -14.34
CA ASP A 45 13.58 2.55 -14.57
C ASP A 45 13.18 1.13 -14.95
N GLY A 46 11.88 0.89 -15.03
CA GLY A 46 11.39 -0.43 -15.38
C GLY A 46 10.58 -1.07 -14.27
N THR A 47 10.54 -0.41 -13.11
CA THR A 47 9.81 -0.93 -11.96
C THR A 47 8.97 0.17 -11.31
N ILE A 48 8.09 -0.22 -10.40
CA ILE A 48 7.23 0.72 -9.70
C ILE A 48 7.13 0.38 -8.22
N THR A 49 7.05 1.41 -7.38
CA THR A 49 6.95 1.23 -5.94
C THR A 49 5.58 1.65 -5.44
N VAL A 50 5.02 0.85 -4.53
CA VAL A 50 3.71 1.15 -3.95
C VAL A 50 3.83 1.51 -2.48
N ARG A 51 3.09 2.54 -2.07
CA ARG A 51 3.12 2.99 -0.68
C ARG A 51 1.70 3.28 -0.18
N TYR A 52 1.30 2.57 0.87
CA TYR A 52 -0.04 2.76 1.44
C TYR A 52 0.02 2.73 2.96
N ALA A 53 -0.79 3.57 3.59
CA ALA A 53 -0.84 3.64 5.05
C ALA A 53 -2.23 3.27 5.57
N PRO A 54 -2.37 2.02 6.03
CA PRO A 54 -3.63 1.51 6.56
C PRO A 54 -3.99 2.14 7.90
N THR A 55 -5.29 2.19 8.20
CA THR A 55 -5.75 2.78 9.45
C THR A 55 -6.34 1.71 10.36
N GLU A 56 -6.75 0.58 9.77
CA GLU A 56 -7.32 -0.52 10.53
C GLU A 56 -6.77 -1.86 10.05
N LYS A 57 -6.68 -2.82 10.96
CA LYS A 57 -6.19 -4.14 10.63
C LYS A 57 -7.22 -4.94 9.86
N GLY A 58 -6.76 -5.80 8.96
CA GLY A 58 -7.67 -6.61 8.17
C GLY A 58 -7.22 -6.76 6.73
N LEU A 59 -7.94 -7.57 5.96
CA LEU A 59 -7.62 -7.78 4.56
C LEU A 59 -7.98 -6.56 3.73
N HIS A 60 -7.08 -6.17 2.83
CA HIS A 60 -7.31 -5.01 1.96
C HIS A 60 -7.09 -5.38 0.49
N GLN A 61 -7.94 -4.83 -0.37
CA GLN A 61 -7.85 -5.10 -1.80
C GLN A 61 -7.28 -3.91 -2.55
N MET A 62 -6.13 -4.10 -3.19
CA MET A 62 -5.48 -3.03 -3.94
C MET A 62 -5.53 -3.32 -5.45
N GLY A 63 -6.06 -2.38 -6.20
CA GLY A 63 -6.16 -2.55 -7.64
C GLY A 63 -5.47 -1.44 -8.41
N ILE A 64 -4.39 -1.78 -9.10
CA ILE A 64 -3.64 -0.81 -9.88
C ILE A 64 -4.03 -0.86 -11.36
N LYS A 65 -3.80 0.24 -12.05
CA LYS A 65 -4.11 0.33 -13.48
C LYS A 65 -3.08 1.15 -14.22
N TYR A 66 -2.91 0.86 -15.51
CA TYR A 66 -1.94 1.58 -16.34
C TYR A 66 -2.56 1.99 -17.67
N ASP A 67 -2.98 3.25 -17.77
CA ASP A 67 -3.59 3.76 -18.99
C ASP A 67 -4.79 2.91 -19.39
N GLY A 68 -5.48 2.37 -18.40
CA GLY A 68 -6.65 1.55 -18.67
C GLY A 68 -6.28 0.10 -18.95
N ASN A 69 -5.39 -0.45 -18.13
CA ASN A 69 -4.96 -1.84 -18.29
C ASN A 69 -4.45 -2.41 -16.98
N HIS A 70 -5.16 -3.40 -16.45
CA HIS A 70 -4.78 -4.03 -15.19
C HIS A 70 -3.33 -4.49 -15.24
N ILE A 71 -2.44 -3.71 -14.63
CA ILE A 71 -1.02 -4.05 -14.60
C ILE A 71 -0.81 -5.51 -14.25
N PRO A 72 0.31 -6.08 -14.72
CA PRO A 72 0.66 -7.48 -14.47
C PRO A 72 1.04 -7.73 -13.02
N GLY A 73 0.04 -8.02 -12.20
CA GLY A 73 0.28 -8.27 -10.79
C GLY A 73 -0.80 -7.71 -9.90
N SER A 74 -1.76 -7.01 -10.50
CA SER A 74 -2.87 -6.42 -9.75
C SER A 74 -4.20 -6.95 -10.24
N PRO A 75 -5.20 -6.94 -9.36
CA PRO A 75 -5.05 -6.44 -7.99
C PRO A 75 -4.19 -7.37 -7.14
N LEU A 76 -3.93 -6.96 -5.90
CA LEU A 76 -3.13 -7.74 -4.98
C LEU A 76 -3.75 -7.78 -3.60
N GLN A 77 -3.38 -8.80 -2.81
CA GLN A 77 -3.92 -8.94 -1.45
C GLN A 77 -2.82 -8.71 -0.42
N PHE A 78 -3.18 -8.08 0.70
CA PHE A 78 -2.23 -7.81 1.76
C PHE A 78 -2.95 -7.54 3.08
N TYR A 79 -2.65 -8.37 4.08
CA TYR A 79 -3.28 -8.23 5.39
C TYR A 79 -2.51 -7.24 6.26
N VAL A 80 -3.25 -6.42 6.99
CA VAL A 80 -2.64 -5.43 7.88
C VAL A 80 -2.75 -5.84 9.34
N ASP A 81 -1.62 -5.89 10.02
CA ASP A 81 -1.58 -6.27 11.43
C ASP A 81 -1.03 -5.13 12.29
N ALA A 82 -1.24 -5.23 13.60
CA ALA A 82 -0.76 -4.21 14.52
C ALA A 82 0.77 -4.16 14.54
N ILE A 83 1.31 -3.01 14.90
CA ILE A 83 2.76 -2.83 14.95
C ILE A 83 3.33 -3.39 16.25
N ASN A 84 4.19 -4.40 16.13
CA ASN A 84 4.81 -5.02 17.30
C ASN A 84 6.19 -4.44 17.56
N SER A 85 6.35 -3.80 18.71
CA SER A 85 7.63 -3.19 19.07
C SER A 85 7.77 -3.10 20.58
N ARG A 86 9.00 -3.26 21.08
CA ARG A 86 9.27 -3.20 22.50
C ARG A 86 9.08 -1.78 23.03
N HIS A 87 8.62 -1.67 24.27
CA HIS A 87 8.38 -0.36 24.89
C HIS A 87 9.70 0.40 25.05
N SER A 88 10.00 1.25 24.08
CA SER A 88 11.24 2.04 24.11
C SER A 88 11.37 2.77 25.44
N GLY A 89 10.35 3.56 25.79
CA GLY A 89 10.39 4.30 27.03
C GLY A 89 9.51 5.55 26.99
N PRO A 90 9.81 6.50 27.88
CA PRO A 90 9.05 7.76 27.96
C PRO A 90 9.31 8.66 26.76
N SER A 91 10.11 8.17 25.81
CA SER A 91 10.44 8.93 24.62
C SER A 91 9.22 9.08 23.71
N SER A 92 8.54 7.97 23.45
CA SER A 92 7.36 7.97 22.60
C SER A 92 6.45 9.15 22.92
N GLY A 93 6.26 10.02 21.95
CA GLY A 93 5.41 11.18 22.16
C GLY A 93 5.05 11.88 20.86
N GLY A 1 -14.43 3.89 23.23
CA GLY A 1 -13.72 4.86 22.43
C GLY A 1 -12.25 4.50 22.24
N SER A 2 -11.42 5.51 22.05
CA SER A 2 -9.99 5.29 21.85
C SER A 2 -9.25 5.20 23.19
N SER A 3 -8.65 4.05 23.44
CA SER A 3 -7.92 3.82 24.68
C SER A 3 -6.44 4.14 24.51
N GLY A 4 -5.87 3.69 23.39
CA GLY A 4 -4.46 3.93 23.12
C GLY A 4 -4.24 4.70 21.83
N SER A 5 -3.30 4.23 21.02
CA SER A 5 -2.98 4.86 19.75
C SER A 5 -2.82 3.83 18.65
N SER A 6 -3.59 3.97 17.58
CA SER A 6 -3.53 3.04 16.45
C SER A 6 -2.10 2.90 15.95
N GLY A 7 -1.85 1.82 15.21
CA GLY A 7 -0.52 1.58 14.68
C GLY A 7 -0.47 0.37 13.77
N LEU A 8 -0.32 0.61 12.47
CA LEU A 8 -0.25 -0.46 11.49
C LEU A 8 0.88 -0.23 10.50
N ARG A 9 1.77 -1.22 10.38
CA ARG A 9 2.89 -1.12 9.47
C ARG A 9 2.43 -0.73 8.07
N PRO A 10 3.22 0.12 7.39
CA PRO A 10 2.91 0.59 6.04
C PRO A 10 3.05 -0.52 5.00
N PHE A 11 2.53 -0.27 3.80
CA PHE A 11 2.60 -1.24 2.72
C PHE A 11 3.58 -0.79 1.64
N ASN A 12 4.76 -1.41 1.63
CA ASN A 12 5.79 -1.08 0.65
C ASN A 12 6.14 -2.29 -0.19
N LEU A 13 5.83 -2.21 -1.48
CA LEU A 13 6.12 -3.30 -2.41
C LEU A 13 6.52 -2.77 -3.78
N VAL A 14 7.43 -3.47 -4.45
CA VAL A 14 7.89 -3.07 -5.76
C VAL A 14 7.44 -4.05 -6.83
N ILE A 15 6.68 -3.55 -7.81
CA ILE A 15 6.18 -4.38 -8.89
C ILE A 15 6.97 -4.15 -10.17
N PRO A 16 7.40 -5.26 -10.80
CA PRO A 16 8.18 -5.20 -12.05
C PRO A 16 7.34 -4.73 -13.23
N PHE A 17 7.19 -3.42 -13.37
CA PHE A 17 6.42 -2.84 -14.46
C PHE A 17 6.96 -1.47 -14.84
N ALA A 18 7.43 -1.36 -16.08
CA ALA A 18 7.98 -0.10 -16.59
C ALA A 18 6.87 0.90 -16.89
N VAL A 19 7.21 2.18 -16.82
CA VAL A 19 6.24 3.24 -17.09
C VAL A 19 6.92 4.47 -17.67
N GLN A 20 6.43 4.93 -18.82
CA GLN A 20 6.99 6.10 -19.49
C GLN A 20 5.95 7.20 -19.62
N LYS A 21 4.96 6.98 -20.48
CA LYS A 21 3.89 7.95 -20.70
C LYS A 21 2.62 7.55 -19.96
N GLY A 22 2.14 6.34 -20.23
CA GLY A 22 0.94 5.86 -19.58
C GLY A 22 0.84 6.32 -18.14
N GLU A 23 -0.39 6.43 -17.63
CA GLU A 23 -0.62 6.86 -16.26
C GLU A 23 -0.92 5.67 -15.36
N LEU A 24 -0.27 5.65 -14.20
CA LEU A 24 -0.46 4.56 -13.24
C LEU A 24 -1.33 5.01 -12.07
N THR A 25 -2.49 4.37 -11.91
CA THR A 25 -3.40 4.70 -10.84
C THR A 25 -3.81 3.46 -10.04
N GLY A 26 -4.37 3.67 -8.86
CA GLY A 26 -4.79 2.56 -8.03
C GLY A 26 -5.77 2.97 -6.95
N GLU A 27 -6.24 2.01 -6.17
CA GLU A 27 -7.20 2.29 -5.10
C GLU A 27 -7.19 1.17 -4.07
N VAL A 28 -7.41 1.53 -2.81
CA VAL A 28 -7.43 0.56 -1.72
C VAL A 28 -8.78 0.56 -1.01
N ARG A 29 -9.25 -0.63 -0.65
CA ARG A 29 -10.53 -0.77 0.04
C ARG A 29 -10.34 -1.41 1.41
N MET A 30 -10.78 -0.73 2.45
CA MET A 30 -10.66 -1.23 3.81
C MET A 30 -11.91 -2.01 4.22
N PRO A 31 -11.74 -2.96 5.13
CA PRO A 31 -12.84 -3.81 5.62
C PRO A 31 -13.83 -3.02 6.49
N SER A 32 -13.43 -1.80 6.87
CA SER A 32 -14.28 -0.96 7.70
C SER A 32 -15.53 -0.54 6.95
N GLY A 33 -15.39 -0.28 5.65
CA GLY A 33 -16.52 0.13 4.85
C GLY A 33 -16.26 1.40 4.06
N LYS A 34 -14.98 1.66 3.79
CA LYS A 34 -14.59 2.86 3.04
C LYS A 34 -13.46 2.54 2.06
N THR A 35 -12.97 3.56 1.37
CA THR A 35 -11.89 3.39 0.41
C THR A 35 -10.86 4.50 0.55
N ALA A 36 -9.63 4.21 0.13
CA ALA A 36 -8.55 5.19 0.20
C ALA A 36 -7.57 5.00 -0.96
N ARG A 37 -7.19 6.12 -1.58
CA ARG A 37 -6.27 6.08 -2.70
C ARG A 37 -4.84 5.94 -2.22
N PRO A 38 -4.16 4.85 -2.67
CA PRO A 38 -2.77 4.57 -2.29
C PRO A 38 -1.79 5.56 -2.91
N ASN A 39 -0.52 5.20 -2.90
CA ASN A 39 0.52 6.06 -3.47
C ASN A 39 1.53 5.23 -4.27
N ILE A 40 1.88 5.73 -5.45
CA ILE A 40 2.84 5.04 -6.31
C ILE A 40 3.95 5.98 -6.75
N THR A 41 5.19 5.56 -6.51
CA THR A 41 6.35 6.37 -6.88
C THR A 41 7.03 5.82 -8.13
N ASP A 42 6.65 6.34 -9.29
CA ASP A 42 7.23 5.90 -10.56
C ASP A 42 8.73 6.15 -10.58
N ASN A 43 9.50 5.09 -10.79
CA ASN A 43 10.95 5.19 -10.85
C ASN A 43 11.42 5.41 -12.27
N LYS A 44 10.57 5.10 -13.24
CA LYS A 44 10.89 5.26 -14.64
C LYS A 44 12.16 4.48 -15.00
N ASP A 45 12.38 3.38 -14.30
CA ASP A 45 13.56 2.54 -14.54
C ASP A 45 13.15 1.11 -14.87
N GLY A 46 11.84 0.90 -15.03
CA GLY A 46 11.34 -0.42 -15.34
C GLY A 46 10.61 -1.06 -14.17
N THR A 47 10.54 -0.34 -13.06
CA THR A 47 9.86 -0.84 -11.87
C THR A 47 9.03 0.26 -11.21
N ILE A 48 8.19 -0.14 -10.25
CA ILE A 48 7.34 0.81 -9.54
C ILE A 48 7.27 0.47 -8.06
N THR A 49 7.14 1.50 -7.23
CA THR A 49 7.07 1.32 -5.79
C THR A 49 5.70 1.74 -5.25
N VAL A 50 5.06 0.84 -4.51
CA VAL A 50 3.75 1.13 -3.94
C VAL A 50 3.86 1.51 -2.47
N ARG A 51 3.02 2.45 -2.04
CA ARG A 51 3.03 2.91 -0.66
C ARG A 51 1.62 3.21 -0.18
N TYR A 52 1.23 2.56 0.91
CA TYR A 52 -0.11 2.75 1.48
C TYR A 52 -0.07 2.74 3.00
N ALA A 53 -0.94 3.53 3.62
CA ALA A 53 -1.00 3.61 5.07
C ALA A 53 -2.35 3.12 5.59
N PRO A 54 -2.41 1.84 5.97
CA PRO A 54 -3.64 1.23 6.50
C PRO A 54 -4.01 1.75 7.88
N THR A 55 -5.23 2.24 8.01
CA THR A 55 -5.72 2.77 9.27
C THR A 55 -6.28 1.67 10.17
N GLU A 56 -6.80 0.62 9.53
CA GLU A 56 -7.38 -0.51 10.26
C GLU A 56 -6.67 -1.81 9.90
N LYS A 57 -7.02 -2.87 10.61
CA LYS A 57 -6.42 -4.19 10.36
C LYS A 57 -7.36 -5.07 9.56
N GLY A 58 -6.79 -6.01 8.80
CA GLY A 58 -7.60 -6.91 8.00
C GLY A 58 -7.11 -7.01 6.58
N LEU A 59 -7.82 -7.79 5.76
CA LEU A 59 -7.45 -7.96 4.36
C LEU A 59 -7.93 -6.79 3.52
N HIS A 60 -6.99 -6.14 2.83
CA HIS A 60 -7.33 -5.00 1.98
C HIS A 60 -7.13 -5.34 0.51
N GLN A 61 -7.96 -4.77 -0.35
CA GLN A 61 -7.86 -5.01 -1.78
C GLN A 61 -7.27 -3.81 -2.51
N MET A 62 -6.18 -4.03 -3.22
CA MET A 62 -5.51 -2.96 -3.96
C MET A 62 -5.53 -3.25 -5.46
N GLY A 63 -6.22 -2.39 -6.21
CA GLY A 63 -6.30 -2.57 -7.65
C GLY A 63 -5.56 -1.48 -8.41
N ILE A 64 -4.51 -1.87 -9.13
CA ILE A 64 -3.72 -0.92 -9.91
C ILE A 64 -4.08 -0.99 -11.39
N LYS A 65 -3.88 0.12 -12.09
CA LYS A 65 -4.18 0.19 -13.52
C LYS A 65 -3.16 1.06 -14.24
N TYR A 66 -2.93 0.75 -15.52
CA TYR A 66 -1.99 1.51 -16.32
C TYR A 66 -2.62 1.97 -17.64
N ASP A 67 -3.06 3.22 -17.67
CA ASP A 67 -3.69 3.77 -18.86
C ASP A 67 -4.89 2.93 -19.29
N GLY A 68 -5.50 2.25 -18.32
CA GLY A 68 -6.65 1.42 -18.62
C GLY A 68 -6.27 -0.03 -18.87
N ASN A 69 -5.37 -0.56 -18.05
CA ASN A 69 -4.92 -1.93 -18.19
C ASN A 69 -4.43 -2.49 -16.86
N HIS A 70 -5.08 -3.55 -16.39
CA HIS A 70 -4.70 -4.17 -15.13
C HIS A 70 -3.24 -4.62 -15.16
N ILE A 71 -2.36 -3.79 -14.60
CA ILE A 71 -0.94 -4.10 -14.56
C ILE A 71 -0.70 -5.58 -14.23
N PRO A 72 0.43 -6.12 -14.70
CA PRO A 72 0.80 -7.52 -14.47
C PRO A 72 1.14 -7.79 -13.01
N GLY A 73 0.11 -8.02 -12.20
CA GLY A 73 0.32 -8.29 -10.79
C GLY A 73 -0.82 -7.78 -9.92
N SER A 74 -1.72 -7.02 -10.52
CA SER A 74 -2.86 -6.46 -9.80
C SER A 74 -4.16 -7.10 -10.27
N PRO A 75 -5.18 -7.07 -9.40
CA PRO A 75 -5.07 -6.49 -8.06
C PRO A 75 -4.17 -7.31 -7.14
N LEU A 76 -4.02 -6.86 -5.90
CA LEU A 76 -3.19 -7.56 -4.92
C LEU A 76 -3.84 -7.53 -3.54
N GLN A 77 -3.66 -8.61 -2.79
CA GLN A 77 -4.22 -8.71 -1.46
C GLN A 77 -3.12 -8.69 -0.40
N PHE A 78 -3.33 -7.90 0.65
CA PHE A 78 -2.35 -7.80 1.74
C PHE A 78 -3.05 -7.61 3.07
N TYR A 79 -2.61 -8.39 4.07
CA TYR A 79 -3.20 -8.31 5.41
C TYR A 79 -2.44 -7.32 6.28
N VAL A 80 -3.17 -6.63 7.15
CA VAL A 80 -2.56 -5.64 8.04
C VAL A 80 -2.73 -6.06 9.50
N ASP A 81 -1.66 -5.93 10.27
CA ASP A 81 -1.69 -6.28 11.68
C ASP A 81 -1.12 -5.15 12.54
N ALA A 82 -1.21 -5.32 13.85
CA ALA A 82 -0.70 -4.30 14.78
C ALA A 82 0.82 -4.26 14.76
N ILE A 83 1.37 -3.05 14.71
CA ILE A 83 2.82 -2.87 14.70
C ILE A 83 3.47 -3.52 15.91
N ASN A 84 3.87 -4.78 15.77
CA ASN A 84 4.51 -5.51 16.85
C ASN A 84 5.95 -5.06 17.04
N SER A 85 6.15 -4.09 17.93
CA SER A 85 7.49 -3.56 18.19
C SER A 85 7.62 -3.15 19.66
N ARG A 86 8.85 -2.88 20.08
CA ARG A 86 9.12 -2.49 21.46
C ARG A 86 9.50 -1.01 21.53
N HIS A 87 10.32 -0.55 20.59
CA HIS A 87 10.75 0.84 20.56
C HIS A 87 9.70 1.72 19.88
N SER A 88 8.43 1.44 20.18
CA SER A 88 7.33 2.20 19.61
C SER A 88 7.50 3.69 19.89
N GLY A 89 8.20 4.37 18.99
CA GLY A 89 8.43 5.80 19.16
C GLY A 89 9.44 6.34 18.17
N PRO A 90 10.13 7.43 18.56
CA PRO A 90 11.15 8.07 17.72
C PRO A 90 12.39 7.20 17.56
N SER A 91 13.27 7.60 16.63
CA SER A 91 14.50 6.87 16.38
C SER A 91 15.68 7.52 17.09
N SER A 92 16.73 6.74 17.33
CA SER A 92 17.92 7.24 18.01
C SER A 92 19.09 7.34 17.03
N GLY A 93 19.93 8.35 17.23
CA GLY A 93 21.08 8.54 16.36
C GLY A 93 22.33 8.88 17.14
#